data_9RYC
#
_entry.id   9RYC
#
_cell.length_a   1.00
_cell.length_b   1.00
_cell.length_c   1.00
_cell.angle_alpha   90.00
_cell.angle_beta   90.00
_cell.angle_gamma   90.00
#
_symmetry.space_group_name_H-M   'P 1'
#
loop_
_entity.id
_entity.type
_entity.pdbx_description
1 polymer 'Polymerase acidic protein'
2 polymer 'RNA-directed RNA polymerase catalytic subunit'
3 polymer 'Polymerase basic protein 2'
4 polymer 'Nuclear export protein'
#
loop_
_entity_poly.entity_id
_entity_poly.type
_entity_poly.pdbx_seq_one_letter_code
_entity_poly.pdbx_strand_id
1 'polypeptide(L)'
;MEDFVRQCFNPMIVELAEKAMKEYGEDLKIETNKFAAICTHLEVCFMYSDFHFINERGESIIVESGDPNALLKHRFEIIE
GRDRTMAWTVVNSICNTTGAEKPKFLPDLYDYKENRFIEIGVTRREVHIYYLEKANKIKSEKTHIHIFSFTGEEMATKAD
YTLDEESRARIKTRLFTIRQEMASRGLWDSFRQSERGEETIEERFEITGTMRRLADQSLPPNFSSLENFRAYVDGFEPNG
YIEGKLSQMSKEVNARIEPFLKTTPRPLRLPDGPPCSQRSKFLLMDALKLSIEDPSHEGEGIPLYDAIKCMRTFFGWKEP
NVVKPHEKGINPNYLLAWKQVLAELQDIENEEKIPKTKNMKKTSQLKWALGENMAPEKVDFDDCKDVSDLKQYDSDEPEL
RSLASWIQSEFNKACELTDSSWIELDEIGEDVAPIEHIASMRRNYFTAEVSHCRATEYIMKGVYINTALLNASCAAMDDF
QLIPMISKCRTKEGRRKTNLYGFIIKGRSHLRNDTDVVNFVSMEFSLTDPRLEPHKWEKYCVLEIGDMLLRSAIGQVSRP
MFLYVRTNGTSKIKMKWGMEMRRCLLQSLQQIESMIEAESSVKEKDMTKEFFENKSETWPIGESPKGVEEGSIGKVCRTL
LAKSVFNSLYASPQLEGFSAESRKLLLIVQALRDNLEPGTFDLGGLYEAIEECLINDPWVLLNASWFNSFLTHALR
;
A
2 'polypeptide(L)'
;MDVNPTLLFLKVPAQNAISTTFPYTGDPPYSHGTGTGYTMDTVNRTHQYSEKGRWTTNTETGAPQLNPIDGPLPEDNEPS
GYAQTDCVLEAMAFLEESHPGIFENSCLETMEVVQQTRVDKLTQGRQTYDWTLNRNQPAATALANTIEVFRSNGLTANES
GRLIDFLKDVMESMDKEEMEITTHFQRKRRVRDNMTKKMVTQRTIGKKKQRLNKRSYLIRALTLNTMTKDAERGKLKRRA
IATPGMQIRGFVYFVETLARSICEKLEQSGLPVGGNEKKAKLANVVRKMMTNSQDTELSFTITGDNTKWNENQNPRMFLA
MITYITRNQPEWFRNVLSIAPIMFSNKMARLGKGYMFESKSMKLRTQIPAEMLASIDLKYFNDSTRKKIEKIRPLLIDGT
ASLSPGMMMGMFNMLSTVLGVSILNLGQKRYTKTTYWWDGLQSSDDFALIVNAPNHEGIQAGVDRFYRTCKLLGINMSKK
KSYINRTGTFEFTSFFYRYGFVANFSMELPSFGVSGINESADMSIGVTVIKNNMINNDLGPATAQMALQLFIKDYRYTYR
CHRGDTQIQTRRSFEIKKLWEQTRSKAGLLVSDGGPNLYNIRNLHIPEVCLKWELMDEDYQGRLCNPLNPFVSHKEIESV
NNAVMMPAHGPAKNMEYDAVATTHSWIPKRNRSILNTSQRGILEDEQMYQKCCNLFEKFFPSSSYRRPVGISSMVEAMVS
RARIDARIDFESGRIKKEEFAEIMKICSTIEELRRQK
;
B
3 'polypeptide(L)'
;MERIKELRDLMSQSRTREILTKTTVDHMAIIKKYTSGRQEKNPALRMKWMMAMKYPITADKRIMEMIPERNEQGQTLWSK
TNDAGSDRVMVSPLAVTWWNRNGPTTSAVHYPKIYKTYFEKVERLKHGTFGPVHFRNQVKIRRRVDINPGHADLSAKEAQ
DVIMEVVFPNEVGARILTSESQLTITKEKKEELQDCKISPLMVAYMLERELVRKTRFLPVAGGTSSVYIEVLHLTQGTCW
EQMYTPGGEVRNDDVDQSLIIAARNIVRRATVSADPLASLLEMCHSTQIGGIRMVDILRQNPTEEQAVDICKAAMGLRIS
SSFSFGGFTFKRTSGSSVKREEEVLTGNLQTLKIRVHEGYEEFTMVGRRATAILRKATRRLIQLIVSGRDEQSIAEAIIV
AMVFSQEDCMIKAVRGDLNFVNRANQRLNPMHQLLRHFQKDAKVLFQNWGIEPIDNVMGMIGILPDMTPSTEMSMRGVRV
SKMGVDEYSSTERVVVSIDRFLRVRDQRGNVLLSPEEVSETQGTEKLTITYSSSMMWEVNGPESVLVNTYQWIIRNWETV
KIQWSQNPTMLYNKMEFEPFQSLVPKAARGQYSGFVRTLFQQMRDVLGTFDTVQIIKLLPFAAAPPKQSRMQFSSLTVNV
RGSGMRILVRGNSPVFNYNKATKRLTVLGKDAGALTEDPDEGTAGVESAVLRGFLILGKEDRRYGPALSINELSNLAKGE
KANVLIGQGDVVLVMKRKRDSSILTDSQTATKRIRMAINENLYFQ
;
C
4 'polypeptide(L)'
;GPLGSPEFCMDSNTVSSFQDILMRMSKMQLGSSSEDLNGIITQFESLKLYRDSLGEAVMRMGDLHSLQNRNGKWREQLGQ
KFEEIRWLIEEVRHRLKITENSFEQITFMQALQLLLEVEQEIRTFSFQLI
;
D
#
# COMPACT_ATOMS: atom_id res chain seq x y z
N MET A 1 5.45 24.29 -20.33
CA MET A 1 5.77 25.74 -20.48
C MET A 1 5.14 26.30 -21.76
N GLU A 2 5.14 25.48 -22.81
CA GLU A 2 4.54 25.92 -24.06
C GLU A 2 3.05 26.23 -23.91
N ASP A 3 2.34 25.39 -23.13
CA ASP A 3 0.93 25.66 -22.90
C ASP A 3 0.73 27.02 -22.24
N PHE A 4 1.58 27.37 -21.28
CA PHE A 4 1.47 28.67 -20.64
C PHE A 4 1.65 29.80 -21.64
N VAL A 5 2.74 29.77 -22.41
CA VAL A 5 3.04 30.87 -23.33
C VAL A 5 2.07 30.93 -24.50
N ARG A 6 1.34 29.85 -24.77
CA ARG A 6 0.32 29.86 -25.82
C ARG A 6 -1.06 30.26 -25.29
N GLN A 7 -1.36 29.97 -24.03
CA GLN A 7 -2.66 30.32 -23.47
C GLN A 7 -2.68 31.72 -22.88
N CYS A 8 -1.53 32.25 -22.46
CA CYS A 8 -1.49 33.55 -21.78
C CYS A 8 -1.29 34.72 -22.74
N PHE A 9 -0.85 34.48 -23.97
CA PHE A 9 -0.54 35.54 -24.91
C PHE A 9 -1.38 35.40 -26.17
N ASN A 10 -1.64 36.54 -26.80
CA ASN A 10 -2.46 36.57 -28.01
C ASN A 10 -1.71 35.90 -29.16
N PRO A 11 -2.45 35.42 -30.17
CA PRO A 11 -1.79 34.73 -31.28
C PRO A 11 -0.77 35.58 -32.02
N MET A 12 -1.00 36.89 -32.12
CA MET A 12 -0.08 37.74 -32.88
C MET A 12 1.31 37.72 -32.26
N ILE A 13 1.40 37.87 -30.94
CA ILE A 13 2.70 37.89 -30.28
C ILE A 13 3.35 36.51 -30.37
N VAL A 14 2.56 35.44 -30.27
CA VAL A 14 3.11 34.10 -30.38
C VAL A 14 3.73 33.91 -31.76
N GLU A 15 3.02 34.34 -32.81
CA GLU A 15 3.56 34.21 -34.16
C GLU A 15 4.81 35.06 -34.35
N LEU A 16 4.81 36.27 -33.80
CA LEU A 16 5.99 37.13 -33.93
C LEU A 16 7.19 36.50 -33.24
N ALA A 17 6.98 35.92 -32.05
CA ALA A 17 8.08 35.27 -31.34
C ALA A 17 8.55 34.03 -32.10
N GLU A 18 7.63 33.27 -32.70
CA GLU A 18 8.03 32.12 -33.50
C GLU A 18 8.88 32.55 -34.69
N LYS A 19 8.49 33.64 -35.36
CA LYS A 19 9.31 34.17 -36.44
C LYS A 19 10.67 34.65 -35.93
N ALA A 20 10.69 35.28 -34.76
CA ALA A 20 11.95 35.73 -34.20
C ALA A 20 12.90 34.58 -33.95
N MET A 21 12.40 33.49 -33.36
CA MET A 21 13.23 32.31 -33.16
C MET A 21 13.63 31.63 -34.46
N LYS A 22 12.74 31.59 -35.46
CA LYS A 22 13.13 31.05 -36.76
C LYS A 22 14.29 31.84 -37.35
N GLU A 23 14.20 33.17 -37.27
CA GLU A 23 15.30 34.00 -37.75
C GLU A 23 16.57 33.79 -36.93
N TYR A 24 16.44 33.63 -35.61
CA TYR A 24 17.59 33.41 -34.76
C TYR A 24 18.08 31.96 -34.78
N GLY A 25 17.26 31.02 -35.27
CA GLY A 25 17.68 29.64 -35.38
C GLY A 25 17.61 28.86 -34.08
N GLU A 26 16.40 28.70 -33.54
CA GLU A 26 16.19 27.89 -32.34
C GLU A 26 14.85 27.21 -32.41
N ASP A 27 14.70 26.15 -31.63
CA ASP A 27 13.47 25.35 -31.59
C ASP A 27 12.68 25.73 -30.34
N LEU A 28 11.39 26.04 -30.53
CA LEU A 28 10.57 26.48 -29.42
C LEU A 28 10.16 25.32 -28.51
N LYS A 29 10.01 24.11 -29.06
CA LYS A 29 9.68 22.97 -28.22
C LYS A 29 10.78 22.72 -27.19
N ILE A 30 12.04 22.83 -27.61
CA ILE A 30 13.15 22.54 -26.71
C ILE A 30 13.45 23.73 -25.81
N GLU A 31 13.65 24.91 -26.41
CA GLU A 31 14.01 26.11 -25.66
C GLU A 31 12.75 26.87 -25.27
N THR A 32 11.97 26.25 -24.38
CA THR A 32 10.70 26.85 -23.98
C THR A 32 10.90 28.18 -23.27
N ASN A 33 11.90 28.26 -22.38
CA ASN A 33 12.14 29.50 -21.65
C ASN A 33 12.53 30.65 -22.57
N LYS A 34 13.35 30.39 -23.59
CA LYS A 34 13.66 31.44 -24.55
C LYS A 34 12.40 31.95 -25.24
N PHE A 35 11.52 31.02 -25.63
CA PHE A 35 10.27 31.40 -26.28
C PHE A 35 9.42 32.27 -25.37
N ALA A 36 9.31 31.88 -24.10
CA ALA A 36 8.53 32.67 -23.14
C ALA A 36 9.14 34.05 -22.94
N ALA A 37 10.47 34.13 -22.85
CA ALA A 37 11.12 35.41 -22.67
C ALA A 37 10.87 36.33 -23.86
N ILE A 38 10.98 35.78 -25.08
CA ILE A 38 10.74 36.57 -26.27
C ILE A 38 9.30 37.07 -26.29
N CYS A 39 8.35 36.18 -25.96
CA CYS A 39 6.95 36.60 -25.96
C CYS A 39 6.70 37.70 -24.93
N THR A 40 7.28 37.57 -23.74
CA THR A 40 7.10 38.60 -22.73
C THR A 40 7.68 39.93 -23.19
N HIS A 41 8.88 39.90 -23.77
CA HIS A 41 9.50 41.13 -24.26
C HIS A 41 8.63 41.78 -25.33
N LEU A 42 8.14 40.99 -26.28
CA LEU A 42 7.31 41.55 -27.34
C LEU A 42 6.02 42.13 -26.78
N GLU A 43 5.39 41.42 -25.84
CA GLU A 43 4.13 41.91 -25.27
C GLU A 43 4.35 43.22 -24.52
N VAL A 44 5.43 43.32 -23.75
CA VAL A 44 5.70 44.55 -23.03
C VAL A 44 6.00 45.68 -24.01
N CYS A 45 6.73 45.39 -25.08
CA CYS A 45 7.01 46.42 -26.08
C CYS A 45 5.71 46.92 -26.72
N PHE A 46 4.81 46.00 -27.06
CA PHE A 46 3.52 46.39 -27.62
C PHE A 46 2.66 47.19 -26.65
N MET A 47 2.61 46.80 -25.38
CA MET A 47 1.89 47.57 -24.37
C MET A 47 2.51 48.94 -24.16
N TYR A 48 3.82 49.07 -24.40
CA TYR A 48 4.46 50.38 -24.29
C TYR A 48 3.88 51.37 -25.30
N SER A 49 3.70 50.93 -26.54
CA SER A 49 3.17 51.76 -27.62
C SER A 49 1.73 51.35 -27.89
N ASP A 50 0.78 52.00 -27.22
CA ASP A 50 -0.63 51.71 -27.43
C ASP A 50 -1.48 52.83 -26.82
N PHE A 51 -2.39 53.40 -27.61
CA PHE A 51 -3.24 54.50 -27.16
C PHE A 51 -2.44 55.79 -27.00
N HIS A 52 -1.14 55.76 -27.32
CA HIS A 52 -0.29 56.93 -27.20
C HIS A 52 -0.08 57.52 -28.59
N PHE A 53 -0.39 58.80 -28.75
CA PHE A 53 -0.30 59.49 -30.02
C PHE A 53 0.27 60.88 -29.83
N ILE A 54 0.74 61.47 -30.93
CA ILE A 54 1.28 62.82 -30.95
C ILE A 54 0.20 63.76 -31.46
N ASN A 55 -0.10 64.80 -30.69
CA ASN A 55 -1.09 65.78 -31.11
C ASN A 55 -0.60 66.53 -32.34
N GLU A 56 -1.56 67.07 -33.10
CA GLU A 56 -1.21 67.82 -34.30
C GLU A 56 -0.18 68.90 -34.00
N ARG A 57 -0.36 69.61 -32.88
CA ARG A 57 0.60 70.61 -32.44
C ARG A 57 1.65 69.95 -31.57
N GLY A 58 2.48 70.75 -30.90
CA GLY A 58 3.52 70.21 -30.05
C GLY A 58 2.97 69.67 -28.75
N GLU A 59 2.17 68.60 -28.85
CA GLU A 59 1.51 68.02 -27.69
C GLU A 59 1.28 66.54 -27.95
N SER A 60 1.11 65.79 -26.85
CA SER A 60 0.87 64.36 -26.91
C SER A 60 -0.42 64.04 -26.18
N ILE A 61 -1.17 63.07 -26.70
CA ILE A 61 -2.46 62.67 -26.15
C ILE A 61 -2.46 61.16 -25.95
N ILE A 62 -3.38 60.71 -25.11
CA ILE A 62 -3.48 59.30 -24.75
C ILE A 62 -4.85 58.76 -25.15
N VAL A 63 -5.42 59.30 -26.22
CA VAL A 63 -6.71 58.83 -26.71
C VAL A 63 -6.63 57.34 -26.98
N GLU A 64 -7.59 56.58 -26.46
CA GLU A 64 -7.64 55.14 -26.59
C GLU A 64 -8.80 54.72 -27.48
N SER A 65 -9.01 53.41 -27.58
CA SER A 65 -10.08 52.85 -28.39
C SER A 65 -9.86 53.18 -29.86
N GLY A 66 -10.80 52.77 -30.71
CA GLY A 66 -10.67 53.08 -32.12
C GLY A 66 -10.62 54.59 -32.35
N ASP A 67 -9.69 55.01 -33.20
CA ASP A 67 -9.49 56.42 -33.52
C ASP A 67 -9.42 56.59 -35.03
N PRO A 68 -10.55 56.45 -35.72
CA PRO A 68 -10.56 56.68 -37.18
C PRO A 68 -10.31 58.13 -37.58
N ASN A 69 -10.25 59.05 -36.62
CA ASN A 69 -10.02 60.45 -36.94
C ASN A 69 -8.74 60.64 -37.75
N ALA A 70 -7.73 59.83 -37.50
CA ALA A 70 -6.44 59.98 -38.17
C ALA A 70 -5.87 61.36 -37.86
N LEU A 71 -4.83 61.76 -38.58
CA LEU A 71 -4.13 63.03 -38.38
C LEU A 71 -3.26 63.02 -37.13
N LEU A 72 -3.21 61.90 -36.42
CA LEU A 72 -2.42 61.76 -35.20
C LEU A 72 -1.34 60.71 -35.41
N LYS A 73 -0.12 61.04 -35.03
CA LYS A 73 0.97 60.09 -35.14
C LYS A 73 0.88 59.04 -34.04
N HIS A 74 1.50 57.88 -34.27
CA HIS A 74 1.49 56.81 -33.30
C HIS A 74 2.40 57.07 -32.11
N ARG A 75 3.27 58.08 -32.19
CA ARG A 75 4.12 58.46 -31.07
C ARG A 75 5.26 57.49 -30.84
N PHE A 76 5.27 56.37 -31.56
CA PHE A 76 6.28 55.34 -31.35
C PHE A 76 6.46 54.54 -32.62
N GLU A 77 7.57 53.80 -32.67
CA GLU A 77 7.89 52.91 -33.77
C GLU A 77 8.12 51.51 -33.23
N ILE A 78 7.50 50.52 -33.86
CA ILE A 78 7.69 49.13 -33.48
C ILE A 78 8.86 48.57 -34.27
N ILE A 79 9.94 48.23 -33.56
CA ILE A 79 11.13 47.68 -34.19
C ILE A 79 11.40 46.25 -33.77
N GLU A 80 11.00 45.82 -32.58
CA GLU A 80 11.24 44.45 -32.15
C GLU A 80 10.49 43.46 -33.03
N GLY A 81 9.23 43.76 -33.36
CA GLY A 81 8.42 42.87 -34.16
C GLY A 81 8.70 42.97 -35.65
N ARG A 82 9.98 42.92 -36.01
CA ARG A 82 10.39 43.01 -37.40
C ARG A 82 11.67 42.22 -37.60
N ASP A 83 11.94 41.87 -38.85
CA ASP A 83 13.16 41.16 -39.18
C ASP A 83 14.38 42.03 -38.93
N ARG A 84 15.54 41.39 -38.80
CA ARG A 84 16.78 42.12 -38.56
C ARG A 84 17.02 43.15 -39.66
N THR A 85 16.95 42.72 -40.92
CA THR A 85 17.23 43.63 -42.03
C THR A 85 16.16 44.71 -42.12
N MET A 86 14.88 44.33 -42.03
CA MET A 86 13.82 45.31 -42.09
C MET A 86 13.87 46.26 -40.90
N ALA A 87 14.17 45.73 -39.71
CA ALA A 87 14.30 46.58 -38.53
C ALA A 87 15.43 47.59 -38.70
N TRP A 88 16.57 47.13 -39.24
CA TRP A 88 17.69 48.04 -39.46
C TRP A 88 17.33 49.11 -40.49
N THR A 89 16.64 48.70 -41.56
CA THR A 89 16.23 49.68 -42.57
C THR A 89 15.29 50.72 -41.98
N VAL A 90 14.33 50.29 -41.17
CA VAL A 90 13.40 51.22 -40.54
C VAL A 90 14.15 52.17 -39.61
N VAL A 91 15.09 51.63 -38.83
CA VAL A 91 15.86 52.45 -37.91
C VAL A 91 16.65 53.51 -38.68
N ASN A 92 17.30 53.09 -39.77
CA ASN A 92 18.07 54.04 -40.56
C ASN A 92 17.17 55.10 -41.18
N SER A 93 15.99 54.69 -41.67
CA SER A 93 15.07 55.65 -42.29
C SER A 93 14.62 56.69 -41.27
N ILE A 94 14.22 56.25 -40.07
CA ILE A 94 13.74 57.21 -39.07
C ILE A 94 14.89 58.09 -38.59
N CYS A 95 16.09 57.51 -38.46
CA CYS A 95 17.25 58.30 -38.05
C CYS A 95 17.55 59.40 -39.08
N ASN A 96 17.52 59.05 -40.37
CA ASN A 96 17.76 60.05 -41.40
C ASN A 96 16.66 61.10 -41.41
N THR A 97 15.40 60.68 -41.23
CA THR A 97 14.30 61.64 -41.22
C THR A 97 14.45 62.62 -40.07
N THR A 98 14.80 62.14 -38.88
CA THR A 98 14.97 62.99 -37.71
C THR A 98 16.43 63.39 -37.49
N GLY A 99 17.35 62.93 -38.34
CA GLY A 99 18.75 63.28 -38.16
C GLY A 99 19.33 62.80 -36.85
N ALA A 100 18.90 61.64 -36.37
CA ALA A 100 19.41 61.09 -35.12
C ALA A 100 20.74 60.40 -35.37
N GLU A 101 21.23 59.65 -34.38
CA GLU A 101 22.48 58.90 -34.48
C GLU A 101 22.14 57.42 -34.47
N LYS A 102 22.65 56.69 -35.46
CA LYS A 102 22.39 55.26 -35.57
C LYS A 102 23.00 54.54 -34.37
N PRO A 103 22.23 53.79 -33.58
CA PRO A 103 22.78 53.16 -32.39
C PRO A 103 23.78 52.07 -32.74
N LYS A 104 24.73 51.85 -31.82
CA LYS A 104 25.72 50.80 -32.02
C LYS A 104 25.06 49.43 -32.06
N PHE A 105 24.10 49.19 -31.15
CA PHE A 105 23.32 47.97 -31.13
C PHE A 105 21.89 48.29 -31.53
N LEU A 106 21.18 47.26 -31.98
CA LEU A 106 19.82 47.47 -32.46
C LEU A 106 18.95 48.07 -31.35
N PRO A 107 18.14 49.10 -31.64
CA PRO A 107 17.25 49.65 -30.62
C PRO A 107 15.99 48.81 -30.50
N ASP A 108 15.06 49.24 -29.64
CA ASP A 108 13.81 48.51 -29.44
C ASP A 108 12.61 49.31 -29.94
N LEU A 109 12.48 50.57 -29.52
CA LEU A 109 11.48 51.48 -30.06
C LEU A 109 12.09 52.87 -30.22
N TYR A 110 11.34 53.77 -30.86
CA TYR A 110 11.77 55.15 -31.07
C TYR A 110 10.68 56.09 -30.59
N ASP A 111 11.00 56.92 -29.61
CA ASP A 111 10.05 57.91 -29.11
C ASP A 111 9.94 59.07 -30.09
N TYR A 112 8.70 59.44 -30.43
CA TYR A 112 8.44 60.56 -31.32
C TYR A 112 8.33 61.89 -30.59
N LYS A 113 7.60 61.93 -29.47
CA LYS A 113 7.51 63.16 -28.69
C LYS A 113 8.89 63.72 -28.41
N GLU A 114 9.76 62.90 -27.83
CA GLU A 114 11.17 63.22 -27.68
C GLU A 114 11.97 62.35 -28.64
N ASN A 115 12.72 62.97 -29.53
CA ASN A 115 13.37 62.26 -30.63
C ASN A 115 14.59 61.47 -30.15
N ARG A 116 14.36 60.39 -29.39
CA ARG A 116 15.42 59.50 -28.97
C ARG A 116 14.93 58.05 -29.07
N PHE A 117 15.88 57.13 -29.19
CA PHE A 117 15.55 55.71 -29.17
C PHE A 117 15.41 55.23 -27.73
N ILE A 118 14.65 54.16 -27.54
CA ILE A 118 14.37 53.59 -26.23
C ILE A 118 14.54 52.08 -26.31
N GLU A 119 15.14 51.52 -25.26
CA GLU A 119 15.39 50.09 -25.14
C GLU A 119 14.67 49.59 -23.91
N ILE A 120 13.80 48.62 -24.09
CA ILE A 120 13.01 48.03 -23.00
C ILE A 120 13.65 46.73 -22.56
N GLY A 121 13.77 46.54 -21.25
CA GLY A 121 14.31 45.31 -20.73
C GLY A 121 13.46 44.73 -19.61
N VAL A 122 12.93 43.53 -19.82
CA VAL A 122 12.13 42.84 -18.81
C VAL A 122 13.04 41.85 -18.09
N THR A 123 13.41 42.19 -16.86
CA THR A 123 14.35 41.37 -16.09
C THR A 123 13.61 40.49 -15.10
N ARG A 124 14.08 39.26 -14.97
CA ARG A 124 13.59 38.34 -13.95
C ARG A 124 14.43 38.36 -12.69
N ARG A 125 15.43 39.23 -12.61
CA ARG A 125 16.27 39.38 -11.43
C ARG A 125 16.31 40.85 -11.03
N GLU A 126 17.17 41.16 -10.06
CA GLU A 126 17.27 42.51 -9.51
C GLU A 126 17.30 43.57 -10.61
N VAL A 127 16.42 44.57 -10.50
CA VAL A 127 16.29 45.56 -11.57
C VAL A 127 17.58 46.38 -11.71
N HIS A 128 18.14 46.84 -10.59
CA HIS A 128 19.36 47.65 -10.67
C HIS A 128 20.52 46.84 -11.24
N ILE A 129 20.62 45.57 -10.86
CA ILE A 129 21.66 44.72 -11.43
C ILE A 129 21.52 44.67 -12.94
N TYR A 130 20.31 44.38 -13.44
CA TYR A 130 20.12 44.30 -14.88
C TYR A 130 20.45 45.63 -15.55
N TYR A 131 20.03 46.74 -14.94
CA TYR A 131 20.33 48.05 -15.49
C TYR A 131 21.82 48.29 -15.60
N LEU A 132 22.60 47.79 -14.64
CA LEU A 132 24.04 48.02 -14.68
C LEU A 132 24.66 47.50 -15.97
N GLU A 133 24.40 46.23 -16.30
CA GLU A 133 24.95 45.69 -17.54
C GLU A 133 24.25 46.25 -18.77
N LYS A 134 22.96 46.60 -18.65
CA LYS A 134 22.28 47.18 -19.80
C LYS A 134 22.91 48.51 -20.20
N ALA A 135 23.31 49.31 -19.22
CA ALA A 135 24.01 50.55 -19.49
C ALA A 135 25.47 50.33 -19.86
N ASN A 136 26.14 49.35 -19.25
CA ASN A 136 27.53 49.08 -19.60
C ASN A 136 27.67 48.63 -21.05
N LYS A 137 26.77 47.76 -21.50
CA LYS A 137 26.80 47.33 -22.90
C LYS A 137 26.49 48.49 -23.84
N ILE A 138 25.48 49.28 -23.48
CA ILE A 138 25.08 50.43 -24.28
C ILE A 138 25.81 51.67 -23.77
N LYS A 139 27.04 51.88 -24.24
CA LYS A 139 27.79 53.07 -23.85
C LYS A 139 27.55 54.20 -24.84
N SER A 140 27.49 55.42 -24.31
CA SER A 140 27.14 56.59 -25.12
C SER A 140 25.90 56.28 -25.95
N GLU A 141 25.97 56.45 -27.26
CA GLU A 141 24.87 56.15 -28.17
C GLU A 141 23.54 56.49 -27.51
N LYS A 142 23.40 57.76 -27.08
CA LYS A 142 22.35 58.13 -26.14
C LYS A 142 21.02 57.49 -26.52
N THR A 143 20.52 56.65 -25.62
CA THR A 143 19.33 55.86 -25.83
C THR A 143 18.72 55.56 -24.47
N HIS A 144 17.45 55.95 -24.30
CA HIS A 144 16.80 55.73 -23.02
C HIS A 144 16.73 54.24 -22.73
N ILE A 145 16.92 53.89 -21.47
CA ILE A 145 16.90 52.50 -21.01
C ILE A 145 15.78 52.41 -19.99
N HIS A 146 14.76 51.61 -20.28
CA HIS A 146 13.60 51.46 -19.40
C HIS A 146 13.48 49.98 -19.08
N ILE A 147 13.53 49.64 -17.79
CA ILE A 147 13.63 48.26 -17.34
C ILE A 147 12.44 47.98 -16.42
N PHE A 148 11.71 46.92 -16.75
CA PHE A 148 10.61 46.42 -15.94
C PHE A 148 11.07 45.15 -15.22
N SER A 149 10.41 44.82 -14.12
CA SER A 149 10.73 43.62 -13.37
C SER A 149 9.48 42.78 -13.22
N PHE A 150 9.67 41.48 -13.02
CA PHE A 150 8.57 40.55 -12.81
C PHE A 150 7.98 40.66 -11.40
N THR A 151 8.39 41.67 -10.63
CA THR A 151 7.90 41.86 -9.27
C THR A 151 7.29 43.23 -9.04
N GLY A 152 7.10 44.03 -10.08
CA GLY A 152 6.53 45.35 -9.94
C GLY A 152 7.56 46.47 -9.86
N GLU A 153 8.83 46.14 -9.70
CA GLU A 153 9.86 47.16 -9.69
C GLU A 153 10.01 47.78 -11.07
N GLU A 154 10.88 48.78 -11.18
CA GLU A 154 11.08 49.49 -12.43
C GLU A 154 12.27 50.44 -12.31
N MET A 155 12.93 50.74 -13.43
CA MET A 155 14.02 51.70 -13.38
C MET A 155 14.26 52.26 -14.78
N ALA A 156 14.43 53.58 -14.84
CA ALA A 156 14.58 54.29 -16.10
C ALA A 156 15.78 55.23 -16.02
N THR A 157 16.27 55.63 -17.19
CA THR A 157 17.46 56.48 -17.25
C THR A 157 17.22 57.78 -16.51
N LYS A 158 18.09 58.09 -15.55
CA LYS A 158 17.99 59.30 -14.75
C LYS A 158 16.61 59.41 -14.10
N ALA A 159 15.97 58.26 -13.90
CA ALA A 159 14.62 58.19 -13.34
C ALA A 159 13.67 59.10 -14.12
N ASP A 160 13.78 59.04 -15.44
CA ASP A 160 12.98 59.86 -16.34
C ASP A 160 12.12 58.94 -17.19
N TYR A 161 10.96 58.55 -16.67
CA TYR A 161 10.06 57.67 -17.38
C TYR A 161 9.34 58.43 -18.51
N THR A 162 8.92 57.68 -19.52
CA THR A 162 8.31 58.24 -20.71
C THR A 162 6.87 57.72 -20.87
N LEU A 163 6.12 57.68 -19.79
CA LEU A 163 4.75 57.21 -19.83
C LEU A 163 3.98 57.78 -18.65
N ASP A 164 2.65 57.71 -18.74
CA ASP A 164 1.79 58.07 -17.63
C ASP A 164 1.77 56.95 -16.60
N GLU A 165 1.30 57.28 -15.40
CA GLU A 165 1.26 56.28 -14.34
C GLU A 165 0.41 55.08 -14.73
N GLU A 166 -0.71 55.33 -15.42
CA GLU A 166 -1.68 54.27 -15.65
C GLU A 166 -1.20 53.23 -16.66
N SER A 167 -0.25 53.56 -17.52
CA SER A 167 0.24 52.60 -18.50
C SER A 167 1.41 51.79 -17.95
N ARG A 168 2.36 52.46 -17.29
CA ARG A 168 3.42 51.73 -16.61
C ARG A 168 2.86 50.82 -15.53
N ALA A 169 1.85 51.28 -14.80
CA ALA A 169 1.15 50.43 -13.86
C ALA A 169 0.49 49.24 -14.52
N ARG A 170 -0.10 49.41 -15.70
CA ARG A 170 -0.68 48.27 -16.40
C ARG A 170 0.38 47.27 -16.81
N ILE A 171 1.52 47.75 -17.31
CA ILE A 171 2.60 46.84 -17.69
C ILE A 171 3.10 46.07 -16.46
N LYS A 172 3.30 46.78 -15.35
CA LYS A 172 3.74 46.12 -14.13
C LYS A 172 2.71 45.12 -13.62
N THR A 173 1.41 45.44 -13.73
CA THR A 173 0.37 44.50 -13.34
C THR A 173 0.40 43.26 -14.21
N ARG A 174 0.59 43.42 -15.53
CA ARG A 174 0.67 42.27 -16.40
C ARG A 174 1.85 41.38 -16.03
N LEU A 175 3.01 41.98 -15.78
CA LEU A 175 4.18 41.18 -15.40
C LEU A 175 3.93 40.48 -14.07
N PHE A 176 3.33 41.17 -13.10
CA PHE A 176 3.03 40.56 -11.82
C PHE A 176 2.07 39.38 -11.96
N THR A 177 1.04 39.53 -12.79
CA THR A 177 0.11 38.44 -13.02
C THR A 177 0.79 37.25 -13.70
N ILE A 178 1.64 37.52 -14.69
CA ILE A 178 2.35 36.43 -15.36
C ILE A 178 3.24 35.70 -14.37
N ARG A 179 3.95 36.44 -13.52
CA ARG A 179 4.78 35.81 -12.50
C ARG A 179 3.95 34.95 -11.55
N GLN A 180 2.80 35.47 -11.13
CA GLN A 180 1.94 34.72 -10.22
C GLN A 180 1.46 33.43 -10.86
N GLU A 181 1.04 33.47 -12.13
CA GLU A 181 0.61 32.27 -12.83
C GLU A 181 1.75 31.26 -13.00
N MET A 182 2.93 31.72 -13.40
CA MET A 182 4.05 30.79 -13.52
C MET A 182 4.39 30.16 -12.17
N ALA A 183 4.30 30.93 -11.10
CA ALA A 183 4.53 30.36 -9.77
C ALA A 183 3.49 29.31 -9.45
N SER A 184 2.22 29.60 -9.75
CA SER A 184 1.15 28.65 -9.47
C SER A 184 1.31 27.36 -10.25
N ARG A 185 1.77 27.43 -11.50
CA ARG A 185 1.98 26.23 -12.30
C ARG A 185 3.34 25.59 -12.08
N GLY A 186 4.19 26.18 -11.26
CA GLY A 186 5.53 25.66 -11.05
C GLY A 186 6.50 26.00 -12.16
N LEU A 187 6.10 26.83 -13.11
CA LEU A 187 6.93 27.22 -14.25
C LEU A 187 7.86 28.37 -13.93
N TRP A 188 7.92 28.82 -12.67
CA TRP A 188 8.81 29.91 -12.27
C TRP A 188 10.23 29.38 -12.04
N ASP A 189 10.74 28.64 -13.02
CA ASP A 189 12.14 28.26 -13.08
C ASP A 189 12.92 29.13 -14.06
N SER A 190 12.23 29.97 -14.82
CA SER A 190 12.89 30.98 -15.64
C SER A 190 13.52 32.08 -14.80
N PHE A 191 13.45 31.98 -13.48
CA PHE A 191 14.15 32.94 -12.62
C PHE A 191 15.66 32.86 -12.86
N ARG A 192 16.20 31.66 -13.00
CA ARG A 192 17.63 31.44 -13.18
C ARG A 192 18.03 31.36 -14.64
N GLN A 193 17.07 31.17 -15.55
CA GLN A 193 17.41 31.08 -16.97
C GLN A 193 18.11 32.35 -17.45
N SER A 194 17.90 33.47 -16.77
CA SER A 194 18.59 34.71 -17.11
C SER A 194 19.99 34.71 -16.53
N GLU A 195 20.83 33.78 -16.97
CA GLU A 195 22.21 33.69 -16.50
C GLU A 195 23.10 34.78 -17.09
N ARG A 196 22.67 35.40 -18.19
CA ARG A 196 23.39 36.51 -18.79
C ARG A 196 22.38 37.59 -19.13
N GLY A 197 22.86 38.84 -19.15
CA GLY A 197 21.99 39.94 -19.54
C GLY A 197 21.43 39.77 -20.93
N GLU A 198 20.10 39.86 -21.06
CA GLU A 198 19.43 39.70 -22.35
C GLU A 198 19.83 38.39 -23.01
N GLU A 199 19.70 37.29 -22.28
CA GLU A 199 20.02 35.97 -22.81
C GLU A 199 19.26 34.92 -22.02
N THR A 200 19.00 33.79 -22.67
CA THR A 200 18.27 32.68 -22.07
C THR A 200 19.07 31.40 -22.29
N ILE A 201 19.70 30.90 -21.23
CA ILE A 201 20.54 29.72 -21.34
C ILE A 201 19.66 28.48 -21.53
N GLU A 202 20.28 27.38 -21.97
CA GLU A 202 19.57 26.13 -22.23
C GLU A 202 19.13 25.43 -20.95
N GLU A 203 20.04 25.32 -19.98
CA GLU A 203 19.93 24.46 -18.79
C GLU A 203 21.17 23.59 -18.74
N ARG A 204 22.17 24.01 -17.98
CA ARG A 204 23.49 23.38 -18.00
C ARG A 204 23.56 22.31 -16.91
N PHE A 205 23.74 21.06 -17.32
CA PHE A 205 24.00 19.95 -16.43
C PHE A 205 25.28 19.27 -16.92
N GLU A 206 26.30 19.21 -16.07
CA GLU A 206 27.62 18.79 -16.48
C GLU A 206 28.13 17.64 -15.61
N ILE A 207 28.97 16.81 -16.20
CA ILE A 207 29.65 15.74 -15.50
C ILE A 207 31.13 16.11 -15.41
N THR A 208 31.65 16.17 -14.19
CA THR A 208 33.01 16.60 -13.92
C THR A 208 33.69 15.55 -13.04
N GLY A 209 34.91 15.85 -12.62
CA GLY A 209 35.70 14.94 -11.82
C GLY A 209 34.92 14.19 -10.77
N THR A 210 35.26 12.92 -10.57
CA THR A 210 34.60 12.03 -9.60
C THR A 210 33.23 11.59 -10.10
N MET A 211 32.79 12.14 -11.22
CA MET A 211 31.65 11.61 -11.96
C MET A 211 31.96 11.34 -13.42
N ARG A 212 32.82 12.13 -14.04
CA ARG A 212 33.43 11.74 -15.30
C ARG A 212 34.39 10.56 -15.12
N ARG A 213 35.13 10.54 -14.03
CA ARG A 213 35.99 9.41 -13.71
C ARG A 213 35.17 8.17 -13.38
N LEU A 214 34.07 8.33 -12.66
CA LEU A 214 33.14 7.22 -12.43
C LEU A 214 32.33 6.87 -13.65
N ALA A 215 32.20 7.79 -14.61
CA ALA A 215 31.48 7.53 -15.85
C ALA A 215 32.35 6.92 -16.93
N ASP A 216 33.67 6.97 -16.79
CA ASP A 216 34.59 6.31 -17.70
C ASP A 216 34.92 4.89 -17.25
N GLN A 217 34.29 4.42 -16.17
CA GLN A 217 34.50 3.06 -15.67
C GLN A 217 33.19 2.30 -15.52
N SER A 218 32.13 2.79 -16.16
CA SER A 218 30.80 2.19 -16.07
C SER A 218 30.20 2.05 -17.44
N LEU A 219 31.00 1.60 -18.40
CA LEU A 219 30.58 1.47 -19.79
C LEU A 219 31.29 0.27 -20.39
N PRO A 220 30.76 -0.28 -21.48
CA PRO A 220 31.28 -1.56 -21.99
C PRO A 220 32.77 -1.50 -22.27
N PRO A 221 33.46 -2.63 -22.22
CA PRO A 221 34.90 -2.64 -22.52
C PRO A 221 35.17 -2.19 -23.94
N ASN A 222 36.46 -2.03 -24.24
CA ASN A 222 36.95 -1.53 -25.52
C ASN A 222 36.63 -0.06 -25.72
N PHE A 223 36.12 0.62 -24.70
CA PHE A 223 35.77 2.04 -24.77
C PHE A 223 36.52 2.78 -23.69
N SER A 224 37.12 3.92 -24.06
CA SER A 224 38.00 4.63 -23.15
C SER A 224 37.22 5.58 -22.24
N SER A 225 36.33 6.39 -22.82
CA SER A 225 35.61 7.41 -22.07
C SER A 225 34.15 7.44 -22.48
N LEU A 226 33.33 8.02 -21.62
CA LEU A 226 31.89 8.10 -21.91
C LEU A 226 31.62 8.87 -23.18
N GLU A 227 32.47 9.83 -23.51
CA GLU A 227 32.27 10.59 -24.75
C GLU A 227 32.46 9.69 -25.97
N ASN A 228 33.48 8.81 -25.94
CA ASN A 228 33.67 7.88 -27.04
C ASN A 228 32.49 6.92 -27.15
N PHE A 229 31.97 6.46 -26.01
CA PHE A 229 30.81 5.58 -26.04
C PHE A 229 29.59 6.30 -26.62
N ARG A 230 29.38 7.56 -26.24
CA ARG A 230 28.27 8.32 -26.80
C ARG A 230 28.44 8.49 -28.31
N ALA A 231 29.67 8.77 -28.76
CA ALA A 231 29.92 8.91 -30.18
C ALA A 231 29.64 7.61 -30.91
N TYR A 232 30.04 6.48 -30.34
CA TYR A 232 29.78 5.19 -30.97
C TYR A 232 28.29 4.91 -31.05
N VAL A 233 27.55 5.19 -29.97
CA VAL A 233 26.12 4.90 -29.97
C VAL A 233 25.40 5.81 -30.96
N ASP A 234 25.82 7.07 -31.06
CA ASP A 234 25.15 8.01 -31.96
C ASP A 234 25.25 7.52 -33.40
N GLY A 235 26.43 7.08 -33.82
CA GLY A 235 26.57 6.45 -35.12
C GLY A 235 26.49 4.95 -35.02
N PHE A 236 25.31 4.39 -35.28
CA PHE A 236 25.10 2.96 -35.13
C PHE A 236 23.86 2.57 -35.92
N GLU A 237 23.99 1.53 -36.74
CA GLU A 237 22.88 1.03 -37.53
C GLU A 237 22.73 -0.47 -37.33
N PRO A 238 21.52 -1.01 -37.49
CA PRO A 238 21.35 -2.47 -37.34
C PRO A 238 21.99 -3.24 -38.49
N ASN A 239 23.30 -3.42 -38.43
CA ASN A 239 24.03 -4.14 -39.47
C ASN A 239 23.74 -5.64 -39.44
N GLY A 240 23.05 -6.14 -38.43
CA GLY A 240 22.74 -7.55 -38.33
C GLY A 240 23.60 -8.24 -37.30
N TYR A 241 23.82 -7.57 -36.17
CA TYR A 241 24.68 -8.15 -35.13
C TYR A 241 24.00 -9.30 -34.42
N ILE A 242 22.68 -9.22 -34.22
CA ILE A 242 21.97 -10.30 -33.54
C ILE A 242 22.08 -11.59 -34.35
N GLU A 243 21.91 -11.50 -35.67
CA GLU A 243 21.98 -12.69 -36.51
C GLU A 243 23.37 -13.32 -36.44
N GLY A 244 24.42 -12.51 -36.52
CA GLY A 244 25.76 -13.05 -36.44
C GLY A 244 26.04 -13.69 -35.10
N LYS A 245 25.63 -13.02 -34.00
CA LYS A 245 25.87 -13.58 -32.68
C LYS A 245 25.12 -14.90 -32.50
N LEU A 246 23.87 -14.98 -32.98
CA LEU A 246 23.13 -16.22 -32.91
C LEU A 246 23.81 -17.31 -33.72
N SER A 247 24.35 -16.94 -34.89
CA SER A 247 25.08 -17.91 -35.70
C SER A 247 26.30 -18.44 -34.94
N GLN A 248 27.04 -17.57 -34.28
CA GLN A 248 28.22 -17.98 -33.53
C GLN A 248 27.89 -18.72 -32.25
N MET A 249 26.69 -18.53 -31.71
CA MET A 249 26.31 -19.14 -30.44
C MET A 249 26.28 -20.66 -30.56
N SER A 250 26.66 -21.33 -29.47
CA SER A 250 26.67 -22.78 -29.45
C SER A 250 25.25 -23.33 -29.46
N LYS A 251 25.05 -24.41 -30.21
CA LYS A 251 23.73 -25.02 -30.30
C LYS A 251 23.28 -25.66 -28.99
N GLU A 252 24.19 -25.84 -28.03
CA GLU A 252 23.80 -26.40 -26.73
C GLU A 252 22.88 -25.47 -25.97
N VAL A 253 22.85 -24.18 -26.32
CA VAL A 253 21.95 -23.22 -25.68
C VAL A 253 20.65 -23.26 -26.45
N ASN A 254 19.65 -23.96 -25.90
CA ASN A 254 18.38 -24.12 -26.56
C ASN A 254 17.29 -24.36 -25.52
N ALA A 255 16.05 -24.15 -25.94
CA ALA A 255 14.88 -24.43 -25.11
C ALA A 255 14.10 -25.55 -25.79
N ARG A 256 14.48 -26.78 -25.48
CA ARG A 256 13.82 -27.95 -26.04
C ARG A 256 12.58 -28.28 -25.21
N ILE A 257 11.43 -28.32 -25.87
CA ILE A 257 10.17 -28.59 -25.18
C ILE A 257 10.02 -30.10 -25.03
N GLU A 258 10.10 -30.59 -23.80
CA GLU A 258 9.87 -32.00 -23.52
C GLU A 258 8.39 -32.23 -23.32
N PRO A 259 7.73 -33.06 -24.14
CA PRO A 259 6.27 -33.21 -24.01
C PRO A 259 5.88 -33.66 -22.62
N PHE A 260 4.78 -33.11 -22.13
CA PHE A 260 4.21 -33.48 -20.84
C PHE A 260 3.02 -34.39 -21.10
N LEU A 261 3.25 -35.70 -20.99
CA LEU A 261 2.23 -36.69 -21.30
C LEU A 261 1.55 -37.17 -20.01
N LYS A 262 0.55 -38.03 -20.18
CA LYS A 262 -0.21 -38.51 -19.04
C LYS A 262 0.63 -39.37 -18.10
N THR A 263 1.71 -39.96 -18.59
CA THR A 263 2.54 -40.87 -17.81
C THR A 263 3.84 -40.26 -17.34
N THR A 264 4.12 -39.00 -17.68
CA THR A 264 5.39 -38.38 -17.31
C THR A 264 5.44 -37.99 -15.84
N PRO A 265 4.35 -37.46 -15.25
CA PRO A 265 4.44 -37.03 -13.85
C PRO A 265 4.70 -38.19 -12.91
N ARG A 266 5.38 -37.91 -11.82
CA ARG A 266 5.63 -38.87 -10.77
C ARG A 266 5.18 -38.30 -9.43
N PRO A 267 4.78 -39.15 -8.49
CA PRO A 267 4.35 -38.63 -7.19
C PRO A 267 5.49 -37.90 -6.49
N LEU A 268 5.11 -36.87 -5.73
CA LEU A 268 6.09 -36.11 -4.96
C LEU A 268 6.70 -36.99 -3.89
N ARG A 269 8.00 -36.81 -3.65
CA ARG A 269 8.75 -37.62 -2.69
C ARG A 269 8.69 -36.95 -1.33
N LEU A 270 7.96 -37.54 -0.39
CA LEU A 270 7.86 -36.95 0.92
C LEU A 270 9.02 -37.39 1.81
N PRO A 271 9.43 -36.57 2.78
CA PRO A 271 10.53 -36.98 3.67
C PRO A 271 10.23 -38.25 4.42
N ASP A 272 11.27 -38.92 4.92
CA ASP A 272 11.13 -40.08 5.79
C ASP A 272 11.93 -39.83 7.07
N GLY A 273 11.31 -40.10 8.21
CA GLY A 273 11.94 -39.88 9.48
C GLY A 273 10.96 -40.06 10.62
N PRO A 274 11.29 -39.53 11.80
CA PRO A 274 10.35 -39.58 12.91
C PRO A 274 9.09 -38.82 12.55
N PRO A 275 7.92 -39.30 12.98
CA PRO A 275 6.67 -38.64 12.62
C PRO A 275 6.62 -37.20 13.13
N CYS A 276 5.93 -36.35 12.37
CA CYS A 276 5.77 -34.96 12.74
C CYS A 276 4.87 -34.83 13.96
N SER A 277 4.96 -33.68 14.63
CA SER A 277 4.26 -33.45 15.88
C SER A 277 3.49 -32.14 15.81
N GLN A 278 2.49 -32.03 16.68
CA GLN A 278 1.63 -30.85 16.72
C GLN A 278 2.45 -29.60 17.05
N ARG A 279 2.07 -28.49 16.41
CA ARG A 279 2.75 -27.23 16.65
C ARG A 279 1.80 -26.04 16.76
N SER A 280 0.49 -26.27 16.84
CA SER A 280 -0.45 -25.16 16.95
C SER A 280 -0.32 -24.49 18.31
N LYS A 281 -0.71 -23.21 18.36
CA LYS A 281 -0.66 -22.48 19.62
C LYS A 281 -1.61 -23.08 20.66
N PHE A 282 -2.75 -23.59 20.22
CA PHE A 282 -3.73 -24.19 21.12
C PHE A 282 -4.22 -25.50 20.52
N LEU A 283 -4.72 -26.39 21.38
CA LEU A 283 -5.30 -27.64 20.92
C LEU A 283 -6.50 -27.34 20.04
N LEU A 284 -6.70 -28.18 19.01
CA LEU A 284 -7.71 -27.92 17.99
C LEU A 284 -8.86 -28.91 18.08
N MET A 285 -8.59 -30.21 17.95
CA MET A 285 -9.66 -31.20 18.01
C MET A 285 -9.73 -31.89 19.37
N ASP A 286 -8.71 -31.74 20.20
CA ASP A 286 -8.68 -32.36 21.51
C ASP A 286 -9.13 -31.43 22.62
N ALA A 287 -9.38 -30.16 22.30
CA ALA A 287 -9.77 -29.18 23.30
C ALA A 287 -11.07 -29.58 23.97
N LEU A 288 -11.09 -29.50 25.30
CA LEU A 288 -12.28 -29.71 26.10
C LEU A 288 -12.72 -28.38 26.68
N LYS A 289 -14.04 -28.19 26.79
CA LYS A 289 -14.62 -26.93 27.22
C LYS A 289 -15.32 -27.11 28.55
N LEU A 290 -15.07 -26.19 29.47
CA LEU A 290 -15.89 -26.03 30.67
C LEU A 290 -16.80 -24.84 30.40
N SER A 291 -18.10 -25.08 30.30
CA SER A 291 -19.03 -24.10 29.80
C SER A 291 -19.98 -23.63 30.91
N ILE A 292 -20.31 -22.34 30.86
CA ILE A 292 -21.37 -21.78 31.69
C ILE A 292 -22.32 -21.03 30.77
N GLU A 293 -23.62 -21.26 30.94
CA GLU A 293 -24.63 -20.50 30.23
C GLU A 293 -24.77 -19.14 30.92
N ASP A 294 -23.96 -18.19 30.45
CA ASP A 294 -23.98 -16.84 30.99
C ASP A 294 -25.41 -16.32 30.91
N PRO A 295 -25.98 -15.81 32.01
CA PRO A 295 -27.38 -15.41 31.98
C PRO A 295 -27.58 -14.16 31.14
N SER A 296 -27.59 -14.33 29.81
CA SER A 296 -27.57 -13.20 28.90
C SER A 296 -26.51 -12.20 29.36
N HIS A 297 -26.93 -11.02 29.80
CA HIS A 297 -26.01 -10.03 30.35
C HIS A 297 -24.81 -9.83 29.43
N GLU A 298 -25.07 -9.84 28.13
CA GLU A 298 -24.00 -9.68 27.14
C GLU A 298 -23.25 -8.38 27.41
N GLY A 299 -22.07 -8.26 26.82
CA GLY A 299 -21.23 -7.10 27.06
C GLY A 299 -19.83 -7.43 27.53
N GLU A 300 -19.33 -8.61 27.16
CA GLU A 300 -17.95 -8.99 27.44
C GLU A 300 -17.75 -9.27 28.92
N GLY A 301 -17.67 -8.22 29.74
CA GLY A 301 -17.38 -8.40 31.14
C GLY A 301 -15.91 -8.66 31.37
N ILE A 302 -15.60 -9.11 32.59
CA ILE A 302 -14.22 -9.40 32.99
C ILE A 302 -13.96 -10.89 32.75
N PRO A 303 -12.98 -11.25 31.91
CA PRO A 303 -12.77 -12.67 31.60
C PRO A 303 -12.38 -13.51 32.81
N LEU A 304 -11.70 -12.92 33.80
CA LEU A 304 -11.23 -13.73 34.93
C LEU A 304 -12.40 -14.29 35.73
N TYR A 305 -13.44 -13.49 35.94
CA TYR A 305 -14.60 -13.99 36.68
C TYR A 305 -15.34 -15.06 35.88
N ASP A 306 -15.41 -14.90 34.56
CA ASP A 306 -15.99 -15.94 33.72
C ASP A 306 -15.20 -17.24 33.85
N ALA A 307 -13.87 -17.15 33.85
CA ALA A 307 -13.04 -18.33 34.01
C ALA A 307 -13.27 -18.98 35.37
N ILE A 308 -13.38 -18.16 36.42
CA ILE A 308 -13.60 -18.71 37.76
C ILE A 308 -14.95 -19.43 37.81
N LYS A 309 -15.99 -18.84 37.22
CA LYS A 309 -17.30 -19.48 37.21
C LYS A 309 -17.28 -20.77 36.42
N CYS A 310 -16.53 -20.79 35.30
CA CYS A 310 -16.38 -22.04 34.55
C CYS A 310 -15.68 -23.10 35.39
N MET A 311 -14.64 -22.71 36.12
CA MET A 311 -13.92 -23.66 36.97
C MET A 311 -14.84 -24.21 38.05
N ARG A 312 -15.69 -23.35 38.62
CA ARG A 312 -16.54 -23.79 39.72
C ARG A 312 -17.65 -24.74 39.29
N THR A 313 -17.86 -24.93 37.98
CA THR A 313 -18.88 -25.87 37.54
C THR A 313 -18.38 -27.31 37.51
N PHE A 314 -17.08 -27.53 37.65
CA PHE A 314 -16.50 -28.86 37.56
C PHE A 314 -16.05 -29.32 38.94
N PHE A 315 -16.59 -30.46 39.37
CA PHE A 315 -16.09 -31.20 40.53
C PHE A 315 -15.51 -32.51 40.03
N GLY A 316 -14.33 -32.88 40.51
CA GLY A 316 -13.69 -34.08 40.02
C GLY A 316 -12.18 -33.96 39.97
N TRP A 317 -11.64 -32.79 40.28
CA TRP A 317 -10.20 -32.63 40.42
C TRP A 317 -9.63 -33.75 41.27
N LYS A 318 -8.51 -34.30 40.82
CA LYS A 318 -7.78 -35.31 41.56
C LYS A 318 -6.32 -34.85 41.73
N GLU A 319 -5.50 -35.70 42.30
CA GLU A 319 -4.10 -35.39 42.47
C GLU A 319 -3.42 -35.43 41.11
N PRO A 320 -2.81 -34.33 40.64
CA PRO A 320 -2.19 -34.36 39.31
C PRO A 320 -1.08 -35.39 39.22
N ASN A 321 -0.99 -36.02 38.06
CA ASN A 321 0.08 -36.96 37.76
C ASN A 321 0.53 -36.73 36.32
N VAL A 322 1.78 -37.09 36.05
CA VAL A 322 2.35 -36.93 34.72
C VAL A 322 2.14 -38.21 33.93
N VAL A 323 1.22 -38.17 32.97
CA VAL A 323 0.95 -39.34 32.14
C VAL A 323 1.84 -39.37 30.89
N LYS A 324 2.31 -38.23 30.42
CA LYS A 324 3.26 -38.18 29.30
C LYS A 324 4.29 -37.09 29.59
N PRO A 325 5.50 -37.46 29.97
CA PRO A 325 6.53 -36.46 30.24
C PRO A 325 7.00 -35.76 28.98
N HIS A 326 7.51 -34.55 29.15
CA HIS A 326 7.99 -33.75 28.03
C HIS A 326 9.30 -34.28 27.47
N GLU A 327 10.09 -34.99 28.27
CA GLU A 327 11.36 -35.59 27.86
C GLU A 327 12.40 -34.55 27.45
N LYS A 328 12.14 -33.26 27.69
CA LYS A 328 13.13 -32.24 27.42
C LYS A 328 13.18 -31.18 28.52
N GLY A 329 12.34 -31.28 29.55
CA GLY A 329 12.34 -30.32 30.64
C GLY A 329 12.04 -31.00 31.95
N ILE A 330 12.13 -30.21 33.02
CA ILE A 330 11.87 -30.72 34.36
C ILE A 330 10.36 -30.90 34.50
N ASN A 331 9.92 -32.16 34.40
CA ASN A 331 8.49 -32.44 34.41
C ASN A 331 7.80 -31.99 35.69
N PRO A 332 8.35 -32.22 36.89
CA PRO A 332 7.62 -31.80 38.09
C PRO A 332 7.29 -30.32 38.10
N ASN A 333 8.08 -29.48 37.42
CA ASN A 333 7.75 -28.07 37.35
C ASN A 333 6.41 -27.83 36.68
N TYR A 334 6.04 -28.67 35.70
CA TYR A 334 4.77 -28.48 35.01
C TYR A 334 3.58 -28.71 35.94
N LEU A 335 3.57 -29.83 36.65
CA LEU A 335 2.45 -30.10 37.54
C LEU A 335 2.48 -29.17 38.75
N LEU A 336 3.67 -28.73 39.17
CA LEU A 336 3.75 -27.73 40.21
C LEU A 336 3.13 -26.41 39.74
N ALA A 337 3.36 -26.03 38.49
CA ALA A 337 2.72 -24.84 37.94
C ALA A 337 1.22 -24.99 37.88
N TRP A 338 0.73 -26.17 37.49
CA TRP A 338 -0.72 -26.39 37.48
C TRP A 338 -1.30 -26.27 38.89
N LYS A 339 -0.62 -26.85 39.87
CA LYS A 339 -1.08 -26.75 41.25
C LYS A 339 -1.08 -25.30 41.71
N GLN A 340 -0.06 -24.55 41.32
CA GLN A 340 -0.03 -23.12 41.65
C GLN A 340 -1.21 -22.38 41.03
N VAL A 341 -1.54 -22.70 39.79
CA VAL A 341 -2.68 -22.05 39.15
C VAL A 341 -3.95 -22.33 39.94
N LEU A 342 -4.16 -23.60 40.31
CA LEU A 342 -5.32 -23.94 41.12
C LEU A 342 -5.33 -23.16 42.43
N ALA A 343 -4.18 -23.10 43.10
CA ALA A 343 -4.10 -22.42 44.39
C ALA A 343 -4.38 -20.93 44.26
N GLU A 344 -3.86 -20.30 43.20
CA GLU A 344 -4.10 -18.87 43.01
C GLU A 344 -5.56 -18.61 42.71
N LEU A 345 -6.19 -19.46 41.88
CA LEU A 345 -7.61 -19.29 41.62
C LEU A 345 -8.43 -19.45 42.89
N GLN A 346 -8.03 -20.35 43.79
CA GLN A 346 -8.74 -20.49 45.05
C GLN A 346 -8.52 -19.28 45.95
N ASP A 347 -7.29 -18.75 45.98
CA ASP A 347 -7.01 -17.57 46.80
C ASP A 347 -7.80 -16.37 46.31
N ILE A 348 -8.05 -16.27 45.01
CA ILE A 348 -8.80 -15.13 44.48
C ILE A 348 -10.18 -15.05 45.14
N GLU A 349 -10.75 -16.20 45.52
CA GLU A 349 -12.05 -16.27 46.17
C GLU A 349 -11.95 -16.09 47.68
N ASN A 350 -10.86 -15.48 48.16
CA ASN A 350 -10.71 -15.21 49.58
C ASN A 350 -10.07 -13.85 49.83
N GLU A 351 -10.27 -12.91 48.91
CA GLU A 351 -9.69 -11.58 49.02
C GLU A 351 -10.80 -10.54 49.19
N GLU A 352 -10.41 -9.39 49.74
CA GLU A 352 -11.38 -8.34 50.04
C GLU A 352 -12.02 -7.81 48.76
N LYS A 353 -11.23 -7.61 47.71
CA LYS A 353 -11.71 -7.08 46.44
C LYS A 353 -11.33 -8.06 45.34
N ILE A 354 -12.29 -8.40 44.48
CA ILE A 354 -12.08 -9.37 43.43
C ILE A 354 -11.26 -8.72 42.31
N PRO A 355 -10.06 -9.22 42.00
CA PRO A 355 -9.30 -8.66 40.89
C PRO A 355 -9.99 -8.86 39.55
N LYS A 356 -9.70 -7.93 38.64
CA LYS A 356 -10.03 -8.12 37.23
C LYS A 356 -8.88 -8.74 36.44
N THR A 357 -7.67 -8.74 37.01
CA THR A 357 -6.53 -9.41 36.41
C THR A 357 -5.72 -10.04 37.54
N LYS A 358 -5.02 -11.13 37.23
CA LYS A 358 -4.26 -11.87 38.23
C LYS A 358 -2.81 -11.94 37.81
N ASN A 359 -1.92 -11.42 38.64
CA ASN A 359 -0.47 -11.52 38.42
C ASN A 359 0.07 -12.66 39.29
N MET A 360 0.62 -13.67 38.64
CA MET A 360 1.09 -14.84 39.37
C MET A 360 2.42 -14.56 40.05
N LYS A 361 2.66 -15.29 41.15
CA LYS A 361 3.91 -15.17 41.88
C LYS A 361 5.05 -15.81 41.10
N LYS A 362 6.16 -15.09 40.98
CA LYS A 362 7.29 -15.55 40.18
C LYS A 362 8.04 -16.63 40.96
N THR A 363 7.46 -17.83 40.97
CA THR A 363 8.09 -18.97 41.58
C THR A 363 9.12 -19.60 40.64
N SER A 364 10.01 -20.41 41.22
CA SER A 364 11.04 -21.07 40.41
C SER A 364 10.42 -21.93 39.33
N GLN A 365 9.33 -22.62 39.66
CA GLN A 365 8.55 -23.36 38.67
C GLN A 365 8.18 -22.49 37.46
N LEU A 366 7.62 -21.30 37.69
CA LEU A 366 7.24 -20.42 36.59
C LEU A 366 8.40 -19.60 36.05
N LYS A 367 9.49 -19.48 36.80
CA LYS A 367 10.69 -18.86 36.26
C LYS A 367 11.41 -19.78 35.28
N TRP A 368 11.33 -21.10 35.48
CA TRP A 368 11.90 -22.03 34.53
C TRP A 368 10.93 -22.30 33.38
N ALA A 369 9.65 -22.49 33.69
CA ALA A 369 8.68 -22.81 32.65
C ALA A 369 8.58 -21.70 31.61
N LEU A 370 8.58 -20.44 32.05
CA LEU A 370 8.48 -19.30 31.15
C LEU A 370 9.84 -18.86 30.62
N GLY A 371 10.85 -19.73 30.70
CA GLY A 371 12.16 -19.36 30.17
C GLY A 371 12.75 -18.14 30.82
N GLU A 372 12.29 -17.81 32.02
CA GLU A 372 12.85 -16.67 32.74
C GLU A 372 14.24 -16.94 33.26
N ASN A 373 14.64 -18.20 33.35
CA ASN A 373 16.01 -18.55 33.67
C ASN A 373 16.94 -17.80 32.74
N MET A 374 17.97 -17.17 33.31
CA MET A 374 18.79 -16.23 32.56
C MET A 374 19.20 -16.82 31.21
N ALA A 375 18.72 -16.20 30.14
CA ALA A 375 19.13 -16.57 28.79
C ALA A 375 20.56 -16.10 28.60
N PRO A 376 21.27 -16.61 27.60
CA PRO A 376 22.68 -16.23 27.45
C PRO A 376 22.85 -14.72 27.40
N GLU A 377 23.82 -14.21 28.16
CA GLU A 377 24.01 -12.78 28.32
C GLU A 377 24.72 -12.19 27.10
N LYS A 378 24.60 -10.87 26.97
CA LYS A 378 25.12 -10.16 25.79
C LYS A 378 26.53 -9.67 26.08
N VAL A 379 27.49 -10.59 25.97
CA VAL A 379 28.90 -10.24 26.10
C VAL A 379 29.40 -9.70 24.77
N ASP A 380 30.59 -9.11 24.78
CA ASP A 380 31.23 -8.63 23.56
C ASP A 380 32.11 -9.73 23.00
N PHE A 381 32.25 -9.75 21.67
CA PHE A 381 33.07 -10.78 21.03
C PHE A 381 34.53 -10.66 21.44
N ASP A 382 35.03 -9.42 21.55
CA ASP A 382 36.43 -9.21 21.84
C ASP A 382 36.84 -9.71 23.22
N ASP A 383 35.88 -10.01 24.10
CA ASP A 383 36.19 -10.53 25.43
C ASP A 383 35.83 -12.00 25.59
N CYS A 384 34.88 -12.52 24.82
CA CYS A 384 34.49 -13.92 24.89
C CYS A 384 35.09 -14.77 23.78
N LYS A 385 36.03 -14.23 23.01
CA LYS A 385 36.57 -14.96 21.86
C LYS A 385 37.10 -16.33 22.25
N ASP A 386 37.81 -16.42 23.38
CA ASP A 386 38.43 -17.66 23.81
C ASP A 386 37.46 -18.42 24.73
N VAL A 387 36.45 -19.02 24.09
CA VAL A 387 35.47 -19.86 24.77
C VAL A 387 35.45 -21.28 24.22
N SER A 388 36.00 -21.49 23.02
CA SER A 388 36.23 -22.83 22.48
C SER A 388 34.97 -23.50 21.94
N ASP A 389 33.79 -22.92 22.18
CA ASP A 389 32.57 -23.34 21.50
C ASP A 389 31.74 -22.09 21.18
N LEU A 390 32.00 -21.52 20.00
CA LEU A 390 31.28 -20.34 19.52
C LEU A 390 30.94 -20.55 18.05
N LYS A 391 29.77 -21.13 17.80
CA LYS A 391 29.26 -21.26 16.44
C LYS A 391 28.10 -20.31 16.25
N GLN A 392 27.50 -20.30 15.08
CA GLN A 392 26.41 -19.37 14.77
C GLN A 392 25.10 -19.90 15.34
N TYR A 393 24.11 -19.01 15.39
CA TYR A 393 22.86 -19.33 16.07
C TYR A 393 22.17 -20.53 15.44
N ASP A 394 22.09 -20.57 14.12
CA ASP A 394 21.42 -21.67 13.44
C ASP A 394 22.32 -22.90 13.37
N SER A 395 23.42 -22.78 12.63
CA SER A 395 24.49 -23.79 12.59
C SER A 395 23.95 -25.21 12.51
N ASP A 396 22.80 -25.42 11.90
CA ASP A 396 22.20 -26.75 11.86
C ASP A 396 21.15 -26.83 10.77
N GLU A 397 21.09 -27.96 10.09
CA GLU A 397 20.07 -28.22 9.10
C GLU A 397 18.78 -28.66 9.77
N PRO A 398 17.63 -28.38 9.15
CA PRO A 398 16.35 -28.80 9.75
C PRO A 398 16.22 -30.31 9.77
N GLU A 399 15.52 -30.80 10.80
CA GLU A 399 15.26 -32.22 10.92
C GLU A 399 14.17 -32.64 9.94
N LEU A 400 14.30 -33.86 9.42
CA LEU A 400 13.35 -34.42 8.47
C LEU A 400 12.36 -35.30 9.20
N ARG A 401 11.07 -35.09 8.94
CA ARG A 401 10.01 -35.84 9.59
C ARG A 401 9.00 -36.31 8.56
N SER A 402 8.35 -37.44 8.84
CA SER A 402 7.41 -38.06 7.93
C SER A 402 5.99 -37.68 8.30
N LEU A 403 5.12 -37.59 7.29
CA LEU A 403 3.72 -37.26 7.53
C LEU A 403 3.07 -38.32 8.41
N ALA A 404 2.33 -37.86 9.41
CA ALA A 404 1.55 -38.71 10.29
C ALA A 404 0.07 -38.54 10.00
N SER A 405 -0.73 -39.50 10.46
CA SER A 405 -2.15 -39.51 10.16
C SER A 405 -2.95 -38.54 11.03
N TRP A 406 -2.35 -37.97 12.07
CA TRP A 406 -3.13 -37.12 12.97
C TRP A 406 -3.54 -35.81 12.31
N ILE A 407 -2.73 -35.27 11.41
CA ILE A 407 -3.09 -34.01 10.76
C ILE A 407 -4.30 -34.19 9.85
N GLN A 408 -4.40 -35.33 9.16
CA GLN A 408 -5.58 -35.58 8.34
C GLN A 408 -6.84 -35.69 9.17
N SER A 409 -6.78 -36.38 10.32
CA SER A 409 -7.94 -36.42 11.20
C SER A 409 -8.28 -35.05 11.75
N GLU A 410 -7.27 -34.24 12.08
CA GLU A 410 -7.53 -32.88 12.50
C GLU A 410 -8.30 -32.12 11.43
N PHE A 411 -7.86 -32.19 10.18
CA PHE A 411 -8.59 -31.51 9.12
C PHE A 411 -9.99 -32.06 8.94
N ASN A 412 -10.14 -33.39 8.99
CA ASN A 412 -11.48 -33.97 8.89
C ASN A 412 -12.41 -33.41 9.96
N LYS A 413 -11.90 -33.24 11.18
CA LYS A 413 -12.70 -32.66 12.25
C LYS A 413 -12.98 -31.18 12.02
N ALA A 414 -12.04 -30.44 11.43
CA ALA A 414 -12.23 -29.02 11.20
C ALA A 414 -13.33 -28.72 10.18
N CYS A 415 -13.75 -29.71 9.41
CA CYS A 415 -14.78 -29.53 8.39
C CYS A 415 -16.17 -29.93 8.85
N GLU A 416 -16.32 -30.33 10.11
CA GLU A 416 -17.58 -30.87 10.60
C GLU A 416 -18.43 -29.78 11.26
N LEU A 417 -19.73 -30.02 11.30
CA LEU A 417 -20.66 -29.12 11.95
C LEU A 417 -20.64 -29.32 13.45
N THR A 418 -20.90 -28.24 14.18
CA THR A 418 -21.03 -28.27 15.63
C THR A 418 -22.49 -27.98 15.99
N ASP A 419 -22.76 -27.91 17.29
CA ASP A 419 -24.10 -27.59 17.79
C ASP A 419 -24.28 -26.10 18.08
N SER A 420 -23.19 -25.34 18.19
CA SER A 420 -23.24 -23.94 18.54
C SER A 420 -23.12 -23.09 17.29
N SER A 421 -23.18 -21.76 17.45
CA SER A 421 -23.21 -20.83 16.34
C SER A 421 -21.81 -20.36 15.94
N TRP A 422 -21.08 -19.74 16.87
CA TRP A 422 -19.69 -19.30 16.73
C TRP A 422 -19.57 -18.03 15.90
N ILE A 423 -20.64 -17.52 15.28
CA ILE A 423 -20.54 -16.29 14.50
C ILE A 423 -21.92 -15.66 14.38
N GLU A 424 -22.00 -14.36 14.63
CA GLU A 424 -23.25 -13.61 14.47
C GLU A 424 -22.90 -12.32 13.74
N LEU A 425 -23.11 -12.30 12.43
CA LEU A 425 -22.75 -11.16 11.61
C LEU A 425 -23.86 -10.12 11.63
N ASP A 426 -23.48 -8.87 11.46
CA ASP A 426 -24.43 -7.76 11.55
C ASP A 426 -25.26 -7.66 10.28
N GLU A 427 -26.32 -6.86 10.36
CA GLU A 427 -27.22 -6.64 9.26
C GLU A 427 -26.64 -5.63 8.28
N ILE A 428 -27.31 -5.50 7.13
CA ILE A 428 -26.98 -4.52 6.10
C ILE A 428 -28.27 -3.97 5.53
N GLY A 429 -28.13 -2.99 4.64
CA GLY A 429 -29.30 -2.39 4.03
C GLY A 429 -30.10 -3.40 3.23
N GLU A 430 -31.42 -3.23 3.26
CA GLU A 430 -32.29 -4.16 2.54
C GLU A 430 -32.01 -4.08 1.04
N ASP A 431 -32.02 -5.25 0.40
CA ASP A 431 -31.69 -5.33 -1.02
C ASP A 431 -32.73 -4.61 -1.86
N VAL A 432 -32.26 -3.86 -2.86
CA VAL A 432 -33.15 -3.12 -3.74
C VAL A 432 -32.86 -3.46 -5.19
N ALA A 433 -31.62 -3.89 -5.49
CA ALA A 433 -31.24 -4.19 -6.86
C ALA A 433 -31.14 -5.70 -7.07
N PRO A 434 -31.39 -6.19 -8.29
CA PRO A 434 -31.30 -7.64 -8.52
C PRO A 434 -29.94 -8.22 -8.17
N ILE A 435 -28.86 -7.49 -8.48
CA ILE A 435 -27.53 -7.98 -8.13
C ILE A 435 -27.38 -8.05 -6.62
N GLU A 436 -28.00 -7.10 -5.91
CA GLU A 436 -28.00 -7.17 -4.44
C GLU A 436 -28.69 -8.43 -3.97
N HIS A 437 -29.81 -8.80 -4.61
CA HIS A 437 -30.50 -10.02 -4.24
C HIS A 437 -29.62 -11.24 -4.48
N ILE A 438 -28.93 -11.28 -5.62
CA ILE A 438 -28.06 -12.42 -5.93
C ILE A 438 -26.94 -12.51 -4.89
N ALA A 439 -26.29 -11.38 -4.60
CA ALA A 439 -25.20 -11.38 -3.64
C ALA A 439 -25.68 -11.80 -2.26
N SER A 440 -26.85 -11.31 -1.86
CA SER A 440 -27.40 -11.69 -0.55
C SER A 440 -27.72 -13.18 -0.51
N MET A 441 -28.24 -13.73 -1.60
CA MET A 441 -28.48 -15.17 -1.65
C MET A 441 -27.18 -15.93 -1.45
N ARG A 442 -26.15 -15.57 -2.20
CA ARG A 442 -24.86 -16.25 -2.05
C ARG A 442 -24.35 -16.16 -0.63
N ARG A 443 -24.31 -14.95 -0.08
CA ARG A 443 -23.75 -14.74 1.25
C ARG A 443 -24.56 -15.48 2.31
N ASN A 444 -25.88 -15.42 2.23
CA ASN A 444 -26.72 -16.08 3.21
C ASN A 444 -26.55 -17.59 3.16
N TYR A 445 -26.49 -18.16 1.96
CA TYR A 445 -26.29 -19.60 1.86
C TYR A 445 -24.94 -20.00 2.44
N PHE A 446 -23.89 -19.25 2.10
CA PHE A 446 -22.56 -19.56 2.62
C PHE A 446 -22.55 -19.48 4.14
N THR A 447 -23.12 -18.42 4.70
CA THR A 447 -23.10 -18.25 6.15
C THR A 447 -23.91 -19.34 6.83
N ALA A 448 -25.07 -19.70 6.27
CA ALA A 448 -25.87 -20.75 6.86
C ALA A 448 -25.12 -22.08 6.85
N GLU A 449 -24.42 -22.38 5.76
CA GLU A 449 -23.67 -23.63 5.67
C GLU A 449 -22.35 -23.59 6.43
N VAL A 450 -21.99 -22.44 7.00
CA VAL A 450 -20.66 -22.29 7.61
C VAL A 450 -20.70 -21.80 9.05
N SER A 451 -21.76 -21.13 9.51
CA SER A 451 -21.73 -20.56 10.86
C SER A 451 -21.50 -21.65 11.90
N HIS A 452 -22.28 -22.72 11.85
CA HIS A 452 -22.17 -23.80 12.83
C HIS A 452 -21.05 -24.78 12.49
N CYS A 453 -19.84 -24.29 12.24
CA CYS A 453 -18.74 -25.12 11.78
C CYS A 453 -17.58 -25.06 12.77
N ARG A 454 -16.82 -26.16 12.81
CA ARG A 454 -15.69 -26.24 13.73
C ARG A 454 -14.62 -25.21 13.40
N ALA A 455 -14.37 -25.00 12.11
CA ALA A 455 -13.36 -24.01 11.72
C ALA A 455 -13.70 -22.63 12.27
N THR A 456 -14.99 -22.30 12.31
CA THR A 456 -15.39 -21.02 12.91
C THR A 456 -15.07 -20.99 14.40
N GLU A 457 -15.23 -22.14 15.08
CA GLU A 457 -14.82 -22.21 16.47
C GLU A 457 -13.33 -21.93 16.60
N TYR A 458 -12.52 -22.50 15.71
CA TYR A 458 -11.08 -22.23 15.75
C TYR A 458 -10.80 -20.75 15.50
N ILE A 459 -11.51 -20.15 14.57
CA ILE A 459 -11.29 -18.73 14.26
C ILE A 459 -11.56 -17.89 15.50
N MET A 460 -12.72 -18.10 16.15
CA MET A 460 -13.04 -17.34 17.35
C MET A 460 -12.04 -17.63 18.47
N LYS A 461 -11.63 -18.89 18.62
CA LYS A 461 -10.68 -19.24 19.66
C LYS A 461 -9.37 -18.48 19.48
N GLY A 462 -8.85 -18.49 18.25
CA GLY A 462 -7.61 -17.78 17.98
C GLY A 462 -7.76 -16.28 18.18
N VAL A 463 -8.87 -15.70 17.69
CA VAL A 463 -9.08 -14.27 17.86
C VAL A 463 -9.07 -13.91 19.34
N TYR A 464 -9.84 -14.62 20.15
CA TYR A 464 -9.94 -14.30 21.57
C TYR A 464 -8.59 -14.47 22.26
N ILE A 465 -7.92 -15.60 22.03
CA ILE A 465 -6.67 -15.88 22.75
C ILE A 465 -5.62 -14.84 22.39
N ASN A 466 -5.49 -14.52 21.10
CA ASN A 466 -4.46 -13.57 20.70
C ASN A 466 -4.81 -12.16 21.17
N THR A 467 -6.09 -11.79 21.18
CA THR A 467 -6.46 -10.49 21.72
C THR A 467 -6.09 -10.38 23.20
N ALA A 468 -6.40 -11.42 23.97
CA ALA A 468 -6.04 -11.40 25.39
C ALA A 468 -4.53 -11.34 25.57
N LEU A 469 -3.78 -12.10 24.78
CA LEU A 469 -2.33 -12.06 24.87
C LEU A 469 -1.78 -10.68 24.57
N LEU A 470 -2.30 -10.03 23.52
CA LEU A 470 -1.81 -8.70 23.17
C LEU A 470 -2.12 -7.70 24.27
N ASN A 471 -3.36 -7.73 24.79
CA ASN A 471 -3.72 -6.81 25.86
C ASN A 471 -2.85 -7.01 27.09
N ALA A 472 -2.65 -8.26 27.51
CA ALA A 472 -1.80 -8.53 28.66
C ALA A 472 -0.36 -8.14 28.43
N SER A 473 0.18 -8.39 27.23
CA SER A 473 1.55 -8.00 26.93
C SER A 473 1.73 -6.50 26.95
N CYS A 474 0.72 -5.74 26.53
CA CYS A 474 0.77 -4.28 26.55
C CYS A 474 0.56 -3.69 27.94
N ALA A 475 -0.29 -4.28 28.76
CA ALA A 475 -0.66 -3.70 30.05
C ALA A 475 -0.04 -4.41 31.24
N ALA A 476 0.70 -5.49 31.00
CA ALA A 476 1.34 -6.23 32.09
C ALA A 476 2.78 -6.58 31.74
N MET A 477 3.53 -5.59 31.27
CA MET A 477 4.86 -5.79 30.72
C MET A 477 5.86 -6.39 31.71
N ASP A 478 5.54 -6.65 32.98
CA ASP A 478 6.52 -7.17 33.91
C ASP A 478 5.97 -8.24 34.84
N ASP A 479 4.74 -8.72 34.62
CA ASP A 479 4.09 -9.65 35.53
C ASP A 479 3.75 -10.94 34.81
N PHE A 480 3.72 -12.03 35.57
CA PHE A 480 3.35 -13.35 35.03
C PHE A 480 1.83 -13.50 35.08
N GLN A 481 1.17 -12.73 34.21
CA GLN A 481 -0.28 -12.64 34.25
C GLN A 481 -0.92 -13.94 33.78
N LEU A 482 -2.06 -14.28 34.39
CA LEU A 482 -2.84 -15.46 33.99
C LEU A 482 -3.91 -15.03 33.00
N ILE A 483 -3.93 -15.68 31.84
CA ILE A 483 -4.80 -15.30 30.74
C ILE A 483 -5.70 -16.48 30.39
N PRO A 484 -6.94 -16.49 30.84
CA PRO A 484 -7.84 -17.61 30.50
C PRO A 484 -8.09 -17.68 29.00
N MET A 485 -8.23 -18.90 28.49
CA MET A 485 -8.68 -19.15 27.12
C MET A 485 -10.20 -19.23 27.16
N ILE A 486 -10.86 -18.17 26.71
CA ILE A 486 -12.32 -18.08 26.77
C ILE A 486 -12.86 -17.80 25.37
N SER A 487 -13.98 -18.44 25.05
CA SER A 487 -14.72 -18.14 23.84
C SER A 487 -16.20 -18.06 24.20
N LYS A 488 -17.00 -17.52 23.29
CA LYS A 488 -18.43 -17.36 23.54
C LYS A 488 -19.19 -17.79 22.28
N CYS A 489 -20.25 -18.56 22.48
CA CYS A 489 -21.05 -19.09 21.39
C CYS A 489 -22.53 -19.01 21.74
N ARG A 490 -23.37 -19.45 20.79
CA ARG A 490 -24.82 -19.45 20.96
C ARG A 490 -25.32 -20.87 20.69
N THR A 491 -25.85 -21.52 21.71
CA THR A 491 -26.41 -22.84 21.54
C THR A 491 -27.54 -22.79 20.51
N LYS A 492 -27.96 -23.97 20.06
CA LYS A 492 -29.03 -24.05 19.07
C LYS A 492 -30.24 -23.25 19.52
N GLU A 493 -30.62 -23.36 20.80
CA GLU A 493 -31.77 -22.64 21.34
C GLU A 493 -31.32 -21.36 22.04
N GLY A 494 -30.63 -20.50 21.28
CA GLY A 494 -30.11 -19.29 21.87
C GLY A 494 -29.19 -19.60 23.04
N ARG A 495 -29.47 -18.97 24.17
CA ARG A 495 -28.78 -19.33 25.41
C ARG A 495 -27.28 -19.16 25.27
N ARG A 496 -26.81 -17.93 25.11
CA ARG A 496 -25.38 -17.64 25.02
C ARG A 496 -24.61 -18.45 26.05
N LYS A 497 -23.41 -18.87 25.66
CA LYS A 497 -22.63 -19.81 26.46
C LYS A 497 -21.16 -19.43 26.39
N THR A 498 -20.50 -19.36 27.55
CA THR A 498 -19.08 -19.04 27.61
C THR A 498 -18.30 -20.30 27.92
N ASN A 499 -17.29 -20.58 27.11
CA ASN A 499 -16.50 -21.80 27.18
C ASN A 499 -15.07 -21.46 27.60
N LEU A 500 -14.56 -22.22 28.57
CA LEU A 500 -13.17 -22.10 29.02
C LEU A 500 -12.41 -23.31 28.51
N TYR A 501 -11.33 -23.06 27.77
CA TYR A 501 -10.49 -24.12 27.22
C TYR A 501 -9.27 -24.42 28.06
N GLY A 502 -8.82 -23.47 28.87
CA GLY A 502 -7.60 -23.65 29.65
C GLY A 502 -7.09 -22.30 30.13
N PHE A 503 -5.77 -22.23 30.30
CA PHE A 503 -5.12 -21.04 30.82
C PHE A 503 -3.80 -20.80 30.10
N ILE A 504 -3.38 -19.54 30.13
CA ILE A 504 -2.07 -19.13 29.63
C ILE A 504 -1.41 -18.26 30.69
N ILE A 505 -0.16 -18.58 31.02
CA ILE A 505 0.63 -17.75 31.92
C ILE A 505 1.65 -17.00 31.08
N LYS A 506 1.53 -15.68 31.06
CA LYS A 506 2.40 -14.84 30.23
C LYS A 506 3.71 -14.55 30.96
N GLY A 507 4.74 -14.22 30.18
CA GLY A 507 6.05 -13.92 30.74
C GLY A 507 6.34 -12.44 30.85
N ARG A 508 7.62 -12.09 30.87
CA ARG A 508 8.06 -10.71 30.96
C ARG A 508 8.01 -10.11 29.56
N SER A 509 6.90 -9.46 29.23
CA SER A 509 6.61 -9.07 27.85
C SER A 509 7.02 -7.62 27.62
N HIS A 510 8.34 -7.39 27.63
CA HIS A 510 8.89 -6.08 27.27
C HIS A 510 9.18 -6.11 25.78
N LEU A 511 8.12 -5.98 25.00
CA LEU A 511 8.19 -6.11 23.55
C LEU A 511 8.40 -4.73 22.94
N ARG A 512 9.62 -4.46 22.49
CA ARG A 512 9.93 -3.19 21.84
C ARG A 512 9.68 -3.27 20.34
N ASN A 513 10.11 -4.36 19.71
CA ASN A 513 9.89 -4.56 18.29
C ASN A 513 8.61 -5.34 18.07
N ASP A 514 8.28 -5.57 16.79
CA ASP A 514 7.16 -6.42 16.42
C ASP A 514 7.57 -7.88 16.25
N THR A 515 8.85 -8.20 16.41
CA THR A 515 9.34 -9.56 16.24
C THR A 515 9.99 -10.10 17.51
N ASP A 516 9.83 -9.42 18.64
CA ASP A 516 10.36 -9.88 19.92
C ASP A 516 9.40 -10.93 20.49
N VAL A 517 9.96 -12.04 20.98
CA VAL A 517 9.11 -13.11 21.48
C VAL A 517 8.77 -12.87 22.94
N VAL A 518 7.49 -13.02 23.26
CA VAL A 518 7.02 -13.16 24.63
C VAL A 518 6.76 -14.63 24.87
N ASN A 519 7.33 -15.17 25.94
CA ASN A 519 7.13 -16.56 26.29
C ASN A 519 5.90 -16.71 27.17
N PHE A 520 5.28 -17.88 27.11
CA PHE A 520 4.15 -18.18 27.97
C PHE A 520 4.03 -19.68 28.12
N VAL A 521 3.22 -20.08 29.09
CA VAL A 521 2.93 -21.49 29.37
C VAL A 521 1.45 -21.70 29.12
N SER A 522 1.11 -22.57 28.17
CA SER A 522 -0.27 -22.86 27.84
C SER A 522 -0.66 -24.21 28.42
N MET A 523 -1.76 -24.23 29.18
CA MET A 523 -2.25 -25.44 29.83
C MET A 523 -3.71 -25.60 29.47
N GLU A 524 -4.02 -26.59 28.65
CA GLU A 524 -5.35 -26.74 28.06
C GLU A 524 -5.99 -28.05 28.49
N PHE A 525 -7.25 -28.00 28.89
CA PHE A 525 -7.99 -29.20 29.25
C PHE A 525 -8.21 -30.06 28.02
N SER A 526 -8.29 -31.38 28.24
CA SER A 526 -8.57 -32.29 27.15
C SER A 526 -9.06 -33.61 27.71
N LEU A 527 -9.71 -34.40 26.86
CA LEU A 527 -10.13 -35.75 27.19
C LEU A 527 -9.34 -36.80 26.41
N THR A 528 -8.37 -36.40 25.61
CA THR A 528 -7.64 -37.31 24.74
C THR A 528 -6.45 -37.89 25.49
N ASP A 529 -6.39 -39.21 25.56
CA ASP A 529 -5.29 -39.89 26.22
C ASP A 529 -4.00 -39.65 25.42
N PRO A 530 -2.96 -39.06 26.01
CA PRO A 530 -1.75 -38.78 25.23
C PRO A 530 -0.98 -40.01 24.80
N ARG A 531 -1.33 -41.19 25.32
CA ARG A 531 -0.58 -42.40 25.03
C ARG A 531 -1.07 -43.12 23.80
N LEU A 532 -2.04 -42.56 23.07
CA LEU A 532 -2.49 -43.15 21.82
C LEU A 532 -1.65 -42.67 20.64
N GLU A 533 -1.29 -41.39 20.62
CA GLU A 533 -0.40 -40.81 19.61
C GLU A 533 0.67 -40.02 20.33
N PRO A 534 1.56 -40.69 21.07
CA PRO A 534 2.60 -39.94 21.80
C PRO A 534 3.46 -39.08 20.89
N HIS A 535 3.76 -39.54 19.68
CA HIS A 535 4.59 -38.76 18.77
C HIS A 535 3.98 -37.41 18.47
N LYS A 536 2.64 -37.33 18.44
CA LYS A 536 1.99 -36.05 18.21
C LYS A 536 2.30 -35.06 19.31
N TRP A 537 2.35 -35.52 20.56
CA TRP A 537 2.56 -34.64 21.69
C TRP A 537 4.02 -34.62 22.11
N GLU A 538 4.92 -34.27 21.20
CA GLU A 538 6.34 -34.25 21.49
C GLU A 538 6.77 -32.97 22.19
N LYS A 539 5.98 -31.90 22.08
CA LYS A 539 6.30 -30.63 22.71
C LYS A 539 5.46 -30.36 23.95
N TYR A 540 4.65 -31.31 24.39
CA TYR A 540 3.75 -31.12 25.53
C TYR A 540 4.13 -32.04 26.68
N CYS A 541 3.91 -31.57 27.90
CA CYS A 541 3.86 -32.42 29.07
C CYS A 541 2.40 -32.59 29.47
N VAL A 542 1.92 -33.82 29.45
CA VAL A 542 0.50 -34.10 29.64
C VAL A 542 0.31 -34.73 31.01
N LEU A 543 -0.51 -34.08 31.83
CA LEU A 543 -0.89 -34.55 33.15
C LEU A 543 -2.31 -35.11 33.12
N GLU A 544 -2.63 -35.91 34.12
CA GLU A 544 -4.00 -36.39 34.34
C GLU A 544 -4.54 -35.64 35.55
N ILE A 545 -5.47 -34.71 35.33
CA ILE A 545 -5.83 -33.74 36.34
C ILE A 545 -7.14 -34.11 37.03
N GLY A 546 -8.05 -34.77 36.32
CA GLY A 546 -9.33 -35.04 36.94
C GLY A 546 -10.09 -36.14 36.25
N ASP A 547 -11.36 -36.29 36.67
CA ASP A 547 -12.30 -37.22 36.04
C ASP A 547 -13.57 -36.45 35.72
N MET A 548 -14.01 -36.53 34.47
CA MET A 548 -15.21 -35.83 34.01
C MET A 548 -16.33 -36.84 33.82
N LEU A 549 -17.51 -36.51 34.35
CA LEU A 549 -18.69 -37.37 34.24
C LEU A 549 -19.48 -36.94 33.01
N LEU A 550 -19.34 -37.71 31.95
CA LEU A 550 -20.09 -37.49 30.73
C LEU A 550 -21.45 -38.20 30.83
N ARG A 551 -22.40 -37.72 30.03
CA ARG A 551 -23.76 -38.21 30.04
C ARG A 551 -23.99 -39.17 28.88
N SER A 552 -24.59 -40.32 29.18
CA SER A 552 -25.09 -41.23 28.17
C SER A 552 -26.51 -41.62 28.54
N ALA A 553 -27.30 -41.94 27.51
CA ALA A 553 -28.69 -42.31 27.76
C ALA A 553 -28.78 -43.41 28.81
N ILE A 554 -27.89 -44.39 28.73
CA ILE A 554 -27.84 -45.46 29.72
C ILE A 554 -27.47 -44.92 31.10
N GLY A 555 -26.47 -44.04 31.17
CA GLY A 555 -26.05 -43.53 32.46
C GLY A 555 -24.86 -42.59 32.32
N GLN A 556 -24.32 -42.23 33.48
CA GLN A 556 -23.20 -41.29 33.57
C GLN A 556 -21.89 -42.08 33.53
N VAL A 557 -21.11 -41.87 32.47
CA VAL A 557 -19.79 -42.48 32.40
C VAL A 557 -18.74 -41.53 32.98
N SER A 558 -17.58 -42.09 33.33
CA SER A 558 -16.52 -41.30 33.99
C SER A 558 -15.23 -41.46 33.17
N ARG A 559 -14.91 -40.43 32.40
CA ARG A 559 -13.69 -40.41 31.59
C ARG A 559 -12.59 -39.65 32.31
N PRO A 560 -11.33 -39.98 32.03
CA PRO A 560 -10.23 -39.16 32.55
C PRO A 560 -10.16 -37.80 31.86
N MET A 561 -9.55 -36.85 32.55
CA MET A 561 -9.41 -35.48 32.08
C MET A 561 -7.97 -35.05 32.26
N PHE A 562 -7.29 -34.82 31.14
CA PHE A 562 -5.88 -34.50 31.10
C PHE A 562 -5.68 -33.01 30.87
N LEU A 563 -4.48 -32.54 31.20
CA LEU A 563 -4.06 -31.17 30.96
C LEU A 563 -2.82 -31.20 30.09
N TYR A 564 -2.90 -30.57 28.92
CA TYR A 564 -1.76 -30.48 28.02
C TYR A 564 -1.03 -29.18 28.30
N VAL A 565 0.19 -29.28 28.81
CA VAL A 565 0.99 -28.14 29.25
C VAL A 565 2.20 -28.03 28.34
N ARG A 566 2.46 -26.83 27.83
CA ARG A 566 3.66 -26.63 27.03
C ARG A 566 4.09 -25.17 27.10
N THR A 567 5.40 -24.96 26.99
CA THR A 567 5.97 -23.63 26.94
C THR A 567 6.11 -23.20 25.49
N ASN A 568 5.52 -22.07 25.15
CA ASN A 568 5.50 -21.56 23.80
C ASN A 568 5.92 -20.09 23.81
N GLY A 569 6.04 -19.51 22.63
CA GLY A 569 6.42 -18.11 22.51
C GLY A 569 5.85 -17.47 21.27
N THR A 570 5.38 -16.24 21.38
CA THR A 570 4.77 -15.53 20.26
C THR A 570 5.16 -14.07 20.30
N SER A 571 5.23 -13.45 19.12
CA SER A 571 5.55 -12.05 18.95
C SER A 571 4.30 -11.27 18.55
N LYS A 572 4.43 -9.96 18.45
CA LYS A 572 3.29 -9.11 18.13
C LYS A 572 2.76 -9.33 16.71
N ILE A 573 3.63 -9.60 15.74
CA ILE A 573 3.13 -9.91 14.41
C ILE A 573 2.29 -11.18 14.43
N LYS A 574 2.72 -12.20 15.18
CA LYS A 574 1.91 -13.42 15.29
C LYS A 574 0.60 -13.15 16.02
N MET A 575 0.62 -12.30 17.05
CA MET A 575 -0.62 -11.96 17.74
C MET A 575 -1.59 -11.26 16.80
N LYS A 576 -1.10 -10.32 15.99
CA LYS A 576 -1.98 -9.65 15.04
C LYS A 576 -2.48 -10.61 13.98
N TRP A 577 -1.61 -11.51 13.52
CA TRP A 577 -2.03 -12.52 12.55
C TRP A 577 -3.17 -13.35 13.11
N GLY A 578 -3.07 -13.75 14.38
CA GLY A 578 -4.17 -14.47 15.01
C GLY A 578 -5.42 -13.63 15.14
N MET A 579 -5.27 -12.38 15.59
CA MET A 579 -6.43 -11.51 15.76
C MET A 579 -7.17 -11.29 14.45
N GLU A 580 -6.46 -11.34 13.32
CA GLU A 580 -7.05 -11.12 12.02
C GLU A 580 -7.52 -12.41 11.35
N MET A 581 -7.91 -13.42 12.14
CA MET A 581 -8.29 -14.70 11.57
C MET A 581 -9.72 -14.72 11.04
N ARG A 582 -10.51 -13.68 11.31
CA ARG A 582 -11.86 -13.63 10.75
C ARG A 582 -11.83 -13.46 9.23
N ARG A 583 -10.68 -13.08 8.66
CA ARG A 583 -10.56 -12.96 7.22
C ARG A 583 -10.58 -14.30 6.51
N CYS A 584 -10.50 -15.41 7.25
CA CYS A 584 -10.63 -16.72 6.63
C CYS A 584 -12.03 -16.92 6.05
N LEU A 585 -13.06 -16.42 6.74
CA LEU A 585 -14.40 -16.44 6.18
C LEU A 585 -14.47 -15.65 4.89
N LEU A 586 -13.84 -14.48 4.86
CA LEU A 586 -13.82 -13.68 3.63
C LEU A 586 -13.11 -14.42 2.51
N GLN A 587 -11.99 -15.06 2.81
CA GLN A 587 -11.25 -15.77 1.78
C GLN A 587 -12.05 -16.94 1.21
N SER A 588 -12.69 -17.72 2.09
CA SER A 588 -13.48 -18.85 1.61
C SER A 588 -14.68 -18.38 0.79
N LEU A 589 -15.35 -17.31 1.24
CA LEU A 589 -16.45 -16.77 0.46
C LEU A 589 -15.95 -16.25 -0.89
N GLN A 590 -14.77 -15.62 -0.90
CA GLN A 590 -14.20 -15.17 -2.16
C GLN A 590 -13.96 -16.35 -3.10
N GLN A 591 -13.45 -17.46 -2.57
CA GLN A 591 -13.20 -18.62 -3.41
C GLN A 591 -14.50 -19.19 -3.98
N ILE A 592 -15.51 -19.37 -3.13
CA ILE A 592 -16.78 -19.92 -3.61
C ILE A 592 -17.40 -19.00 -4.65
N GLU A 593 -17.41 -17.70 -4.37
CA GLU A 593 -18.00 -16.73 -5.29
C GLU A 593 -17.20 -16.65 -6.59
N SER A 594 -15.88 -16.82 -6.51
CA SER A 594 -15.08 -16.84 -7.73
C SER A 594 -15.42 -18.04 -8.60
N MET A 595 -15.61 -19.21 -7.97
CA MET A 595 -16.05 -20.36 -8.74
C MET A 595 -17.41 -20.11 -9.38
N ILE A 596 -18.34 -19.53 -8.63
CA ILE A 596 -19.67 -19.26 -9.17
C ILE A 596 -19.58 -18.29 -10.34
N GLU A 597 -18.78 -17.23 -10.20
CA GLU A 597 -18.64 -16.25 -11.27
C GLU A 597 -17.97 -16.85 -12.50
N ALA A 598 -16.95 -17.68 -12.29
CA ALA A 598 -16.27 -18.31 -13.42
C ALA A 598 -17.23 -19.19 -14.20
N GLU A 599 -18.07 -19.96 -13.50
CA GLU A 599 -19.03 -20.79 -14.21
C GLU A 599 -20.22 -20.00 -14.74
N SER A 600 -20.48 -18.80 -14.19
CA SER A 600 -21.56 -17.96 -14.70
C SER A 600 -21.16 -17.27 -16.00
N SER A 601 -19.90 -16.84 -16.10
CA SER A 601 -19.43 -16.23 -17.33
C SER A 601 -19.68 -17.14 -18.52
N VAL A 602 -19.37 -18.44 -18.37
CA VAL A 602 -19.86 -19.43 -19.29
C VAL A 602 -21.33 -19.69 -18.98
N LYS A 603 -22.09 -20.03 -20.02
CA LYS A 603 -23.54 -20.26 -19.99
C LYS A 603 -24.30 -18.94 -19.92
N GLU A 604 -23.64 -17.80 -19.75
CA GLU A 604 -24.27 -16.49 -19.82
C GLU A 604 -25.54 -16.43 -18.97
N LYS A 605 -25.44 -16.94 -17.74
CA LYS A 605 -26.57 -16.87 -16.83
C LYS A 605 -26.06 -17.01 -15.41
N ASP A 606 -26.91 -16.61 -14.46
CA ASP A 606 -26.56 -16.63 -13.05
C ASP A 606 -26.52 -18.06 -12.56
N MET A 607 -25.31 -18.60 -12.36
CA MET A 607 -25.14 -19.98 -11.94
C MET A 607 -25.04 -20.08 -10.42
N THR A 608 -26.02 -19.48 -9.73
CA THR A 608 -26.04 -19.44 -8.28
C THR A 608 -27.04 -20.43 -7.68
N LYS A 609 -28.15 -20.65 -8.36
CA LYS A 609 -29.15 -21.61 -7.89
C LYS A 609 -28.78 -23.05 -8.20
N GLU A 610 -27.70 -23.28 -8.94
CA GLU A 610 -27.25 -24.64 -9.23
C GLU A 610 -26.17 -25.10 -8.26
N PHE A 611 -25.42 -24.18 -7.65
CA PHE A 611 -24.53 -24.56 -6.56
C PHE A 611 -25.35 -24.85 -5.31
N PHE A 612 -26.06 -23.86 -4.80
CA PHE A 612 -26.99 -24.04 -3.70
C PHE A 612 -28.38 -24.31 -4.26
N GLU A 613 -29.21 -24.98 -3.45
CA GLU A 613 -30.57 -25.37 -3.78
C GLU A 613 -30.64 -26.55 -4.74
N ASN A 614 -29.51 -27.03 -5.25
CA ASN A 614 -29.46 -28.19 -6.13
C ASN A 614 -28.81 -29.31 -5.35
N LYS A 615 -29.63 -30.06 -4.61
CA LYS A 615 -29.12 -31.16 -3.79
C LYS A 615 -28.56 -32.30 -4.64
N SER A 616 -28.99 -32.42 -5.89
CA SER A 616 -28.47 -33.49 -6.74
C SER A 616 -26.98 -33.31 -7.03
N GLU A 617 -26.53 -32.07 -7.20
CA GLU A 617 -25.14 -31.81 -7.55
C GLU A 617 -24.22 -32.09 -6.38
N THR A 618 -23.03 -32.62 -6.69
CA THR A 618 -22.02 -32.89 -5.67
C THR A 618 -20.64 -32.67 -6.28
N TRP A 619 -19.68 -32.34 -5.42
CA TRP A 619 -18.30 -32.10 -5.82
C TRP A 619 -17.39 -33.15 -5.20
N PRO A 620 -16.34 -33.59 -5.91
CA PRO A 620 -15.40 -34.56 -5.31
C PRO A 620 -14.52 -33.86 -4.29
N ILE A 621 -14.70 -34.20 -3.01
CA ILE A 621 -14.06 -33.43 -1.94
C ILE A 621 -13.37 -34.35 -0.95
N GLY A 622 -13.14 -35.60 -1.33
CA GLY A 622 -12.49 -36.52 -0.43
C GLY A 622 -12.07 -37.77 -1.16
N GLU A 623 -11.27 -38.57 -0.47
CA GLU A 623 -10.76 -39.83 -0.99
C GLU A 623 -11.00 -40.92 0.04
N SER A 624 -11.55 -42.04 -0.42
CA SER A 624 -11.71 -43.22 0.42
C SER A 624 -10.98 -44.37 -0.24
N PRO A 625 -10.78 -45.50 0.43
CA PRO A 625 -10.04 -46.61 -0.18
C PRO A 625 -10.64 -47.10 -1.48
N LYS A 626 -11.95 -46.97 -1.68
CA LYS A 626 -12.57 -47.40 -2.93
C LYS A 626 -12.29 -46.43 -4.07
N GLY A 627 -12.27 -45.13 -3.77
CA GLY A 627 -12.04 -44.14 -4.81
C GLY A 627 -12.18 -42.71 -4.31
N VAL A 628 -12.74 -41.84 -5.14
CA VAL A 628 -12.94 -40.44 -4.81
C VAL A 628 -14.34 -40.27 -4.25
N GLU A 629 -14.46 -39.58 -3.12
CA GLU A 629 -15.73 -39.38 -2.46
C GLU A 629 -16.29 -37.99 -2.74
N GLU A 630 -17.61 -37.93 -2.87
CA GLU A 630 -18.33 -36.72 -3.22
C GLU A 630 -18.91 -36.07 -1.97
N GLY A 631 -19.33 -34.82 -2.12
CA GLY A 631 -19.96 -34.09 -1.04
C GLY A 631 -20.84 -33.00 -1.57
N SER A 632 -21.70 -32.49 -0.70
CA SER A 632 -22.62 -31.42 -1.08
C SER A 632 -21.92 -30.07 -1.04
N ILE A 633 -22.64 -29.04 -1.51
CA ILE A 633 -22.05 -27.71 -1.59
C ILE A 633 -21.71 -27.19 -0.20
N GLY A 634 -22.56 -27.50 0.79
CA GLY A 634 -22.26 -27.08 2.15
C GLY A 634 -20.95 -27.67 2.66
N LYS A 635 -20.73 -28.96 2.38
CA LYS A 635 -19.47 -29.56 2.79
C LYS A 635 -18.30 -28.95 2.05
N VAL A 636 -18.48 -28.55 0.79
CA VAL A 636 -17.41 -27.88 0.06
C VAL A 636 -17.09 -26.53 0.69
N CYS A 637 -18.11 -25.77 1.07
CA CYS A 637 -17.87 -24.49 1.74
C CYS A 637 -17.13 -24.69 3.05
N ARG A 638 -17.56 -25.68 3.83
CA ARG A 638 -16.89 -25.94 5.11
C ARG A 638 -15.45 -26.40 4.89
N THR A 639 -15.22 -27.21 3.85
CA THR A 639 -13.86 -27.68 3.56
C THR A 639 -12.96 -26.52 3.16
N LEU A 640 -13.47 -25.61 2.32
CA LEU A 640 -12.66 -24.46 1.94
C LEU A 640 -12.37 -23.57 3.14
N LEU A 641 -13.36 -23.36 4.00
CA LEU A 641 -13.13 -22.58 5.21
C LEU A 641 -12.08 -23.24 6.10
N ALA A 642 -12.16 -24.56 6.26
CA ALA A 642 -11.19 -25.26 7.10
C ALA A 642 -9.80 -25.16 6.50
N LYS A 643 -9.67 -25.28 5.18
CA LYS A 643 -8.38 -25.12 4.53
C LYS A 643 -7.82 -23.73 4.76
N SER A 644 -8.65 -22.70 4.62
CA SER A 644 -8.18 -21.34 4.84
C SER A 644 -7.75 -21.13 6.28
N VAL A 645 -8.53 -21.64 7.23
CA VAL A 645 -8.19 -21.50 8.64
C VAL A 645 -6.88 -22.19 8.95
N PHE A 646 -6.69 -23.40 8.41
CA PHE A 646 -5.45 -24.12 8.67
C PHE A 646 -4.26 -23.43 8.03
N ASN A 647 -4.45 -22.84 6.84
CA ASN A 647 -3.38 -22.05 6.23
C ASN A 647 -3.00 -20.88 7.11
N SER A 648 -4.00 -20.16 7.63
CA SER A 648 -3.73 -19.05 8.53
C SER A 648 -3.20 -19.50 9.88
N LEU A 649 -3.37 -20.78 10.21
CA LEU A 649 -3.06 -21.31 11.53
C LEU A 649 -1.74 -22.06 11.57
N TYR A 650 -1.36 -22.70 10.47
CA TYR A 650 -0.06 -23.37 10.32
C TYR A 650 0.82 -22.62 9.33
N ALA A 651 0.71 -21.30 9.34
CA ALA A 651 1.47 -20.48 8.40
C ALA A 651 2.96 -20.72 8.57
N SER A 652 3.66 -20.85 7.46
CA SER A 652 5.10 -21.12 7.46
C SER A 652 5.65 -20.72 6.11
N PRO A 653 6.96 -20.46 6.02
CA PRO A 653 7.57 -20.16 4.72
C PRO A 653 7.67 -21.36 3.78
N GLN A 654 7.48 -22.57 4.29
CA GLN A 654 7.47 -23.77 3.46
C GLN A 654 6.13 -23.99 2.78
N LEU A 655 5.07 -23.32 3.23
CA LEU A 655 3.77 -23.39 2.59
C LEU A 655 3.62 -22.41 1.45
N GLU A 656 4.18 -21.20 1.59
CA GLU A 656 4.11 -20.18 0.56
C GLU A 656 4.80 -20.61 -0.73
N GLY A 657 5.96 -21.24 -0.63
CA GLY A 657 6.66 -21.72 -1.80
C GLY A 657 6.02 -22.97 -2.37
N PHE A 658 5.58 -23.86 -1.47
CA PHE A 658 4.95 -25.08 -1.94
C PHE A 658 3.69 -24.78 -2.75
N SER A 659 2.85 -23.87 -2.25
CA SER A 659 1.66 -23.51 -3.00
C SER A 659 2.02 -22.91 -4.35
N ALA A 660 3.02 -22.03 -4.37
CA ALA A 660 3.39 -21.37 -5.62
C ALA A 660 3.84 -22.37 -6.67
N GLU A 661 4.67 -23.33 -6.28
CA GLU A 661 5.18 -24.30 -7.27
C GLU A 661 4.13 -25.34 -7.64
N SER A 662 3.40 -25.86 -6.66
CA SER A 662 2.33 -26.80 -6.96
C SER A 662 1.26 -26.16 -7.82
N ARG A 663 1.12 -24.83 -7.77
CA ARG A 663 0.17 -24.16 -8.66
C ARG A 663 0.59 -24.32 -10.11
N LYS A 664 1.89 -24.12 -10.40
CA LYS A 664 2.37 -24.35 -11.76
C LYS A 664 2.19 -25.79 -12.17
N LEU A 665 2.49 -26.72 -11.27
CA LEU A 665 2.31 -28.13 -11.60
C LEU A 665 0.85 -28.45 -11.90
N LEU A 666 -0.07 -27.90 -11.09
CA LEU A 666 -1.49 -28.11 -11.30
C LEU A 666 -1.95 -27.50 -12.62
N LEU A 667 -1.41 -26.33 -12.97
CA LEU A 667 -1.79 -25.71 -14.24
C LEU A 667 -1.30 -26.53 -15.42
N ILE A 668 -0.10 -27.11 -15.31
CA ILE A 668 0.38 -28.02 -16.37
C ILE A 668 -0.56 -29.22 -16.48
N VAL A 669 -0.94 -29.79 -15.34
CA VAL A 669 -1.83 -30.95 -15.36
C VAL A 669 -3.17 -30.58 -16.01
N GLN A 670 -3.71 -29.42 -15.66
CA GLN A 670 -4.97 -28.98 -16.26
C GLN A 670 -4.83 -28.79 -17.75
N ALA A 671 -3.73 -28.18 -18.19
CA ALA A 671 -3.51 -28.03 -19.63
C ALA A 671 -3.48 -29.39 -20.32
N LEU A 672 -2.90 -30.39 -19.65
CA LEU A 672 -2.96 -31.75 -20.19
C LEU A 672 -4.39 -32.25 -20.28
N ARG A 673 -5.18 -32.03 -19.23
CA ARG A 673 -6.56 -32.51 -19.22
C ARG A 673 -7.43 -31.81 -20.25
N ASP A 674 -7.04 -30.61 -20.68
CA ASP A 674 -7.80 -29.85 -21.67
C ASP A 674 -7.39 -30.18 -23.10
N ASN A 675 -6.50 -31.15 -23.29
CA ASN A 675 -6.01 -31.51 -24.63
C ASN A 675 -5.37 -30.32 -25.32
N LEU A 676 -4.58 -29.56 -24.57
CA LEU A 676 -3.86 -28.40 -25.09
C LEU A 676 -2.39 -28.71 -25.37
N GLU A 677 -1.99 -29.98 -25.33
CA GLU A 677 -0.63 -30.38 -25.66
C GLU A 677 0.40 -29.61 -24.83
N PRO A 678 0.38 -29.78 -23.51
CA PRO A 678 1.33 -29.06 -22.67
C PRO A 678 2.75 -29.55 -22.88
N GLY A 679 3.70 -28.67 -22.61
CA GLY A 679 5.10 -29.04 -22.65
C GLY A 679 5.87 -28.25 -21.63
N THR A 680 6.89 -28.88 -21.07
CA THR A 680 7.75 -28.28 -20.05
C THR A 680 9.14 -28.09 -20.63
N PHE A 681 9.96 -27.34 -19.89
CA PHE A 681 11.36 -27.14 -20.24
C PHE A 681 12.33 -27.84 -19.31
N ASP A 682 12.05 -27.84 -18.01
CA ASP A 682 12.79 -28.68 -17.05
C ASP A 682 11.81 -29.06 -15.95
N LEU A 683 11.15 -30.20 -16.11
CA LEU A 683 10.18 -30.64 -15.11
C LEU A 683 10.89 -31.11 -13.84
N GLY A 684 12.06 -31.73 -13.98
CA GLY A 684 12.80 -32.14 -12.80
C GLY A 684 13.13 -30.98 -11.90
N GLY A 685 13.49 -29.84 -12.49
CA GLY A 685 13.75 -28.65 -11.68
C GLY A 685 12.53 -28.16 -10.94
N LEU A 686 11.37 -28.18 -11.61
CA LEU A 686 10.14 -27.79 -10.94
C LEU A 686 9.82 -28.72 -9.78
N TYR A 687 10.02 -30.03 -9.99
CA TYR A 687 9.78 -30.98 -8.92
C TYR A 687 10.75 -30.75 -7.75
N GLU A 688 12.01 -30.45 -8.05
CA GLU A 688 12.96 -30.14 -7.00
C GLU A 688 12.55 -28.89 -6.23
N ALA A 689 12.07 -27.88 -6.95
CA ALA A 689 11.60 -26.66 -6.28
C ALA A 689 10.38 -26.94 -5.41
N ILE A 690 9.51 -27.85 -5.84
CA ILE A 690 8.37 -28.23 -5.01
C ILE A 690 8.83 -28.96 -3.76
N GLU A 691 9.75 -29.90 -3.91
CA GLU A 691 10.14 -30.79 -2.82
C GLU A 691 11.16 -30.19 -1.87
N GLU A 692 11.86 -29.12 -2.25
CA GLU A 692 12.85 -28.54 -1.35
C GLU A 692 12.22 -27.90 -0.13
N CYS A 693 10.89 -27.71 -0.13
CA CYS A 693 10.17 -27.12 0.99
C CYS A 693 9.28 -28.13 1.71
N LEU A 694 9.43 -29.42 1.41
CA LEU A 694 8.76 -30.49 2.16
C LEU A 694 9.80 -31.05 3.13
N ILE A 695 9.82 -30.50 4.35
CA ILE A 695 10.85 -30.87 5.31
C ILE A 695 10.25 -31.45 6.59
N ASN A 696 9.55 -30.62 7.36
CA ASN A 696 8.98 -31.08 8.62
C ASN A 696 7.57 -30.58 8.91
N ASP A 697 7.05 -29.61 8.17
CA ASP A 697 5.75 -29.04 8.51
C ASP A 697 4.66 -30.10 8.35
N PRO A 698 3.74 -30.23 9.32
CA PRO A 698 2.64 -31.17 9.11
C PRO A 698 1.66 -30.73 8.03
N TRP A 699 1.27 -29.45 8.03
CA TRP A 699 0.28 -28.97 7.09
C TRP A 699 0.78 -29.07 5.65
N VAL A 700 2.03 -28.65 5.42
CA VAL A 700 2.58 -28.70 4.07
C VAL A 700 2.75 -30.15 3.61
N LEU A 701 3.19 -31.03 4.52
CA LEU A 701 3.32 -32.44 4.18
C LEU A 701 1.99 -33.10 3.89
N LEU A 702 0.90 -32.65 4.52
CA LEU A 702 -0.43 -33.14 4.19
C LEU A 702 -0.90 -32.59 2.85
N ASN A 703 -0.59 -31.33 2.55
CA ASN A 703 -0.94 -30.77 1.25
C ASN A 703 -0.22 -31.51 0.14
N ALA A 704 1.02 -31.93 0.38
CA ALA A 704 1.74 -32.70 -0.61
C ALA A 704 1.07 -34.05 -0.86
N SER A 705 0.58 -34.71 0.20
CA SER A 705 -0.15 -35.96 0.02
C SER A 705 -1.44 -35.74 -0.73
N TRP A 706 -2.13 -34.63 -0.44
CA TRP A 706 -3.32 -34.28 -1.20
C TRP A 706 -3.00 -34.13 -2.68
N PHE A 707 -1.89 -33.45 -2.99
CA PHE A 707 -1.51 -33.29 -4.39
C PHE A 707 -1.16 -34.62 -5.03
N ASN A 708 -0.54 -35.52 -4.28
CA ASN A 708 -0.24 -36.84 -4.81
C ASN A 708 -1.53 -37.60 -5.14
N SER A 709 -2.52 -37.52 -4.25
CA SER A 709 -3.79 -38.19 -4.53
C SER A 709 -4.47 -37.57 -5.75
N PHE A 710 -4.42 -36.24 -5.86
CA PHE A 710 -5.02 -35.58 -7.02
C PHE A 710 -4.32 -36.02 -8.31
N LEU A 711 -2.99 -36.12 -8.27
CA LEU A 711 -2.27 -36.59 -9.44
C LEU A 711 -2.68 -38.02 -9.79
N THR A 712 -2.82 -38.88 -8.78
CA THR A 712 -3.19 -40.26 -9.03
C THR A 712 -4.56 -40.35 -9.68
N HIS A 713 -5.51 -39.54 -9.23
CA HIS A 713 -6.89 -39.69 -9.72
C HIS A 713 -7.11 -38.94 -11.03
N ALA A 714 -6.52 -37.76 -11.18
CA ALA A 714 -6.79 -36.92 -12.34
C ALA A 714 -6.25 -37.54 -13.62
N LEU A 715 -4.99 -37.96 -13.60
CA LEU A 715 -4.36 -38.55 -14.78
C LEU A 715 -4.64 -40.05 -14.83
N ARG A 716 -5.93 -40.38 -14.91
CA ARG A 716 -6.37 -41.76 -14.90
C ARG A 716 -7.38 -41.99 -16.03
N MET B 1 -14.93 -40.54 5.06
CA MET B 1 -13.88 -40.27 4.04
C MET B 1 -12.81 -39.34 4.61
N ASP B 2 -11.73 -39.19 3.86
CA ASP B 2 -10.66 -38.25 4.19
C ASP B 2 -10.80 -37.03 3.31
N VAL B 3 -10.99 -35.87 3.91
CA VAL B 3 -11.30 -34.67 3.15
C VAL B 3 -10.02 -34.19 2.47
N ASN B 4 -10.08 -34.03 1.15
CA ASN B 4 -8.94 -33.62 0.34
C ASN B 4 -9.40 -32.51 -0.59
N PRO B 5 -9.28 -31.25 -0.18
CA PRO B 5 -9.82 -30.16 -1.00
C PRO B 5 -9.23 -30.10 -2.40
N THR B 6 -7.99 -30.57 -2.60
CA THR B 6 -7.39 -30.50 -3.92
C THR B 6 -8.20 -31.28 -4.94
N LEU B 7 -8.80 -32.40 -4.53
CA LEU B 7 -9.64 -33.17 -5.44
C LEU B 7 -10.76 -32.34 -6.04
N LEU B 8 -11.03 -31.16 -5.49
CA LEU B 8 -12.04 -30.29 -6.07
C LEU B 8 -11.72 -29.97 -7.52
N PHE B 9 -10.45 -30.03 -7.91
CA PHE B 9 -10.05 -29.72 -9.27
C PHE B 9 -10.36 -30.85 -10.24
N LEU B 10 -10.82 -32.01 -9.75
CA LEU B 10 -11.23 -33.08 -10.65
C LEU B 10 -12.51 -32.75 -11.39
N LYS B 11 -13.28 -31.80 -10.91
CA LYS B 11 -14.51 -31.37 -11.57
C LYS B 11 -14.47 -29.91 -12.00
N VAL B 12 -13.97 -29.02 -11.15
CA VAL B 12 -13.84 -27.60 -11.48
C VAL B 12 -12.50 -27.38 -12.14
N PRO B 13 -12.44 -26.80 -13.35
CA PRO B 13 -11.14 -26.55 -13.98
C PRO B 13 -10.18 -25.81 -13.06
N ALA B 14 -8.88 -25.89 -13.35
CA ALA B 14 -7.90 -25.30 -12.44
C ALA B 14 -8.08 -23.79 -12.34
N GLN B 15 -8.29 -23.11 -13.47
CA GLN B 15 -8.40 -21.65 -13.43
C GLN B 15 -9.59 -21.20 -12.62
N ASN B 16 -10.72 -21.91 -12.72
CA ASN B 16 -11.92 -21.49 -12.03
C ASN B 16 -11.73 -21.48 -10.51
N ALA B 17 -11.09 -22.52 -9.97
CA ALA B 17 -10.90 -22.66 -8.53
C ALA B 17 -9.47 -22.40 -8.11
N ILE B 18 -8.69 -21.68 -8.92
CA ILE B 18 -7.30 -21.39 -8.58
C ILE B 18 -7.17 -20.43 -7.41
N SER B 19 -8.27 -19.80 -6.98
CA SER B 19 -8.22 -18.97 -5.79
C SER B 19 -7.94 -19.77 -4.54
N THR B 20 -8.18 -21.08 -4.56
CA THR B 20 -7.96 -21.92 -3.40
C THR B 20 -6.49 -22.29 -3.20
N THR B 21 -5.64 -22.02 -4.19
CA THR B 21 -4.22 -22.35 -4.10
C THR B 21 -3.38 -21.20 -3.55
N PHE B 22 -4.00 -20.07 -3.21
CA PHE B 22 -3.29 -18.96 -2.58
C PHE B 22 -3.53 -19.03 -1.08
N PRO B 23 -2.53 -19.35 -0.25
CA PRO B 23 -2.82 -19.65 1.15
C PRO B 23 -3.26 -18.45 1.98
N TYR B 24 -2.55 -17.34 1.86
CA TYR B 24 -2.69 -16.23 2.78
C TYR B 24 -3.51 -15.10 2.19
N THR B 25 -4.11 -14.32 3.08
CA THR B 25 -4.76 -13.05 2.74
C THR B 25 -4.06 -11.98 3.57
N GLY B 26 -2.95 -11.46 3.05
CA GLY B 26 -2.13 -10.51 3.75
C GLY B 26 -0.73 -11.05 4.02
N ASP B 27 0.09 -10.18 4.58
CA ASP B 27 1.48 -10.54 4.84
C ASP B 27 1.54 -11.65 5.87
N PRO B 28 2.34 -12.70 5.65
CA PRO B 28 2.44 -13.77 6.64
C PRO B 28 3.15 -13.29 7.89
N PRO B 29 3.08 -14.07 8.98
CA PRO B 29 3.69 -13.63 10.25
C PRO B 29 5.17 -13.96 10.37
N TYR B 30 5.83 -14.25 9.26
CA TYR B 30 7.25 -14.57 9.25
C TYR B 30 7.96 -13.67 8.25
N SER B 31 9.28 -13.74 8.25
CA SER B 31 10.10 -12.94 7.35
C SER B 31 10.48 -13.74 6.10
N GLY B 35 18.43 -10.95 5.68
CA GLY B 35 19.56 -11.44 6.45
C GLY B 35 20.88 -11.19 5.75
N THR B 36 21.98 -11.31 6.50
CA THR B 36 23.30 -11.10 5.90
C THR B 36 23.73 -12.29 5.06
N GLY B 37 23.37 -13.51 5.49
CA GLY B 37 23.70 -14.68 4.69
C GLY B 37 23.05 -14.64 3.32
N TYR B 38 21.79 -14.21 3.26
CA TYR B 38 21.10 -14.11 1.98
C TYR B 38 21.75 -13.04 1.10
N THR B 39 22.18 -11.93 1.68
CA THR B 39 22.87 -10.91 0.89
C THR B 39 24.18 -11.44 0.34
N MET B 40 24.94 -12.17 1.17
CA MET B 40 26.17 -12.77 0.68
C MET B 40 25.89 -13.74 -0.46
N ASP B 41 24.83 -14.55 -0.33
CA ASP B 41 24.46 -15.47 -1.39
C ASP B 41 24.09 -14.72 -2.66
N THR B 42 23.36 -13.62 -2.53
CA THR B 42 22.98 -12.83 -3.69
C THR B 42 24.20 -12.26 -4.40
N VAL B 43 25.14 -11.71 -3.63
CA VAL B 43 26.35 -11.16 -4.23
C VAL B 43 27.15 -12.27 -4.92
N ASN B 44 27.27 -13.43 -4.27
CA ASN B 44 28.03 -14.53 -4.86
C ASN B 44 27.38 -15.01 -6.14
N ARG B 45 26.06 -15.15 -6.16
CA ARG B 45 25.37 -15.55 -7.38
C ARG B 45 25.56 -14.51 -8.48
N THR B 46 25.45 -13.23 -8.13
CA THR B 46 25.58 -12.18 -9.13
C THR B 46 26.97 -12.21 -9.76
N HIS B 47 28.01 -12.40 -8.96
CA HIS B 47 29.37 -12.41 -9.49
C HIS B 47 29.74 -13.75 -10.10
N GLN B 48 28.99 -14.82 -9.82
CA GLN B 48 29.30 -16.13 -10.38
C GLN B 48 28.62 -16.36 -11.72
N TYR B 49 27.45 -15.75 -11.93
CA TYR B 49 26.78 -15.84 -13.21
C TYR B 49 27.52 -15.08 -14.30
N SER B 50 28.51 -14.27 -13.95
CA SER B 50 29.26 -13.47 -14.91
C SER B 50 30.76 -13.54 -14.64
N GLU B 51 31.23 -14.68 -14.13
CA GLU B 51 32.61 -14.80 -13.68
C GLU B 51 33.62 -14.69 -14.81
N LYS B 52 33.20 -14.78 -16.06
CA LYS B 52 34.13 -14.75 -17.18
C LYS B 52 34.39 -13.35 -17.72
N GLY B 53 33.86 -12.32 -17.06
CA GLY B 53 34.11 -10.95 -17.49
C GLY B 53 35.43 -10.42 -16.96
N ARG B 54 35.74 -9.20 -17.38
CA ARG B 54 36.96 -8.53 -16.97
C ARG B 54 36.89 -8.17 -15.49
N TRP B 55 38.05 -8.09 -14.85
CA TRP B 55 38.17 -7.63 -13.47
C TRP B 55 38.96 -6.33 -13.47
N THR B 56 38.39 -5.29 -12.88
CA THR B 56 39.07 -3.99 -12.80
C THR B 56 38.84 -3.38 -11.43
N THR B 57 39.83 -2.63 -10.96
CA THR B 57 39.78 -1.97 -9.65
C THR B 57 39.42 -0.51 -9.87
N ASN B 58 38.28 -0.09 -9.34
CA ASN B 58 37.84 1.29 -9.52
C ASN B 58 38.86 2.25 -8.93
N THR B 59 39.19 3.30 -9.69
CA THR B 59 40.18 4.26 -9.26
C THR B 59 39.65 5.20 -8.17
N GLU B 60 38.34 5.35 -8.06
CA GLU B 60 37.73 6.23 -7.08
C GLU B 60 37.23 5.50 -5.85
N THR B 61 36.41 4.47 -6.01
CA THR B 61 35.89 3.70 -4.90
C THR B 61 36.87 2.63 -4.42
N GLY B 62 37.91 2.35 -5.19
CA GLY B 62 38.91 1.38 -4.78
C GLY B 62 38.32 0.02 -4.50
N ALA B 63 37.47 -0.47 -5.39
CA ALA B 63 36.78 -1.73 -5.20
C ALA B 63 36.95 -2.61 -6.45
N PRO B 64 37.01 -3.93 -6.28
CA PRO B 64 36.97 -4.80 -7.47
C PRO B 64 35.62 -4.73 -8.16
N GLN B 65 35.64 -4.86 -9.48
CA GLN B 65 34.43 -4.75 -10.28
C GLN B 65 34.54 -5.69 -11.48
N LEU B 66 33.42 -6.34 -11.79
CA LEU B 66 33.34 -7.34 -12.85
C LEU B 66 32.58 -6.76 -14.03
N ASN B 67 33.18 -6.85 -15.22
CA ASN B 67 32.63 -6.30 -16.45
C ASN B 67 32.43 -7.44 -17.44
N PRO B 68 31.27 -8.08 -17.45
CA PRO B 68 31.02 -9.19 -18.38
C PRO B 68 30.45 -8.77 -19.72
N ILE B 69 30.16 -7.49 -19.92
CA ILE B 69 29.58 -7.04 -21.17
C ILE B 69 30.49 -7.45 -22.32
N ASP B 70 29.88 -7.87 -23.43
CA ASP B 70 30.62 -8.31 -24.61
C ASP B 70 31.58 -9.45 -24.25
N GLY B 71 31.22 -10.23 -23.23
CA GLY B 71 32.02 -11.35 -22.82
C GLY B 71 31.78 -12.56 -23.69
N PRO B 72 32.38 -13.69 -23.34
CA PRO B 72 32.18 -14.90 -24.15
C PRO B 72 30.70 -15.27 -24.22
N LEU B 73 30.28 -15.71 -25.40
CA LEU B 73 28.90 -16.14 -25.56
C LEU B 73 28.65 -17.40 -24.74
N PRO B 74 27.50 -17.50 -24.06
CA PRO B 74 27.25 -18.68 -23.23
C PRO B 74 27.21 -19.95 -24.07
N GLU B 75 27.63 -21.05 -23.46
CA GLU B 75 27.64 -22.36 -24.11
C GLU B 75 26.88 -23.41 -23.32
N ASP B 76 26.01 -22.99 -22.41
CA ASP B 76 25.17 -23.91 -21.66
C ASP B 76 23.96 -23.16 -21.14
N ASN B 77 22.92 -23.92 -20.79
CA ASN B 77 21.66 -23.35 -20.32
C ASN B 77 21.74 -23.00 -18.83
N GLU B 78 22.62 -22.06 -18.53
CA GLU B 78 22.81 -21.56 -17.18
C GLU B 78 22.69 -20.04 -17.19
N PRO B 79 22.26 -19.43 -16.10
CA PRO B 79 22.17 -17.96 -16.08
C PRO B 79 23.50 -17.34 -16.44
N SER B 80 23.47 -16.39 -17.36
CA SER B 80 24.68 -15.72 -17.83
C SER B 80 24.38 -14.23 -18.01
N GLY B 81 25.32 -13.41 -17.56
CA GLY B 81 25.21 -11.97 -17.66
C GLY B 81 26.01 -11.35 -18.79
N TYR B 82 26.44 -12.14 -19.78
CA TYR B 82 27.29 -11.63 -20.86
C TYR B 82 26.41 -11.04 -21.97
N ALA B 83 25.76 -9.93 -21.63
CA ALA B 83 24.97 -9.19 -22.60
C ALA B 83 25.89 -8.56 -23.65
N GLN B 84 25.48 -8.61 -24.91
CA GLN B 84 26.25 -8.03 -25.99
C GLN B 84 25.75 -6.62 -26.27
N THR B 85 26.67 -5.66 -26.27
CA THR B 85 26.29 -4.27 -26.47
C THR B 85 25.64 -4.07 -27.84
N ASP B 86 26.24 -4.64 -28.88
CA ASP B 86 25.70 -4.46 -30.22
C ASP B 86 24.30 -5.03 -30.33
N CYS B 87 24.07 -6.20 -29.70
CA CYS B 87 22.74 -6.80 -29.74
C CYS B 87 21.70 -5.93 -29.03
N VAL B 88 22.07 -5.38 -27.87
CA VAL B 88 21.14 -4.52 -27.13
C VAL B 88 20.81 -3.28 -27.95
N LEU B 89 21.83 -2.66 -28.53
CA LEU B 89 21.59 -1.47 -29.34
C LEU B 89 20.74 -1.80 -30.55
N GLU B 90 20.98 -2.95 -31.18
CA GLU B 90 20.19 -3.35 -32.34
C GLU B 90 18.73 -3.57 -31.96
N ALA B 91 18.50 -4.22 -30.83
CA ALA B 91 17.12 -4.44 -30.37
C ALA B 91 16.43 -3.11 -30.09
N MET B 92 17.14 -2.18 -29.46
CA MET B 92 16.55 -0.88 -29.18
C MET B 92 16.23 -0.14 -30.48
N ALA B 93 17.15 -0.23 -31.45
CA ALA B 93 16.92 0.42 -32.73
C ALA B 93 15.71 -0.17 -33.45
N PHE B 94 15.56 -1.49 -33.41
CA PHE B 94 14.40 -2.10 -34.05
C PHE B 94 13.11 -1.73 -33.33
N LEU B 95 13.16 -1.62 -32.00
CA LEU B 95 11.99 -1.14 -31.27
C LEU B 95 11.63 0.27 -31.71
N GLU B 96 12.63 1.13 -31.89
CA GLU B 96 12.38 2.47 -32.41
C GLU B 96 11.76 2.40 -33.80
N GLU B 97 12.27 1.51 -34.66
CA GLU B 97 11.75 1.42 -36.02
C GLU B 97 10.29 0.98 -36.03
N SER B 98 9.93 0.02 -35.18
CA SER B 98 8.55 -0.45 -35.17
C SER B 98 7.57 0.61 -34.68
N HIS B 99 8.04 1.53 -33.83
CA HIS B 99 7.20 2.61 -33.30
C HIS B 99 7.91 3.95 -33.53
N PRO B 100 7.92 4.44 -34.77
CA PRO B 100 8.69 5.66 -35.06
C PRO B 100 8.29 6.84 -34.19
N GLY B 101 9.29 7.58 -33.71
CA GLY B 101 9.04 8.74 -32.88
C GLY B 101 8.78 8.44 -31.42
N ILE B 102 8.88 7.19 -31.01
CA ILE B 102 8.59 6.85 -29.61
C ILE B 102 9.63 7.47 -28.68
N PHE B 103 10.92 7.31 -29.00
CA PHE B 103 11.96 7.80 -28.10
C PHE B 103 12.00 9.33 -28.09
N GLU B 104 11.90 9.96 -29.26
CA GLU B 104 11.91 11.42 -29.28
C GLU B 104 10.74 12.00 -28.50
N ASN B 105 9.54 11.46 -28.71
CA ASN B 105 8.37 11.96 -28.00
C ASN B 105 8.50 11.74 -26.49
N SER B 106 8.99 10.56 -26.10
CA SER B 106 9.14 10.28 -24.67
C SER B 106 10.15 11.23 -24.05
N CYS B 107 11.28 11.47 -24.72
CA CYS B 107 12.28 12.38 -24.19
C CYS B 107 11.74 13.80 -24.09
N LEU B 108 11.00 14.25 -25.10
CA LEU B 108 10.42 15.58 -25.05
C LEU B 108 9.45 15.71 -23.90
N GLU B 109 8.62 14.69 -23.68
CA GLU B 109 7.71 14.70 -22.54
C GLU B 109 8.49 14.72 -21.22
N THR B 110 9.60 14.00 -21.16
CA THR B 110 10.35 13.90 -19.91
C THR B 110 11.14 15.17 -19.59
N MET B 111 11.52 15.95 -20.61
CA MET B 111 12.26 17.17 -20.33
C MET B 111 11.45 18.12 -19.46
N GLU B 112 10.15 18.24 -19.74
CA GLU B 112 9.31 19.13 -18.92
C GLU B 112 9.29 18.66 -17.47
N VAL B 113 9.18 17.35 -17.26
CA VAL B 113 9.16 16.82 -15.89
C VAL B 113 10.50 17.07 -15.22
N VAL B 114 11.60 16.96 -15.97
CA VAL B 114 12.92 17.21 -15.40
C VAL B 114 13.04 18.67 -14.97
N GLN B 115 12.56 19.60 -15.81
CA GLN B 115 12.73 21.01 -15.51
C GLN B 115 11.78 21.49 -14.41
N GLN B 116 10.58 20.92 -14.34
CA GLN B 116 9.52 21.41 -13.46
C GLN B 116 9.17 20.40 -12.37
N THR B 117 10.17 19.80 -11.75
CA THR B 117 9.98 18.88 -10.64
C THR B 117 10.59 19.48 -9.38
N ARG B 118 9.82 19.48 -8.29
CA ARG B 118 10.25 20.09 -7.05
C ARG B 118 11.02 19.08 -6.20
N VAL B 119 11.77 19.61 -5.23
CA VAL B 119 12.55 18.76 -4.34
C VAL B 119 11.64 17.92 -3.45
N ASP B 120 10.47 18.45 -3.09
CA ASP B 120 9.56 17.70 -2.23
C ASP B 120 9.12 16.39 -2.86
N LYS B 121 9.14 16.29 -4.19
CA LYS B 121 8.80 15.03 -4.85
C LYS B 121 9.72 13.91 -4.41
N LEU B 122 10.90 14.24 -3.91
CA LEU B 122 11.86 13.25 -3.45
C LEU B 122 11.51 12.67 -2.09
N THR B 123 10.48 13.20 -1.42
CA THR B 123 10.05 12.69 -0.13
C THR B 123 8.95 11.63 -0.25
N GLN B 124 8.47 11.35 -1.45
CA GLN B 124 7.29 10.50 -1.64
C GLN B 124 7.67 9.06 -1.99
N GLY B 125 7.98 8.26 -0.98
CA GLY B 125 8.22 6.84 -1.17
C GLY B 125 8.40 6.11 0.14
N ARG B 126 9.24 5.09 0.10
CA ARG B 126 9.49 4.19 1.21
C ARG B 126 10.75 4.61 1.95
N GLN B 127 11.14 3.81 2.96
CA GLN B 127 12.35 4.09 3.70
C GLN B 127 13.56 4.05 2.78
N THR B 128 14.51 4.95 3.03
CA THR B 128 15.70 5.05 2.19
C THR B 128 16.92 5.10 3.10
N TYR B 129 17.98 4.40 2.70
CA TYR B 129 19.24 4.44 3.43
C TYR B 129 19.71 5.87 3.62
N ASP B 130 19.98 6.27 4.85
CA ASP B 130 20.52 7.58 5.18
C ASP B 130 22.00 7.42 5.49
N TRP B 131 22.83 8.09 4.68
CA TRP B 131 24.28 8.10 4.82
C TRP B 131 24.75 8.97 5.97
N THR B 132 23.95 9.93 6.42
CA THR B 132 24.29 10.73 7.59
C THR B 132 24.26 9.93 8.87
N LEU B 133 23.31 9.00 9.00
CA LEU B 133 23.21 8.14 10.17
C LEU B 133 23.53 6.69 9.86
N ASN B 134 23.81 6.34 8.61
CA ASN B 134 24.04 4.95 8.21
C ASN B 134 22.88 4.06 8.65
N ARG B 135 21.66 4.48 8.34
CA ARG B 135 20.50 3.74 8.82
C ARG B 135 19.30 3.96 7.92
N ASN B 136 18.39 3.00 7.90
CA ASN B 136 17.16 3.18 7.14
C ASN B 136 16.22 4.13 7.89
N GLN B 137 15.87 5.22 7.22
CA GLN B 137 15.01 6.25 7.77
C GLN B 137 13.91 6.55 6.76
N PRO B 138 12.80 7.14 7.21
CA PRO B 138 11.76 7.56 6.27
C PRO B 138 12.33 8.50 5.21
N ALA B 139 11.64 8.55 4.07
CA ALA B 139 12.12 9.35 2.95
C ALA B 139 12.25 10.82 3.31
N ALA B 140 11.24 11.41 3.94
CA ALA B 140 11.30 12.82 4.33
C ALA B 140 12.39 13.09 5.35
N THR B 141 12.52 12.25 6.37
CA THR B 141 13.60 12.42 7.34
C THR B 141 14.96 12.33 6.67
N ALA B 142 15.15 11.35 5.79
CA ALA B 142 16.41 11.22 5.08
C ALA B 142 16.71 12.43 4.21
N LEU B 143 15.71 12.96 3.50
CA LEU B 143 15.93 14.15 2.69
C LEU B 143 16.28 15.36 3.56
N ALA B 144 15.59 15.53 4.69
CA ALA B 144 15.90 16.65 5.57
C ALA B 144 17.32 16.54 6.11
N ASN B 145 17.72 15.34 6.52
CA ASN B 145 19.08 15.16 7.02
C ASN B 145 20.10 15.41 5.93
N THR B 146 19.84 14.94 4.71
CA THR B 146 20.76 15.17 3.61
C THR B 146 20.89 16.66 3.31
N ILE B 147 19.78 17.38 3.29
CA ILE B 147 19.81 18.83 3.10
C ILE B 147 20.60 19.53 4.20
N GLU B 148 20.40 19.13 5.46
CA GLU B 148 21.15 19.72 6.56
C GLU B 148 22.65 19.50 6.41
N VAL B 149 23.07 18.25 6.15
CA VAL B 149 24.49 17.96 6.03
C VAL B 149 25.08 18.58 4.76
N PHE B 150 24.26 18.81 3.74
CA PHE B 150 24.71 19.55 2.57
C PHE B 150 24.90 21.03 2.85
N ARG B 151 24.02 21.63 3.65
CA ARG B 151 24.17 23.03 4.02
C ARG B 151 25.34 23.25 4.96
N SER B 152 25.59 22.31 5.86
CA SER B 152 26.74 22.43 6.76
C SER B 152 28.01 22.70 5.97
N ASN B 153 28.23 21.92 4.90
CA ASN B 153 29.27 22.22 3.95
C ASN B 153 28.77 23.27 2.94
N GLY B 154 29.69 23.80 2.15
CA GLY B 154 29.34 24.83 1.20
C GLY B 154 28.58 24.29 0.01
N LEU B 155 27.45 23.63 0.27
CA LEU B 155 26.65 22.99 -0.78
C LEU B 155 25.18 23.28 -0.48
N THR B 156 24.67 24.39 -1.01
CA THR B 156 23.24 24.70 -0.93
C THR B 156 22.84 25.37 -2.23
N ALA B 157 22.41 24.55 -3.20
CA ALA B 157 21.65 25.01 -4.36
C ALA B 157 20.24 24.46 -4.36
N ASN B 158 19.96 23.49 -3.50
CA ASN B 158 18.62 22.96 -3.33
C ASN B 158 17.68 23.99 -2.72
N GLU B 159 18.20 25.17 -2.38
CA GLU B 159 17.37 26.29 -1.93
C GLU B 159 16.73 27.02 -3.10
N SER B 160 16.14 26.27 -4.01
CA SER B 160 15.37 26.84 -5.12
C SER B 160 14.15 26.01 -5.46
N GLY B 161 13.87 24.93 -4.73
CA GLY B 161 12.71 24.11 -5.00
C GLY B 161 12.75 23.41 -6.33
N ARG B 162 13.90 22.90 -6.73
CA ARG B 162 14.05 22.17 -7.99
C ARG B 162 14.87 20.91 -7.74
N LEU B 163 14.32 19.76 -8.14
CA LEU B 163 15.02 18.50 -7.95
C LEU B 163 16.34 18.49 -8.71
N ILE B 164 16.38 19.13 -9.88
CA ILE B 164 17.62 19.16 -10.65
C ILE B 164 18.70 19.93 -9.89
N ASP B 165 18.32 20.98 -9.17
CA ASP B 165 19.29 21.69 -8.35
C ASP B 165 19.81 20.82 -7.20
N PHE B 166 18.93 20.05 -6.57
CA PHE B 166 19.38 19.14 -5.52
C PHE B 166 20.35 18.10 -6.09
N LEU B 167 20.07 17.61 -7.30
CA LEU B 167 20.99 16.68 -7.94
C LEU B 167 22.31 17.33 -8.35
N LYS B 168 22.29 18.60 -8.74
CA LYS B 168 23.54 19.31 -8.93
C LYS B 168 24.35 19.41 -7.64
N ASP B 169 23.68 19.68 -6.53
CA ASP B 169 24.36 19.64 -5.24
C ASP B 169 24.92 18.25 -4.95
N VAL B 170 24.16 17.21 -5.25
CA VAL B 170 24.62 15.85 -5.01
C VAL B 170 25.89 15.57 -5.81
N MET B 171 25.90 15.93 -7.09
CA MET B 171 27.09 15.71 -7.90
C MET B 171 28.27 16.56 -7.42
N GLU B 172 28.02 17.82 -7.06
CA GLU B 172 29.10 18.67 -6.57
C GLU B 172 29.63 18.22 -5.22
N SER B 173 28.85 17.46 -4.46
CA SER B 173 29.31 17.00 -3.15
C SER B 173 30.40 15.96 -3.27
N MET B 174 30.41 15.19 -4.36
CA MET B 174 31.39 14.14 -4.54
C MET B 174 32.78 14.67 -4.86
N ASP B 175 32.90 15.94 -5.23
CA ASP B 175 34.20 16.57 -5.40
C ASP B 175 34.77 17.11 -4.10
N LYS B 176 33.94 17.34 -3.09
CA LYS B 176 34.43 17.82 -1.81
C LYS B 176 35.39 16.81 -1.21
N GLU B 177 36.52 17.31 -0.71
CA GLU B 177 37.55 16.47 -0.13
C GLU B 177 37.25 16.09 1.31
N GLU B 178 36.22 16.68 1.91
CA GLU B 178 35.81 16.35 3.27
C GLU B 178 34.30 16.58 3.38
N MET B 179 33.66 15.83 4.27
CA MET B 179 32.24 16.00 4.58
C MET B 179 32.10 15.97 6.10
N GLU B 180 31.66 17.07 6.69
CA GLU B 180 31.49 17.16 8.13
C GLU B 180 30.04 16.89 8.48
N ILE B 181 29.81 15.92 9.37
CA ILE B 181 28.49 15.53 9.82
C ILE B 181 28.39 15.91 11.29
N THR B 182 27.50 16.86 11.60
CA THR B 182 27.28 17.30 12.97
C THR B 182 25.98 16.72 13.50
N THR B 183 26.03 16.16 14.70
CA THR B 183 24.86 15.55 15.33
C THR B 183 24.70 16.03 16.76
N LYS B 209 31.05 15.41 15.96
CA LYS B 209 31.22 15.89 14.59
C LYS B 209 32.10 14.96 13.79
N GLN B 210 31.49 14.01 13.09
CA GLN B 210 32.23 13.07 12.27
C GLN B 210 32.75 13.77 11.01
N ARG B 211 33.84 13.26 10.47
CA ARG B 211 34.46 13.82 9.27
C ARG B 211 34.77 12.67 8.31
N LEU B 212 34.12 12.66 7.15
CA LEU B 212 34.30 11.63 6.15
C LEU B 212 35.17 12.15 5.00
N ASN B 213 36.22 11.41 4.70
CA ASN B 213 37.05 11.74 3.53
C ASN B 213 36.29 11.43 2.25
N LYS B 214 36.88 11.80 1.12
CA LYS B 214 36.19 11.66 -0.16
C LYS B 214 35.80 10.22 -0.42
N ARG B 215 36.72 9.28 -0.22
CA ARG B 215 36.44 7.88 -0.52
C ARG B 215 35.34 7.29 0.34
N SER B 216 35.33 7.58 1.64
CA SER B 216 34.29 7.09 2.53
C SER B 216 32.95 7.75 2.27
N TYR B 217 32.93 8.97 1.73
CA TYR B 217 31.68 9.58 1.32
C TYR B 217 31.16 8.96 0.04
N LEU B 218 32.05 8.68 -0.91
CA LEU B 218 31.65 8.01 -2.15
C LEU B 218 31.08 6.63 -1.85
N ILE B 219 31.77 5.86 -1.01
CA ILE B 219 31.32 4.52 -0.70
C ILE B 219 29.95 4.52 -0.05
N ARG B 220 29.58 5.60 0.63
CA ARG B 220 28.27 5.72 1.24
C ARG B 220 27.21 6.26 0.27
N ALA B 221 27.61 7.13 -0.65
CA ALA B 221 26.68 7.60 -1.66
C ALA B 221 26.27 6.47 -2.59
N LEU B 222 27.21 5.60 -2.96
CA LEU B 222 26.97 4.49 -3.87
C LEU B 222 26.57 3.21 -3.13
N THR B 223 26.01 3.35 -1.94
CA THR B 223 25.69 2.20 -1.10
C THR B 223 24.20 1.86 -1.20
N LEU B 224 23.92 0.57 -1.21
CA LEU B 224 22.56 0.04 -1.21
C LEU B 224 22.37 -0.78 0.05
N ASN B 225 21.25 -0.59 0.73
CA ASN B 225 20.96 -1.27 1.99
C ASN B 225 19.92 -2.35 1.77
N THR B 226 19.51 -2.99 2.85
CA THR B 226 18.52 -4.07 2.80
C THR B 226 17.36 -3.77 3.72
N ILE B 241 13.69 -5.29 -2.15
CA ILE B 241 14.29 -5.70 -0.89
C ILE B 241 15.64 -5.00 -0.73
N ALA B 242 15.79 -3.85 -1.38
CA ALA B 242 17.01 -3.07 -1.28
C ALA B 242 16.68 -1.61 -1.54
N THR B 243 17.10 -0.73 -0.62
CA THR B 243 16.80 0.68 -0.70
C THR B 243 18.05 1.47 -1.07
N PRO B 244 17.98 2.40 -2.01
CA PRO B 244 19.13 3.24 -2.32
C PRO B 244 19.21 4.48 -1.45
N GLY B 245 20.39 5.06 -1.41
CA GLY B 245 20.60 6.28 -0.65
C GLY B 245 19.74 7.41 -1.18
N MET B 246 19.89 8.60 -0.60
CA MET B 246 19.16 9.78 -1.06
C MET B 246 19.85 10.46 -2.22
N GLN B 247 21.01 9.96 -2.65
CA GLN B 247 21.79 10.59 -3.72
C GLN B 247 21.68 9.83 -5.03
N ILE B 248 21.02 8.67 -5.04
CA ILE B 248 20.73 7.92 -6.26
C ILE B 248 19.25 7.99 -6.62
N ARG B 249 18.43 8.57 -5.76
CA ARG B 249 16.99 8.39 -5.80
C ARG B 249 16.26 9.48 -6.58
N GLY B 250 16.98 10.46 -7.12
CA GLY B 250 16.40 11.43 -8.02
C GLY B 250 16.71 11.12 -9.47
N PHE B 251 17.95 10.71 -9.73
CA PHE B 251 18.30 10.21 -11.04
C PHE B 251 17.47 8.99 -11.39
N VAL B 252 17.26 8.12 -10.41
CA VAL B 252 16.39 6.96 -10.61
C VAL B 252 14.98 7.42 -10.94
N TYR B 253 14.52 8.48 -10.29
CA TYR B 253 13.17 8.97 -10.57
C TYR B 253 13.06 9.49 -12.00
N PHE B 254 14.06 10.24 -12.47
CA PHE B 254 14.03 10.71 -13.85
C PHE B 254 14.06 9.54 -14.84
N VAL B 255 14.92 8.56 -14.59
CA VAL B 255 15.00 7.40 -15.47
C VAL B 255 13.67 6.66 -15.49
N GLU B 256 13.04 6.52 -14.32
CA GLU B 256 11.75 5.84 -14.26
C GLU B 256 10.67 6.62 -14.99
N THR B 257 10.70 7.95 -14.90
CA THR B 257 9.75 8.75 -15.66
C THR B 257 9.91 8.53 -17.16
N LEU B 258 11.16 8.55 -17.64
CA LEU B 258 11.40 8.32 -19.06
C LEU B 258 10.93 6.93 -19.48
N ALA B 259 11.25 5.91 -18.66
CA ALA B 259 10.88 4.55 -19.01
C ALA B 259 9.36 4.36 -18.96
N ARG B 260 8.69 5.01 -18.01
CA ARG B 260 7.23 4.94 -17.97
C ARG B 260 6.62 5.60 -19.19
N SER B 261 7.17 6.74 -19.62
CA SER B 261 6.67 7.37 -20.83
C SER B 261 6.84 6.46 -22.04
N ILE B 262 8.00 5.79 -22.13
CA ILE B 262 8.22 4.87 -23.25
C ILE B 262 7.24 3.70 -23.17
N CYS B 263 7.06 3.13 -21.98
CA CYS B 263 6.21 1.95 -21.84
C CYS B 263 4.75 2.28 -22.13
N GLU B 264 4.30 3.49 -21.81
CA GLU B 264 2.91 3.85 -22.07
C GLU B 264 2.56 3.66 -23.54
N LYS B 265 3.54 3.80 -24.43
CA LYS B 265 3.32 3.69 -25.86
C LYS B 265 3.57 2.28 -26.39
N LEU B 266 3.97 1.34 -25.53
CA LEU B 266 4.23 -0.03 -25.92
C LEU B 266 3.10 -0.91 -25.41
N GLU B 267 2.37 -1.53 -26.33
CA GLU B 267 1.22 -2.34 -25.94
C GLU B 267 1.65 -3.59 -25.18
N GLN B 268 2.84 -4.13 -25.49
CA GLN B 268 3.28 -5.33 -24.80
C GLN B 268 3.54 -5.05 -23.32
N SER B 269 3.93 -3.84 -22.98
CA SER B 269 4.28 -3.51 -21.61
C SER B 269 3.05 -3.47 -20.72
N GLY B 270 2.81 -4.54 -19.97
CA GLY B 270 1.70 -4.62 -19.06
C GLY B 270 1.96 -4.10 -17.67
N LEU B 271 3.12 -3.52 -17.42
CA LEU B 271 3.50 -3.06 -16.09
C LEU B 271 2.78 -1.77 -15.71
N PRO B 272 2.87 -0.71 -16.52
CA PRO B 272 2.31 0.58 -16.07
C PRO B 272 0.82 0.53 -15.77
N VAL B 273 0.06 -0.29 -16.49
CA VAL B 273 -1.38 -0.39 -16.29
C VAL B 273 -1.65 -1.25 -15.06
N GLY B 274 -2.89 -1.22 -14.59
CA GLY B 274 -3.28 -2.01 -13.44
C GLY B 274 -4.78 -2.04 -13.21
N GLY B 275 -5.34 -3.22 -12.99
CA GLY B 275 -6.76 -3.37 -12.77
C GLY B 275 -7.45 -4.16 -13.85
N ASN B 276 -8.54 -3.61 -14.39
CA ASN B 276 -9.30 -4.28 -15.43
C ASN B 276 -8.81 -3.95 -16.84
N GLU B 277 -7.82 -3.07 -16.98
CA GLU B 277 -7.23 -2.79 -18.28
C GLU B 277 -6.01 -3.65 -18.58
N LYS B 278 -5.51 -4.41 -17.60
CA LYS B 278 -4.52 -5.44 -17.91
C LYS B 278 -5.19 -6.66 -18.53
N LYS B 279 -6.38 -7.01 -18.04
CA LYS B 279 -7.15 -8.07 -18.66
C LYS B 279 -7.45 -7.73 -20.11
N ALA B 280 -7.61 -6.44 -20.42
CA ALA B 280 -7.73 -6.01 -21.81
C ALA B 280 -6.49 -6.37 -22.60
N LYS B 281 -5.30 -6.17 -22.01
CA LYS B 281 -4.08 -6.56 -22.71
C LYS B 281 -4.03 -8.06 -22.94
N LEU B 282 -4.37 -8.84 -21.92
CA LEU B 282 -4.36 -10.29 -22.06
C LEU B 282 -5.33 -10.77 -23.13
N ALA B 283 -6.49 -10.12 -23.26
CA ALA B 283 -7.44 -10.47 -24.30
C ALA B 283 -6.97 -10.01 -25.68
N ASN B 284 -6.39 -8.81 -25.76
CA ASN B 284 -5.97 -8.28 -27.05
C ASN B 284 -4.84 -9.10 -27.66
N VAL B 285 -3.88 -9.53 -26.84
CA VAL B 285 -2.77 -10.31 -27.39
C VAL B 285 -3.28 -11.62 -27.97
N VAL B 286 -4.17 -12.30 -27.24
CA VAL B 286 -4.71 -13.57 -27.73
C VAL B 286 -5.56 -13.34 -28.98
N ARG B 287 -6.34 -12.26 -29.02
CA ARG B 287 -7.13 -11.97 -30.21
C ARG B 287 -6.25 -11.71 -31.42
N LYS B 288 -5.16 -10.96 -31.24
CA LYS B 288 -4.24 -10.73 -32.35
C LYS B 288 -3.61 -12.02 -32.84
N MET B 289 -3.19 -12.89 -31.92
CA MET B 289 -2.43 -14.07 -32.32
C MET B 289 -3.30 -15.21 -32.80
N MET B 290 -4.56 -15.26 -32.39
CA MET B 290 -5.48 -16.36 -32.71
C MET B 290 -6.47 -16.00 -33.80
N THR B 291 -6.08 -15.17 -34.77
CA THR B 291 -6.92 -14.86 -35.92
C THR B 291 -6.52 -15.70 -37.13
N ASN B 292 -6.12 -16.95 -36.88
CA ASN B 292 -5.57 -17.82 -37.91
C ASN B 292 -6.49 -17.89 -39.12
N SER B 293 -6.00 -17.44 -40.27
CA SER B 293 -6.69 -17.62 -41.53
C SER B 293 -6.38 -19.02 -42.05
N GLN B 294 -7.44 -19.75 -42.43
CA GLN B 294 -7.38 -21.15 -42.81
C GLN B 294 -7.07 -22.06 -41.63
N ASP B 295 -6.88 -21.48 -40.44
CA ASP B 295 -6.61 -22.24 -39.22
C ASP B 295 -5.59 -23.34 -39.46
N THR B 296 -4.49 -23.01 -40.12
CA THR B 296 -3.41 -23.96 -40.36
C THR B 296 -2.11 -23.48 -39.73
N GLU B 297 -2.20 -22.58 -38.76
CA GLU B 297 -1.05 -22.09 -38.01
C GLU B 297 -1.23 -22.48 -36.55
N LEU B 298 -0.40 -23.40 -36.08
CA LEU B 298 -0.40 -23.75 -34.66
C LEU B 298 0.05 -22.55 -33.84
N SER B 299 -0.67 -22.30 -32.75
CA SER B 299 -0.36 -21.22 -31.82
C SER B 299 -0.15 -21.80 -30.43
N PHE B 300 1.02 -21.54 -29.85
CA PHE B 300 1.39 -22.08 -28.56
C PHE B 300 1.77 -20.95 -27.61
N THR B 301 1.19 -20.97 -26.42
CA THR B 301 1.45 -19.96 -25.40
C THR B 301 2.44 -20.50 -24.38
N ILE B 302 3.51 -19.76 -24.15
CA ILE B 302 4.44 -20.01 -23.06
C ILE B 302 4.02 -19.15 -21.89
N THR B 303 3.57 -19.79 -20.81
CA THR B 303 3.28 -19.10 -19.56
C THR B 303 4.61 -18.87 -18.87
N GLY B 304 5.34 -17.87 -19.37
CA GLY B 304 6.72 -17.71 -19.00
C GLY B 304 6.90 -17.28 -17.56
N ASP B 305 8.09 -17.58 -17.05
CA ASP B 305 8.55 -17.11 -15.76
C ASP B 305 10.06 -16.86 -15.88
N ASN B 306 10.53 -15.87 -15.13
CA ASN B 306 11.93 -15.46 -15.24
C ASN B 306 12.51 -15.12 -13.87
N THR B 307 11.99 -15.75 -12.82
CA THR B 307 12.42 -15.44 -11.46
C THR B 307 13.94 -15.28 -11.38
N LYS B 308 14.37 -14.30 -10.60
CA LYS B 308 15.79 -14.03 -10.38
C LYS B 308 16.50 -13.66 -11.70
N TRP B 309 15.86 -12.77 -12.46
CA TRP B 309 16.40 -12.30 -13.72
C TRP B 309 17.04 -10.93 -13.59
N ASN B 310 16.87 -10.28 -12.43
CA ASN B 310 17.52 -9.00 -12.18
C ASN B 310 19.02 -9.16 -11.96
N GLU B 311 19.44 -10.27 -11.35
CA GLU B 311 20.85 -10.45 -11.03
C GLU B 311 21.73 -10.47 -12.27
N ASN B 312 21.16 -10.69 -13.46
CA ASN B 312 21.92 -10.68 -14.70
C ASN B 312 21.77 -9.37 -15.46
N GLN B 313 21.13 -8.37 -14.87
CA GLN B 313 21.03 -7.04 -15.45
C GLN B 313 22.29 -6.25 -15.10
N ASN B 314 23.07 -5.91 -16.10
CA ASN B 314 24.25 -5.10 -15.82
C ASN B 314 23.94 -3.63 -16.08
N PRO B 315 24.22 -2.74 -15.13
CA PRO B 315 23.87 -1.32 -15.36
C PRO B 315 24.52 -0.73 -16.59
N ARG B 316 25.58 -1.34 -17.12
CA ARG B 316 26.17 -0.85 -18.36
C ARG B 316 25.20 -1.00 -19.53
N MET B 317 24.42 -2.08 -19.56
CA MET B 317 23.39 -2.23 -20.57
C MET B 317 22.31 -1.17 -20.42
N PHE B 318 21.93 -0.84 -19.19
CA PHE B 318 20.95 0.24 -19.02
C PHE B 318 21.53 1.58 -19.45
N LEU B 319 22.82 1.79 -19.21
CA LEU B 319 23.47 3.01 -19.70
C LEU B 319 23.43 3.06 -21.23
N ALA B 320 23.70 1.94 -21.88
CA ALA B 320 23.62 1.90 -23.35
C ALA B 320 22.20 2.16 -23.83
N MET B 321 21.21 1.57 -23.14
CA MET B 321 19.82 1.81 -23.49
C MET B 321 19.47 3.29 -23.39
N ILE B 322 19.90 3.94 -22.30
CA ILE B 322 19.59 5.34 -22.12
C ILE B 322 20.33 6.20 -23.13
N THR B 323 21.57 5.82 -23.45
CA THR B 323 22.34 6.58 -24.43
C THR B 323 21.69 6.50 -25.81
N TYR B 324 21.18 5.33 -26.19
CA TYR B 324 20.49 5.22 -27.47
C TYR B 324 19.15 5.95 -27.43
N ILE B 325 18.40 5.79 -26.34
CA ILE B 325 17.07 6.40 -26.24
C ILE B 325 17.17 7.91 -26.34
N THR B 326 18.27 8.49 -25.87
CA THR B 326 18.42 9.94 -25.77
C THR B 326 19.34 10.49 -26.86
N ARG B 327 19.29 9.93 -28.06
CA ARG B 327 20.06 10.47 -29.17
C ARG B 327 19.44 11.77 -29.67
N ASN B 328 20.29 12.68 -30.14
CA ASN B 328 19.85 13.94 -30.70
C ASN B 328 19.02 14.73 -29.68
N GLN B 329 19.48 14.76 -28.43
CA GLN B 329 18.83 15.48 -27.36
C GLN B 329 19.84 16.39 -26.69
N PRO B 330 19.39 17.43 -26.00
CA PRO B 330 20.33 18.35 -25.35
C PRO B 330 21.26 17.61 -24.40
N GLU B 331 22.51 18.05 -24.36
CA GLU B 331 23.52 17.32 -23.59
C GLU B 331 23.17 17.25 -22.12
N TRP B 332 22.51 18.28 -21.58
CA TRP B 332 22.15 18.26 -20.16
C TRP B 332 21.16 17.14 -19.87
N PHE B 333 20.19 16.93 -20.75
CA PHE B 333 19.24 15.85 -20.56
C PHE B 333 19.93 14.49 -20.63
N ARG B 334 20.81 14.31 -21.61
CA ARG B 334 21.57 13.07 -21.70
C ARG B 334 22.36 12.83 -20.44
N ASN B 335 23.02 13.86 -19.92
CA ASN B 335 23.83 13.71 -18.71
C ASN B 335 22.96 13.32 -17.53
N VAL B 336 21.89 14.06 -17.29
CA VAL B 336 21.07 13.79 -16.10
C VAL B 336 20.44 12.41 -16.19
N LEU B 337 20.06 11.97 -17.39
CA LEU B 337 19.52 10.63 -17.53
C LEU B 337 20.60 9.54 -17.50
N SER B 338 21.87 9.91 -17.69
CA SER B 338 22.97 8.96 -17.71
C SER B 338 23.77 8.99 -16.41
N ILE B 339 23.11 9.17 -15.27
CA ILE B 339 23.76 9.18 -13.98
C ILE B 339 23.36 7.99 -13.13
N ALA B 340 22.08 7.63 -13.14
CA ALA B 340 21.64 6.47 -12.34
C ALA B 340 22.36 5.19 -12.74
N PRO B 341 22.45 4.82 -14.03
CA PRO B 341 23.27 3.66 -14.38
C PRO B 341 24.73 3.82 -14.01
N ILE B 342 25.26 5.05 -14.10
CA ILE B 342 26.66 5.28 -13.76
C ILE B 342 26.90 4.95 -12.29
N MET B 343 25.99 5.39 -11.41
CA MET B 343 26.17 5.12 -10.00
C MET B 343 25.83 3.67 -9.65
N PHE B 344 24.95 3.04 -10.43
CA PHE B 344 24.63 1.64 -10.18
C PHE B 344 25.74 0.70 -10.64
N SER B 345 26.55 1.11 -11.62
CA SER B 345 27.69 0.31 -12.02
C SER B 345 28.75 0.24 -10.94
N ASN B 346 28.76 1.18 -10.01
CA ASN B 346 29.74 1.24 -8.93
C ASN B 346 29.07 1.07 -7.57
N LYS B 347 27.91 0.43 -7.54
CA LYS B 347 27.13 0.33 -6.32
C LYS B 347 27.80 -0.60 -5.32
N MET B 348 27.52 -0.37 -4.04
CA MET B 348 28.00 -1.20 -2.94
C MET B 348 26.81 -1.70 -2.14
N ALA B 349 26.94 -2.92 -1.61
CA ALA B 349 25.86 -3.56 -0.87
C ALA B 349 26.30 -3.74 0.57
N ARG B 350 25.48 -3.24 1.51
CA ARG B 350 25.73 -3.46 2.93
C ARG B 350 25.36 -4.89 3.27
N LEU B 351 26.23 -5.56 4.03
CA LEU B 351 26.02 -6.97 4.32
C LEU B 351 24.91 -7.17 5.34
N GLY B 352 24.51 -6.11 6.05
CA GLY B 352 23.37 -6.17 6.95
C GLY B 352 23.80 -6.05 8.40
N LYS B 353 22.95 -6.57 9.29
CA LYS B 353 23.24 -6.50 10.72
C LYS B 353 24.51 -7.27 11.05
N GLY B 354 24.68 -8.45 10.48
CA GLY B 354 25.81 -9.32 10.75
C GLY B 354 25.35 -10.67 11.26
N TYR B 355 26.28 -11.36 11.90
CA TYR B 355 26.02 -12.68 12.45
C TYR B 355 25.93 -12.60 13.97
N MET B 356 25.73 -13.75 14.62
CA MET B 356 25.57 -13.77 16.07
C MET B 356 25.93 -15.16 16.57
N PHE B 357 26.91 -15.24 17.45
CA PHE B 357 27.40 -16.52 17.94
C PHE B 357 26.72 -16.85 19.27
N GLU B 358 27.11 -17.94 19.91
CA GLU B 358 26.51 -18.38 21.15
C GLU B 358 27.41 -19.39 21.86
N SER B 359 27.33 -19.47 23.18
CA SER B 359 28.11 -20.41 23.96
C SER B 359 27.20 -21.21 24.88
N LYS B 360 27.62 -22.43 25.20
CA LYS B 360 26.91 -23.29 26.14
C LYS B 360 27.70 -23.57 27.40
N SER B 361 29.03 -23.48 27.37
CA SER B 361 29.83 -23.59 28.58
C SER B 361 29.88 -22.29 29.36
N MET B 362 29.46 -21.18 28.75
CA MET B 362 29.40 -19.89 29.43
C MET B 362 28.04 -19.22 29.35
N LYS B 363 27.16 -19.66 28.45
CA LYS B 363 25.84 -19.08 28.29
C LYS B 363 25.93 -17.58 27.99
N LEU B 364 26.54 -17.29 26.83
CA LEU B 364 26.70 -15.92 26.36
C LEU B 364 26.40 -15.85 24.87
N ARG B 365 25.76 -14.76 24.47
CA ARG B 365 25.45 -14.46 23.07
C ARG B 365 26.17 -13.18 22.67
N THR B 366 26.83 -13.21 21.52
CA THR B 366 27.60 -12.07 21.03
C THR B 366 27.21 -11.77 19.59
N GLN B 367 26.81 -10.53 19.34
CA GLN B 367 26.52 -10.09 17.98
C GLN B 367 27.81 -9.63 17.30
N ILE B 368 27.96 -9.96 16.03
CA ILE B 368 29.14 -9.59 15.26
C ILE B 368 28.71 -8.82 14.01
N PRO B 369 28.97 -7.52 13.94
CA PRO B 369 28.58 -6.77 12.74
C PRO B 369 29.37 -7.21 11.52
N ALA B 370 28.74 -7.07 10.36
CA ALA B 370 29.41 -7.43 9.12
C ALA B 370 30.55 -6.49 8.78
N GLU B 371 30.61 -5.33 9.43
CA GLU B 371 31.67 -4.38 9.13
C GLU B 371 33.05 -4.97 9.42
N MET B 372 33.18 -5.69 10.53
CA MET B 372 34.43 -6.35 10.88
C MET B 372 34.52 -7.75 10.32
N LEU B 373 33.55 -8.18 9.51
CA LEU B 373 33.52 -9.53 8.96
C LEU B 373 34.41 -9.62 7.72
N ALA B 374 35.67 -9.23 7.90
CA ALA B 374 36.68 -9.32 6.86
C ALA B 374 37.98 -9.95 7.32
N SER B 375 38.31 -9.89 8.61
CA SER B 375 39.52 -10.48 9.14
C SER B 375 39.27 -11.51 10.23
N ILE B 376 38.05 -11.59 10.77
CA ILE B 376 37.76 -12.56 11.82
C ILE B 376 38.18 -13.95 11.38
N ASP B 377 38.75 -14.70 12.31
CA ASP B 377 39.13 -16.08 12.03
C ASP B 377 37.89 -16.86 11.66
N LEU B 378 38.04 -17.77 10.69
CA LEU B 378 36.89 -18.48 10.15
C LEU B 378 36.48 -19.69 10.97
N LYS B 379 37.19 -19.99 12.07
CA LYS B 379 36.84 -21.15 12.87
C LYS B 379 35.44 -21.03 13.45
N TYR B 380 34.98 -19.81 13.72
CA TYR B 380 33.70 -19.60 14.40
C TYR B 380 32.49 -19.90 13.53
N PHE B 381 32.64 -19.96 12.21
CA PHE B 381 31.50 -19.99 11.31
C PHE B 381 31.18 -21.40 10.87
N ASN B 382 29.90 -21.66 10.62
CA ASN B 382 29.46 -22.92 10.04
C ASN B 382 30.15 -23.14 8.70
N ASP B 383 30.14 -24.38 8.21
CA ASP B 383 30.85 -24.72 6.97
C ASP B 383 30.21 -24.12 5.73
N SER B 384 28.95 -23.70 5.80
CA SER B 384 28.32 -23.05 4.64
C SER B 384 28.59 -21.56 4.63
N THR B 385 28.29 -20.88 5.74
CA THR B 385 28.69 -19.49 5.90
C THR B 385 30.20 -19.32 5.79
N ARG B 386 30.97 -20.34 6.17
CA ARG B 386 32.42 -20.33 5.97
C ARG B 386 32.76 -20.17 4.49
N LYS B 387 32.17 -21.00 3.63
CA LYS B 387 32.42 -20.88 2.20
C LYS B 387 31.94 -19.55 1.67
N LYS B 388 30.76 -19.09 2.12
CA LYS B 388 30.25 -17.80 1.67
C LYS B 388 31.25 -16.69 1.98
N ILE B 389 31.72 -16.62 3.22
CA ILE B 389 32.64 -15.56 3.61
C ILE B 389 33.95 -15.70 2.85
N GLU B 390 34.46 -16.93 2.72
CA GLU B 390 35.73 -17.12 2.02
C GLU B 390 35.64 -16.63 0.58
N LYS B 391 34.54 -16.94 -0.10
CA LYS B 391 34.40 -16.60 -1.51
C LYS B 391 33.93 -15.17 -1.73
N ILE B 392 33.45 -14.48 -0.69
CA ILE B 392 33.08 -13.08 -0.82
C ILE B 392 34.12 -12.12 -0.27
N ARG B 393 35.11 -12.61 0.48
CA ARG B 393 36.10 -11.72 1.08
C ARG B 393 36.80 -10.83 0.06
N PRO B 394 37.20 -11.30 -1.12
CA PRO B 394 37.93 -10.43 -2.05
C PRO B 394 37.16 -9.17 -2.43
N LEU B 395 35.83 -9.18 -2.33
CA LEU B 395 35.02 -8.06 -2.76
C LEU B 395 34.71 -7.07 -1.64
N LEU B 396 34.84 -7.48 -0.38
CA LEU B 396 34.47 -6.61 0.73
C LEU B 396 35.47 -5.48 0.89
N ILE B 397 34.95 -4.26 1.06
CA ILE B 397 35.78 -3.11 1.44
C ILE B 397 34.94 -2.20 2.31
N ASP B 398 35.53 -1.73 3.41
CA ASP B 398 34.89 -0.73 4.28
C ASP B 398 33.52 -1.20 4.74
N GLY B 399 33.39 -2.49 5.01
CA GLY B 399 32.16 -3.05 5.55
C GLY B 399 31.10 -3.39 4.53
N THR B 400 31.27 -2.96 3.28
CA THR B 400 30.33 -3.26 2.21
C THR B 400 31.01 -4.15 1.17
N ALA B 401 30.18 -4.78 0.34
CA ALA B 401 30.66 -5.65 -0.74
C ALA B 401 30.40 -4.97 -2.07
N SER B 402 31.42 -4.93 -2.92
CA SER B 402 31.26 -4.38 -4.27
C SER B 402 30.36 -5.27 -5.09
N LEU B 403 29.37 -4.65 -5.75
CA LEU B 403 28.44 -5.36 -6.62
C LEU B 403 28.28 -4.57 -7.91
N SER B 404 29.19 -4.78 -8.86
CA SER B 404 29.08 -4.12 -10.16
C SER B 404 28.04 -4.80 -11.05
N PRO B 405 28.15 -6.08 -11.37
CA PRO B 405 27.11 -6.73 -12.17
C PRO B 405 25.83 -6.92 -11.38
N GLY B 406 24.72 -7.00 -12.11
CA GLY B 406 23.44 -7.31 -11.51
C GLY B 406 22.71 -6.08 -11.00
N MET B 407 21.41 -6.26 -10.81
CA MET B 407 20.52 -5.23 -10.27
C MET B 407 19.84 -5.76 -9.01
N MET B 408 18.99 -4.93 -8.44
CA MET B 408 18.19 -5.29 -7.28
C MET B 408 16.72 -5.02 -7.58
N MET B 409 15.85 -5.63 -6.78
CA MET B 409 14.41 -5.41 -6.94
C MET B 409 14.10 -3.92 -7.02
N GLY B 410 13.02 -3.60 -7.72
CA GLY B 410 12.62 -2.21 -7.85
C GLY B 410 13.62 -1.42 -8.68
N MET B 411 13.65 -0.12 -8.41
CA MET B 411 14.50 0.81 -9.14
C MET B 411 14.17 0.78 -10.62
N PHE B 412 14.88 -0.01 -11.41
CA PHE B 412 14.72 -0.02 -12.86
C PHE B 412 13.73 -1.10 -13.30
N ASN B 413 12.46 -0.87 -12.95
CA ASN B 413 11.41 -1.79 -13.37
C ASN B 413 10.94 -1.46 -14.79
N MET B 414 10.60 -0.20 -15.04
CA MET B 414 10.11 0.21 -16.35
C MET B 414 11.17 0.01 -17.42
N LEU B 415 12.43 0.34 -17.11
CA LEU B 415 13.49 0.18 -18.09
C LEU B 415 13.67 -1.29 -18.46
N SER B 416 13.60 -2.18 -17.47
CA SER B 416 13.69 -3.60 -17.77
C SER B 416 12.48 -4.08 -18.56
N THR B 417 11.30 -3.52 -18.29
CA THR B 417 10.14 -3.84 -19.12
C THR B 417 10.39 -3.43 -20.57
N VAL B 418 11.00 -2.27 -20.78
CA VAL B 418 11.34 -1.84 -22.14
C VAL B 418 12.32 -2.82 -22.77
N LEU B 419 13.31 -3.27 -22.00
CA LEU B 419 14.27 -4.23 -22.52
C LEU B 419 13.58 -5.52 -22.95
N GLY B 420 12.65 -6.01 -22.15
CA GLY B 420 11.92 -7.22 -22.52
C GLY B 420 11.01 -7.01 -23.71
N VAL B 421 10.33 -5.87 -23.77
CA VAL B 421 9.47 -5.58 -24.91
C VAL B 421 10.29 -5.47 -26.19
N SER B 422 11.57 -5.13 -26.09
CA SER B 422 12.42 -5.16 -27.27
C SER B 422 12.47 -6.56 -27.86
N ILE B 423 12.68 -7.57 -27.03
CA ILE B 423 12.65 -8.95 -27.50
C ILE B 423 11.27 -9.30 -28.04
N LEU B 424 10.23 -8.96 -27.28
CA LEU B 424 8.88 -9.29 -27.73
C LEU B 424 8.52 -8.60 -29.04
N ASN B 425 9.19 -7.51 -29.39
CA ASN B 425 8.97 -6.83 -30.65
C ASN B 425 9.84 -7.37 -31.77
N LEU B 426 10.98 -7.96 -31.45
CA LEU B 426 11.81 -8.61 -32.46
C LEU B 426 11.16 -9.84 -33.07
N GLY B 427 9.98 -10.22 -32.61
CA GLY B 427 9.35 -11.44 -33.06
C GLY B 427 8.53 -11.33 -34.33
N GLN B 428 8.24 -10.10 -34.75
CA GLN B 428 7.43 -9.87 -35.95
C GLN B 428 8.05 -10.56 -37.16
N LYS B 429 7.23 -10.93 -38.14
CA LYS B 429 7.73 -11.63 -39.31
C LYS B 429 8.74 -10.81 -40.09
N ARG B 430 8.75 -9.48 -39.93
CA ARG B 430 9.73 -8.64 -40.59
C ARG B 430 11.11 -8.75 -39.96
N TYR B 431 11.23 -9.39 -38.79
CA TYR B 431 12.51 -9.61 -38.13
C TYR B 431 12.87 -11.07 -38.06
N THR B 432 12.00 -11.93 -37.55
CA THR B 432 12.17 -13.37 -37.61
C THR B 432 11.76 -13.83 -39.00
N LYS B 433 12.67 -13.67 -39.95
CA LYS B 433 12.33 -13.86 -41.36
C LYS B 433 12.11 -15.34 -41.63
N THR B 434 11.01 -15.88 -41.10
CA THR B 434 10.68 -17.29 -41.22
C THR B 434 9.19 -17.43 -41.02
N THR B 435 8.68 -18.64 -41.28
CA THR B 435 7.25 -18.89 -41.19
C THR B 435 6.69 -18.71 -39.78
N TYR B 436 7.54 -18.69 -38.76
CA TYR B 436 7.10 -18.52 -37.39
C TYR B 436 7.21 -17.06 -36.96
N TRP B 437 6.50 -16.73 -35.90
CA TRP B 437 6.59 -15.40 -35.30
C TRP B 437 6.00 -15.47 -33.90
N TRP B 438 6.17 -14.40 -33.13
CA TRP B 438 5.70 -14.42 -31.76
C TRP B 438 5.36 -13.01 -31.29
N ASP B 439 4.56 -12.96 -30.23
CA ASP B 439 4.20 -11.72 -29.56
C ASP B 439 3.72 -12.06 -28.17
N GLY B 440 3.72 -11.09 -27.27
CA GLY B 440 3.29 -11.37 -25.92
C GLY B 440 3.31 -10.16 -25.03
N LEU B 441 3.34 -10.42 -23.72
CA LEU B 441 3.30 -9.40 -22.69
C LEU B 441 4.52 -9.52 -21.80
N GLN B 442 5.05 -8.37 -21.39
CA GLN B 442 6.24 -8.29 -20.55
C GLN B 442 5.93 -7.47 -19.32
N SER B 443 6.63 -7.80 -18.24
CA SER B 443 6.54 -7.04 -17.00
C SER B 443 7.85 -7.22 -16.24
N SER B 444 7.95 -6.61 -15.08
CA SER B 444 9.14 -6.74 -14.25
C SER B 444 9.12 -8.00 -13.40
N ASP B 445 8.03 -8.75 -13.41
CA ASP B 445 7.90 -9.98 -12.64
C ASP B 445 7.67 -11.21 -13.50
N ASP B 446 6.75 -11.15 -14.44
CA ASP B 446 6.37 -12.28 -15.28
C ASP B 446 6.41 -11.87 -16.74
N PHE B 447 6.40 -12.87 -17.62
CA PHE B 447 6.27 -12.63 -19.04
C PHE B 447 5.47 -13.77 -19.65
N ALA B 448 4.68 -13.45 -20.67
CA ALA B 448 3.88 -14.44 -21.38
C ALA B 448 4.16 -14.29 -22.87
N LEU B 449 4.39 -15.42 -23.54
CA LEU B 449 4.72 -15.41 -24.96
C LEU B 449 3.70 -16.24 -25.73
N ILE B 450 3.51 -15.90 -27.00
CA ILE B 450 2.66 -16.66 -27.90
C ILE B 450 3.41 -16.79 -29.22
N VAL B 451 3.61 -18.02 -29.68
CA VAL B 451 4.37 -18.31 -30.87
C VAL B 451 3.44 -18.99 -31.87
N ASN B 452 3.35 -18.43 -33.07
CA ASN B 452 2.56 -19.01 -34.15
C ASN B 452 3.48 -19.49 -35.24
N ALA B 453 3.28 -20.74 -35.67
CA ALA B 453 4.12 -21.35 -36.68
C ALA B 453 3.29 -22.39 -37.41
N PRO B 454 3.66 -22.71 -38.66
CA PRO B 454 2.86 -23.68 -39.42
C PRO B 454 2.78 -25.06 -38.79
N ASN B 455 3.82 -25.51 -38.09
CA ASN B 455 3.84 -26.85 -37.53
C ASN B 455 4.62 -26.84 -36.21
N HIS B 456 4.70 -28.01 -35.58
CA HIS B 456 5.37 -28.12 -34.29
C HIS B 456 6.85 -27.78 -34.40
N GLU B 457 7.50 -28.20 -35.48
CA GLU B 457 8.90 -27.83 -35.69
C GLU B 457 9.06 -26.32 -35.73
N GLY B 458 8.11 -25.63 -36.36
CA GLY B 458 8.16 -24.18 -36.37
C GLY B 458 8.04 -23.58 -34.98
N ILE B 459 7.14 -24.14 -34.17
CA ILE B 459 7.01 -23.66 -32.79
C ILE B 459 8.31 -23.86 -32.03
N GLN B 460 8.93 -25.02 -32.18
CA GLN B 460 10.19 -25.29 -31.50
C GLN B 460 11.27 -24.31 -31.95
N ALA B 461 11.37 -24.09 -33.26
CA ALA B 461 12.38 -23.16 -33.77
C ALA B 461 12.15 -21.75 -33.24
N GLY B 462 10.89 -21.30 -33.22
CA GLY B 462 10.60 -19.98 -32.70
C GLY B 462 10.94 -19.84 -31.23
N VAL B 463 10.61 -20.85 -30.43
CA VAL B 463 10.93 -20.81 -29.01
C VAL B 463 12.44 -20.79 -28.81
N ASP B 464 13.17 -21.61 -29.57
CA ASP B 464 14.62 -21.60 -29.45
C ASP B 464 15.21 -20.26 -29.82
N ARG B 465 14.71 -19.64 -30.90
CA ARG B 465 15.23 -18.34 -31.30
C ARG B 465 14.95 -17.29 -30.22
N PHE B 466 13.73 -17.31 -29.66
CA PHE B 466 13.40 -16.37 -28.60
C PHE B 466 14.32 -16.56 -27.41
N TYR B 467 14.52 -17.80 -26.97
CA TYR B 467 15.36 -18.07 -25.82
C TYR B 467 16.80 -17.61 -26.07
N ARG B 468 17.32 -17.89 -27.27
CA ARG B 468 18.71 -17.54 -27.56
C ARG B 468 18.89 -16.04 -27.66
N THR B 469 17.92 -15.33 -28.26
CA THR B 469 17.99 -13.87 -28.27
C THR B 469 17.94 -13.31 -26.86
N CYS B 470 17.07 -13.87 -26.01
CA CYS B 470 17.01 -13.42 -24.62
C CYS B 470 18.35 -13.62 -23.93
N LYS B 471 18.99 -14.78 -24.17
CA LYS B 471 20.31 -14.99 -23.61
C LYS B 471 21.31 -13.98 -24.14
N LEU B 472 21.17 -13.60 -25.41
CA LEU B 472 22.07 -12.61 -25.99
C LEU B 472 21.95 -11.27 -25.29
N LEU B 473 20.71 -10.82 -25.00
CA LEU B 473 20.51 -9.52 -24.38
C LEU B 473 20.53 -9.57 -22.86
N GLY B 474 20.99 -10.67 -22.27
CA GLY B 474 21.09 -10.75 -20.83
C GLY B 474 19.80 -11.10 -20.11
N ILE B 475 18.75 -11.45 -20.83
CA ILE B 475 17.50 -11.90 -20.22
C ILE B 475 17.56 -13.41 -20.14
N ASN B 476 17.46 -13.94 -18.93
CA ASN B 476 17.59 -15.39 -18.69
C ASN B 476 16.21 -15.94 -18.33
N MET B 477 15.56 -16.54 -19.32
CA MET B 477 14.29 -17.21 -19.07
C MET B 477 14.51 -18.38 -18.12
N SER B 478 13.61 -18.52 -17.15
CA SER B 478 13.68 -19.61 -16.19
C SER B 478 13.04 -20.85 -16.81
N LYS B 479 13.88 -21.77 -17.30
CA LYS B 479 13.35 -23.02 -17.82
C LYS B 479 13.10 -24.00 -16.69
N LYS B 480 12.49 -23.51 -15.61
CA LYS B 480 12.10 -24.35 -14.49
C LYS B 480 10.69 -24.05 -13.99
N LYS B 481 10.17 -22.85 -14.25
CA LYS B 481 8.81 -22.47 -13.88
C LYS B 481 8.01 -22.02 -15.10
N SER B 482 8.48 -22.35 -16.30
CA SER B 482 7.83 -21.96 -17.54
C SER B 482 7.35 -23.21 -18.27
N TYR B 483 6.13 -23.15 -18.80
CA TYR B 483 5.56 -24.26 -19.54
C TYR B 483 4.89 -23.70 -20.79
N ILE B 484 4.64 -24.58 -21.75
CA ILE B 484 4.08 -24.21 -23.04
C ILE B 484 2.88 -25.11 -23.32
N ASN B 485 1.78 -24.51 -23.77
CA ASN B 485 0.58 -25.27 -24.12
C ASN B 485 -0.16 -24.52 -25.20
N ARG B 486 -1.03 -25.25 -25.92
CA ARG B 486 -1.76 -24.62 -27.01
C ARG B 486 -2.49 -23.39 -26.52
N THR B 487 -2.54 -22.37 -27.38
CA THR B 487 -3.11 -21.09 -27.00
C THR B 487 -4.58 -21.25 -26.59
N GLY B 488 -4.99 -20.45 -25.62
CA GLY B 488 -6.34 -20.49 -25.12
C GLY B 488 -6.38 -20.42 -23.60
N THR B 489 -5.28 -20.79 -22.96
CA THR B 489 -5.19 -20.77 -21.51
C THR B 489 -3.75 -20.43 -21.12
N PHE B 490 -3.60 -19.48 -20.21
CA PHE B 490 -2.26 -19.12 -19.73
C PHE B 490 -2.40 -18.22 -18.50
N GLU B 491 -1.25 -17.76 -17.99
CA GLU B 491 -1.20 -16.95 -16.79
C GLU B 491 -0.18 -15.85 -16.98
N PHE B 492 -0.43 -14.70 -16.33
CA PHE B 492 0.47 -13.56 -16.44
C PHE B 492 0.24 -12.66 -15.22
N THR B 493 1.24 -12.57 -14.35
CA THR B 493 1.17 -11.71 -13.17
C THR B 493 -0.09 -12.01 -12.36
N SER B 494 -0.32 -13.29 -12.11
CA SER B 494 -1.46 -13.76 -11.31
C SER B 494 -2.80 -13.46 -11.97
N PHE B 495 -2.80 -13.12 -13.26
CA PHE B 495 -4.02 -13.04 -14.05
C PHE B 495 -4.12 -14.32 -14.86
N PHE B 496 -5.15 -15.11 -14.60
CA PHE B 496 -5.34 -16.41 -15.23
C PHE B 496 -6.37 -16.29 -16.34
N TYR B 497 -5.95 -16.48 -17.58
CA TYR B 497 -6.81 -16.38 -18.74
C TYR B 497 -7.18 -17.78 -19.20
N ARG B 498 -8.48 -18.03 -19.35
CA ARG B 498 -9.00 -19.32 -19.80
C ARG B 498 -10.15 -19.06 -20.76
N TYR B 499 -9.94 -19.37 -22.04
CA TYR B 499 -10.99 -19.30 -23.06
C TYR B 499 -11.77 -17.99 -22.97
N GLY B 500 -11.05 -16.90 -22.71
CA GLY B 500 -11.62 -15.58 -22.75
C GLY B 500 -11.95 -14.99 -21.40
N PHE B 501 -12.07 -15.81 -20.36
CA PHE B 501 -12.37 -15.32 -19.02
C PHE B 501 -11.08 -15.14 -18.25
N VAL B 502 -10.88 -13.96 -17.68
CA VAL B 502 -9.66 -13.62 -16.95
C VAL B 502 -10.00 -13.46 -15.49
N ALA B 503 -9.32 -14.21 -14.64
CA ALA B 503 -9.46 -14.12 -13.19
C ALA B 503 -8.25 -13.40 -12.62
N ASN B 504 -8.50 -12.36 -11.83
CA ASN B 504 -7.45 -11.51 -11.27
C ASN B 504 -7.26 -11.89 -9.81
N PHE B 505 -6.04 -12.30 -9.47
CA PHE B 505 -5.70 -12.67 -8.09
C PHE B 505 -4.37 -12.06 -7.68
N SER B 506 -3.97 -10.97 -8.32
CA SER B 506 -2.70 -10.31 -8.02
C SER B 506 -2.81 -9.32 -6.87
N MET B 507 -4.00 -9.12 -6.31
CA MET B 507 -4.22 -8.15 -5.25
C MET B 507 -4.59 -8.87 -3.97
N GLU B 508 -3.88 -8.55 -2.89
CA GLU B 508 -4.24 -9.07 -1.58
C GLU B 508 -5.56 -8.47 -1.11
N LEU B 509 -6.38 -9.30 -0.49
CA LEU B 509 -7.64 -8.81 0.07
C LEU B 509 -7.32 -7.80 1.17
N PRO B 510 -7.77 -6.56 1.08
CA PRO B 510 -7.34 -5.54 2.05
C PRO B 510 -7.96 -5.75 3.41
N SER B 511 -7.30 -5.17 4.42
CA SER B 511 -7.86 -5.19 5.76
C SER B 511 -9.20 -4.45 5.78
N PHE B 512 -10.17 -5.02 6.48
CA PHE B 512 -11.50 -4.45 6.51
C PHE B 512 -11.87 -4.09 7.95
N GLY B 513 -10.94 -3.45 8.65
CA GLY B 513 -11.17 -2.96 9.99
C GLY B 513 -11.05 -1.45 10.05
N VAL B 514 -11.36 -0.91 11.23
CA VAL B 514 -11.36 0.53 11.40
C VAL B 514 -9.97 1.10 11.14
N SER B 515 -9.93 2.26 10.50
CA SER B 515 -8.68 2.98 10.28
C SER B 515 -8.22 3.77 11.49
N GLY B 516 -9.08 3.93 12.49
CA GLY B 516 -8.68 4.53 13.74
C GLY B 516 -8.29 5.99 13.67
N ILE B 517 -9.03 6.81 12.92
CA ILE B 517 -8.83 8.26 12.94
C ILE B 517 -9.82 8.85 13.94
N ASN B 518 -11.12 8.70 13.65
CA ASN B 518 -12.21 8.97 14.54
C ASN B 518 -13.40 8.12 14.09
N GLU B 519 -14.59 8.36 14.64
CA GLU B 519 -15.75 7.56 14.31
C GLU B 519 -16.56 8.17 13.18
N SER B 520 -16.13 9.28 12.60
CA SER B 520 -16.73 9.83 11.40
C SER B 520 -15.92 9.54 10.15
N ALA B 521 -14.59 9.54 10.25
CA ALA B 521 -13.75 9.24 9.10
C ALA B 521 -13.72 7.75 8.80
N ASP B 522 -13.80 6.91 9.84
CA ASP B 522 -13.72 5.47 9.62
C ASP B 522 -14.91 4.93 8.85
N MET B 523 -16.11 5.42 9.15
CA MET B 523 -17.29 4.93 8.45
C MET B 523 -17.21 5.21 6.96
N SER B 524 -16.66 6.37 6.59
CA SER B 524 -16.47 6.70 5.19
C SER B 524 -15.30 5.95 4.57
N ILE B 525 -14.20 5.77 5.30
CA ILE B 525 -13.05 5.07 4.76
C ILE B 525 -13.31 3.59 4.52
N GLY B 526 -14.06 2.93 5.39
CA GLY B 526 -14.35 1.53 5.18
C GLY B 526 -15.20 1.31 3.94
N VAL B 527 -16.26 2.11 3.79
CA VAL B 527 -17.13 1.96 2.63
C VAL B 527 -16.39 2.38 1.36
N THR B 528 -15.55 3.41 1.43
CA THR B 528 -14.77 3.78 0.26
C THR B 528 -13.79 2.68 -0.12
N VAL B 529 -13.17 2.05 0.87
CA VAL B 529 -12.25 0.94 0.59
C VAL B 529 -12.99 -0.19 -0.09
N ILE B 530 -14.17 -0.55 0.44
CA ILE B 530 -14.94 -1.65 -0.14
C ILE B 530 -15.34 -1.32 -1.57
N LYS B 531 -15.84 -0.09 -1.79
CA LYS B 531 -16.26 0.31 -3.13
C LYS B 531 -15.11 0.31 -4.11
N ASN B 532 -13.95 0.81 -3.69
CA ASN B 532 -12.80 0.86 -4.58
C ASN B 532 -12.27 -0.54 -4.88
N ASN B 533 -12.31 -1.44 -3.91
CA ASN B 533 -11.93 -2.82 -4.19
C ASN B 533 -12.90 -3.47 -5.17
N MET B 534 -14.19 -3.18 -5.03
CA MET B 534 -15.16 -3.69 -6.00
C MET B 534 -14.86 -3.17 -7.39
N ILE B 535 -14.54 -1.87 -7.50
CA ILE B 535 -14.32 -1.27 -8.81
C ILE B 535 -13.03 -1.78 -9.45
N ASN B 536 -11.97 -1.91 -8.67
CA ASN B 536 -10.63 -2.16 -9.20
C ASN B 536 -10.16 -3.59 -9.01
N ASN B 537 -10.20 -4.12 -7.79
CA ASN B 537 -9.62 -5.42 -7.48
C ASN B 537 -10.62 -6.56 -7.63
N ASP B 538 -11.69 -6.35 -8.40
CA ASP B 538 -12.63 -7.41 -8.73
C ASP B 538 -13.15 -8.12 -7.49
N LEU B 539 -13.48 -7.33 -6.46
CA LEU B 539 -14.13 -7.88 -5.28
C LEU B 539 -15.57 -8.27 -5.63
N GLY B 540 -15.98 -9.46 -5.23
CA GLY B 540 -17.29 -9.96 -5.58
C GLY B 540 -18.40 -9.23 -4.84
N PRO B 541 -19.62 -9.30 -5.38
CA PRO B 541 -20.74 -8.69 -4.64
C PRO B 541 -20.96 -9.30 -3.26
N ALA B 542 -21.07 -10.62 -3.18
CA ALA B 542 -21.28 -11.26 -1.88
C ALA B 542 -20.10 -11.02 -0.97
N THR B 543 -18.89 -11.10 -1.50
CA THR B 543 -17.70 -10.83 -0.69
C THR B 543 -17.70 -9.40 -0.19
N ALA B 544 -18.11 -8.45 -1.04
CA ALA B 544 -18.18 -7.07 -0.61
C ALA B 544 -19.19 -6.89 0.50
N GLN B 545 -20.36 -7.53 0.38
CA GLN B 545 -21.38 -7.42 1.43
C GLN B 545 -20.88 -7.99 2.75
N MET B 546 -20.22 -9.15 2.70
CA MET B 546 -19.76 -9.74 3.96
C MET B 546 -18.58 -8.98 4.54
N ALA B 547 -17.74 -8.39 3.70
CA ALA B 547 -16.69 -7.51 4.20
C ALA B 547 -17.30 -6.29 4.87
N LEU B 548 -18.38 -5.75 4.30
CA LEU B 548 -19.07 -4.65 4.94
C LEU B 548 -19.65 -5.07 6.29
N GLN B 549 -20.20 -6.29 6.37
CA GLN B 549 -20.71 -6.78 7.64
C GLN B 549 -19.61 -6.86 8.68
N LEU B 550 -18.47 -7.43 8.31
CA LEU B 550 -17.35 -7.56 9.25
C LEU B 550 -16.82 -6.19 9.65
N PHE B 551 -16.74 -5.26 8.70
CA PHE B 551 -16.29 -3.92 9.01
C PHE B 551 -17.23 -3.24 9.99
N ILE B 552 -18.54 -3.41 9.80
CA ILE B 552 -19.51 -2.81 10.72
C ILE B 552 -19.36 -3.43 12.10
N LYS B 553 -19.15 -4.74 12.17
CA LYS B 553 -18.93 -5.39 13.46
C LYS B 553 -17.71 -4.80 14.16
N ASP B 554 -16.60 -4.67 13.43
CA ASP B 554 -15.38 -4.14 14.01
C ASP B 554 -15.56 -2.69 14.45
N TYR B 555 -16.25 -1.89 13.63
CA TYR B 555 -16.52 -0.50 13.97
C TYR B 555 -17.33 -0.39 15.24
N ARG B 556 -18.39 -1.19 15.35
CA ARG B 556 -19.24 -1.15 16.53
C ARG B 556 -18.49 -1.59 17.78
N TYR B 557 -17.67 -2.65 17.66
CA TYR B 557 -16.95 -3.14 18.82
C TYR B 557 -15.79 -2.23 19.20
N THR B 558 -15.25 -1.47 18.25
CA THR B 558 -14.16 -0.55 18.57
C THR B 558 -14.68 0.73 19.21
N TYR B 559 -15.70 1.34 18.61
CA TYR B 559 -16.25 2.58 19.13
C TYR B 559 -17.40 2.36 20.09
N ARG B 560 -17.76 1.11 20.38
CA ARG B 560 -18.76 0.79 21.39
C ARG B 560 -20.08 1.49 21.09
N CYS B 561 -20.52 1.40 19.84
CA CYS B 561 -21.74 2.02 19.36
C CYS B 561 -22.72 0.96 18.87
N HIS B 562 -22.89 -0.10 19.64
CA HIS B 562 -23.83 -1.16 19.28
C HIS B 562 -25.23 -0.57 19.16
N ARG B 563 -26.03 -1.18 18.28
CA ARG B 563 -27.33 -0.63 17.97
C ARG B 563 -28.13 -0.45 19.26
N GLY B 564 -29.08 0.48 19.22
CA GLY B 564 -29.79 0.91 20.40
C GLY B 564 -30.77 -0.08 20.97
N ASP B 565 -31.23 -1.05 20.17
CA ASP B 565 -32.17 -2.06 20.66
C ASP B 565 -31.49 -3.33 21.12
N THR B 566 -30.16 -3.40 21.07
CA THR B 566 -29.44 -4.55 21.58
C THR B 566 -29.34 -4.48 23.11
N GLN B 567 -28.67 -5.49 23.68
CA GLN B 567 -28.49 -5.58 25.11
C GLN B 567 -27.01 -5.70 25.49
N ILE B 568 -26.11 -5.41 24.55
CA ILE B 568 -24.68 -5.44 24.83
C ILE B 568 -24.38 -4.32 25.83
N GLN B 569 -24.06 -4.69 27.06
CA GLN B 569 -23.81 -3.72 28.12
C GLN B 569 -22.39 -3.20 28.02
N THR B 570 -22.24 -1.91 27.74
CA THR B 570 -20.95 -1.25 27.65
C THR B 570 -21.04 0.11 28.31
N ARG B 571 -19.87 0.73 28.54
CA ARG B 571 -19.85 2.02 29.21
C ARG B 571 -20.68 3.06 28.46
N ARG B 572 -20.75 2.95 27.13
CA ARG B 572 -21.45 3.91 26.29
C ARG B 572 -22.88 3.48 26.00
N SER B 573 -23.37 2.44 26.67
CA SER B 573 -24.67 1.88 26.36
C SER B 573 -25.83 2.74 26.86
N PHE B 574 -25.70 3.34 28.04
CA PHE B 574 -26.81 4.10 28.60
C PHE B 574 -27.15 5.30 27.73
N GLU B 575 -26.13 6.07 27.32
CA GLU B 575 -26.38 7.26 26.51
C GLU B 575 -27.00 6.90 25.17
N ILE B 576 -26.46 5.88 24.50
CA ILE B 576 -26.99 5.46 23.21
C ILE B 576 -28.41 4.93 23.33
N LYS B 577 -28.71 4.15 24.36
CA LYS B 577 -30.04 3.62 24.55
C LYS B 577 -31.04 4.67 25.00
N LYS B 578 -30.58 5.75 25.64
CA LYS B 578 -31.46 6.89 25.90
C LYS B 578 -31.73 7.69 24.64
N LEU B 579 -30.72 7.89 23.80
CA LEU B 579 -30.93 8.56 22.53
C LEU B 579 -31.86 7.75 21.62
N TRP B 580 -31.72 6.44 21.63
CA TRP B 580 -32.55 5.57 20.80
C TRP B 580 -34.03 5.60 21.20
N GLU B 581 -34.34 5.97 22.44
CA GLU B 581 -35.72 5.97 22.91
C GLU B 581 -36.44 7.29 22.67
N GLN B 582 -35.72 8.39 22.51
CA GLN B 582 -36.34 9.69 22.28
C GLN B 582 -36.50 10.03 20.82
N THR B 583 -35.88 9.27 19.91
CA THR B 583 -35.93 9.55 18.49
C THR B 583 -37.09 8.78 17.87
N ARG B 584 -38.01 9.50 17.25
CA ARG B 584 -39.17 8.87 16.61
C ARG B 584 -38.78 8.13 15.34
N SER B 585 -37.86 8.66 14.56
CA SER B 585 -37.36 8.00 13.36
C SER B 585 -36.00 7.39 13.71
N LYS B 586 -35.99 6.08 13.95
CA LYS B 586 -34.80 5.37 14.40
C LYS B 586 -33.95 4.88 13.25
N ALA B 587 -34.31 5.20 12.02
CA ALA B 587 -33.50 4.88 10.85
C ALA B 587 -32.58 6.02 10.45
N GLY B 588 -32.71 7.18 11.09
CA GLY B 588 -31.85 8.30 10.79
C GLY B 588 -30.63 8.37 11.68
N LEU B 589 -30.65 7.60 12.77
CA LEU B 589 -29.52 7.60 13.69
C LEU B 589 -28.29 7.02 13.01
N LEU B 590 -27.15 7.68 13.19
CA LEU B 590 -25.90 7.16 12.65
C LEU B 590 -25.51 5.88 13.37
N VAL B 591 -24.70 5.07 12.70
CA VAL B 591 -24.19 3.86 13.34
C VAL B 591 -23.42 4.23 14.60
N SER B 592 -22.78 5.40 14.61
CA SER B 592 -22.08 5.86 15.80
C SER B 592 -23.02 6.16 16.95
N ASP B 593 -24.30 6.40 16.67
CA ASP B 593 -25.30 6.67 17.69
C ASP B 593 -26.23 5.48 17.92
N GLY B 594 -25.77 4.27 17.62
CA GLY B 594 -26.60 3.09 17.80
C GLY B 594 -27.78 3.03 16.87
N GLY B 595 -27.62 3.47 15.62
CA GLY B 595 -28.66 3.37 14.64
C GLY B 595 -28.45 2.17 13.74
N PRO B 596 -29.41 1.91 12.86
CA PRO B 596 -29.27 0.78 11.94
C PRO B 596 -28.22 1.05 10.88
N ASN B 597 -27.81 -0.03 10.22
CA ASN B 597 -26.85 0.05 9.11
C ASN B 597 -27.64 -0.02 7.81
N LEU B 598 -27.65 1.10 7.08
CA LEU B 598 -28.40 1.21 5.84
C LEU B 598 -27.50 1.04 4.60
N TYR B 599 -26.24 0.65 4.80
CA TYR B 599 -25.31 0.54 3.69
C TYR B 599 -25.45 -0.81 3.00
N ASN B 600 -25.48 -0.78 1.67
CA ASN B 600 -25.46 -1.98 0.86
C ASN B 600 -24.55 -1.72 -0.34
N ILE B 601 -24.60 -2.60 -1.33
CA ILE B 601 -23.76 -2.44 -2.50
C ILE B 601 -24.15 -1.18 -3.28
N ARG B 602 -25.45 -0.87 -3.32
CA ARG B 602 -25.92 0.18 -4.20
C ARG B 602 -25.60 1.58 -3.69
N ASN B 603 -25.30 1.74 -2.41
CA ASN B 603 -25.10 3.06 -1.82
C ASN B 603 -23.80 3.12 -1.02
N LEU B 604 -22.73 2.54 -1.55
CA LEU B 604 -21.43 2.66 -0.92
C LEU B 604 -20.75 3.99 -1.22
N HIS B 605 -21.24 4.73 -2.20
CA HIS B 605 -20.63 5.99 -2.62
C HIS B 605 -21.25 7.21 -1.95
N ILE B 606 -22.22 7.02 -1.08
CA ILE B 606 -22.96 8.11 -0.45
C ILE B 606 -22.52 8.23 1.00
N PRO B 607 -22.17 9.42 1.48
CA PRO B 607 -21.84 9.56 2.90
C PRO B 607 -23.05 9.21 3.77
N GLU B 608 -22.76 8.69 4.96
CA GLU B 608 -23.83 8.24 5.84
C GLU B 608 -24.74 9.40 6.23
N VAL B 609 -24.17 10.55 6.55
CA VAL B 609 -24.99 11.68 6.99
C VAL B 609 -25.99 12.07 5.91
N CYS B 610 -25.56 12.11 4.65
CA CYS B 610 -26.46 12.39 3.55
C CYS B 610 -27.34 11.21 3.20
N LEU B 611 -26.89 9.98 3.45
CA LEU B 611 -27.74 8.82 3.25
C LEU B 611 -28.96 8.86 4.15
N LYS B 612 -28.75 9.23 5.43
CA LYS B 612 -29.80 9.20 6.42
C LYS B 612 -30.48 10.56 6.62
N TRP B 613 -29.99 11.61 5.98
CA TRP B 613 -30.48 12.97 6.20
C TRP B 613 -31.99 13.05 6.10
N GLU B 614 -32.57 12.39 5.10
CA GLU B 614 -34.02 12.46 4.90
C GLU B 614 -34.80 11.70 5.96
N LEU B 615 -34.12 10.90 6.78
CA LEU B 615 -34.77 10.16 7.86
C LEU B 615 -34.41 10.68 9.24
N MET B 616 -33.39 11.52 9.35
CA MET B 616 -33.00 12.08 10.63
C MET B 616 -34.11 12.97 11.19
N ASP B 617 -34.24 12.97 12.51
CA ASP B 617 -35.15 13.88 13.18
C ASP B 617 -34.63 15.31 13.10
N GLU B 618 -35.55 16.26 12.98
CA GLU B 618 -35.15 17.66 12.92
C GLU B 618 -34.36 18.07 14.16
N ASP B 619 -34.68 17.48 15.31
CA ASP B 619 -33.92 17.77 16.53
C ASP B 619 -32.52 17.19 16.45
N TYR B 620 -32.43 15.91 16.06
CA TYR B 620 -31.15 15.22 16.02
C TYR B 620 -30.27 15.73 14.89
N GLN B 621 -30.87 16.16 13.78
CA GLN B 621 -30.09 16.86 12.76
C GLN B 621 -29.39 18.09 13.32
N GLY B 622 -30.12 18.94 14.03
CA GLY B 622 -29.55 20.14 14.60
C GLY B 622 -28.50 19.85 15.64
N ARG B 623 -28.77 18.90 16.52
CA ARG B 623 -27.79 18.56 17.55
C ARG B 623 -26.52 17.98 16.93
N LEU B 624 -26.67 17.01 16.03
CA LEU B 624 -25.51 16.37 15.42
C LEU B 624 -24.69 17.36 14.61
N CYS B 625 -25.36 18.07 13.70
CA CYS B 625 -24.69 18.98 12.78
C CYS B 625 -24.75 20.42 13.31
N ASN B 626 -24.19 20.62 14.50
CA ASN B 626 -24.16 21.93 15.12
C ASN B 626 -22.76 22.51 14.95
N PRO B 627 -22.57 23.54 14.11
CA PRO B 627 -21.21 24.04 13.89
C PRO B 627 -20.52 24.52 15.16
N LEU B 628 -21.27 25.03 16.13
CA LEU B 628 -20.69 25.52 17.38
C LEU B 628 -20.65 24.41 18.43
N ASN B 629 -20.07 23.26 18.07
CA ASN B 629 -19.97 22.15 19.00
C ASN B 629 -18.57 22.11 19.62
N PRO B 630 -18.43 21.53 20.82
CA PRO B 630 -17.13 21.57 21.50
C PRO B 630 -16.10 20.63 20.92
N PHE B 631 -16.50 19.66 20.09
CA PHE B 631 -15.60 18.62 19.63
C PHE B 631 -14.86 18.99 18.35
N VAL B 632 -15.30 20.02 17.63
CA VAL B 632 -14.63 20.43 16.41
C VAL B 632 -15.16 21.78 15.97
N GLU B 656 -9.30 11.86 0.53
CA GLU B 656 -9.96 11.08 -0.50
C GLU B 656 -11.34 10.63 -0.05
N TYR B 657 -11.49 10.43 1.25
CA TYR B 657 -12.76 9.96 1.80
C TYR B 657 -13.73 11.13 1.97
N ASP B 658 -14.97 10.92 1.55
CA ASP B 658 -16.02 11.91 1.71
C ASP B 658 -16.67 11.75 3.08
N ALA B 659 -16.78 12.86 3.83
CA ALA B 659 -17.33 12.79 5.17
C ALA B 659 -17.85 14.16 5.57
N VAL B 660 -19.12 14.24 5.94
CA VAL B 660 -19.69 15.47 6.48
C VAL B 660 -19.16 15.68 7.89
N ALA B 661 -18.85 16.92 8.23
CA ALA B 661 -18.30 17.26 9.54
C ALA B 661 -19.44 17.38 10.54
N THR B 662 -19.41 16.53 11.56
CA THR B 662 -20.42 16.52 12.61
C THR B 662 -19.72 16.37 13.95
N THR B 663 -20.50 16.20 15.02
CA THR B 663 -19.92 16.06 16.35
C THR B 663 -19.08 14.80 16.48
N HIS B 664 -19.22 13.85 15.56
CA HIS B 664 -18.41 12.64 15.58
C HIS B 664 -17.03 12.85 14.98
N SER B 665 -16.74 14.03 14.44
CA SER B 665 -15.43 14.31 13.85
C SER B 665 -14.50 14.94 14.90
N TRP B 666 -14.28 14.20 15.97
CA TRP B 666 -13.45 14.68 17.08
C TRP B 666 -12.00 14.26 16.85
N ILE B 667 -11.12 14.75 17.72
CA ILE B 667 -9.69 14.44 17.64
C ILE B 667 -9.29 13.71 18.92
N PRO B 668 -8.73 12.50 18.83
CA PRO B 668 -8.38 11.77 20.05
C PRO B 668 -7.04 12.21 20.64
N LYS B 669 -6.76 11.80 21.86
CA LYS B 669 -5.47 12.06 22.49
C LYS B 669 -4.33 11.56 21.60
N LEU B 683 19.88 16.49 12.75
CA LEU B 683 18.97 17.64 12.76
C LEU B 683 18.57 17.98 14.19
N GLU B 684 19.02 19.14 14.66
CA GLU B 684 18.82 19.51 16.06
C GLU B 684 17.35 19.69 16.42
N ASP B 685 16.49 19.96 15.45
CA ASP B 685 15.05 20.10 15.70
C ASP B 685 14.32 19.47 14.51
N GLU B 686 13.83 18.25 14.71
CA GLU B 686 13.20 17.51 13.61
C GLU B 686 11.91 18.18 13.15
N GLN B 687 11.27 18.96 14.01
CA GLN B 687 9.98 19.57 13.70
C GLN B 687 10.09 21.05 13.33
N MET B 688 11.30 21.54 13.02
CA MET B 688 11.46 22.94 12.69
C MET B 688 10.78 23.31 11.38
N TYR B 689 10.76 22.41 10.40
CA TYR B 689 10.07 22.67 9.15
C TYR B 689 8.55 22.59 9.30
N GLN B 690 8.05 21.83 10.25
CA GLN B 690 6.62 21.64 10.43
C GLN B 690 6.01 22.70 11.36
N LYS B 691 6.85 23.54 11.96
CA LYS B 691 6.39 24.63 12.82
C LYS B 691 6.17 25.92 12.06
N CYS B 692 7.10 26.29 11.17
CA CYS B 692 6.92 27.49 10.38
C CYS B 692 5.70 27.38 9.47
N CYS B 693 5.46 26.19 8.90
CA CYS B 693 4.29 26.02 8.05
C CYS B 693 3.00 26.17 8.84
N ASN B 694 2.96 25.61 10.05
CA ASN B 694 1.77 25.76 10.88
C ASN B 694 1.56 27.22 11.27
N LEU B 695 2.65 27.92 11.59
CA LEU B 695 2.53 29.35 11.90
C LEU B 695 1.99 30.11 10.70
N PHE B 696 2.49 29.81 9.50
CA PHE B 696 1.99 30.46 8.30
C PHE B 696 0.50 30.18 8.10
N GLU B 697 0.09 28.92 8.30
CA GLU B 697 -1.33 28.60 8.25
C GLU B 697 -2.13 29.42 9.24
N LYS B 698 -1.59 29.64 10.44
CA LYS B 698 -2.28 30.51 11.40
C LYS B 698 -2.40 31.93 10.86
N PHE B 699 -1.34 32.45 10.24
CA PHE B 699 -1.39 33.80 9.70
C PHE B 699 -2.24 33.87 8.43
N PHE B 700 -2.11 32.88 7.55
CA PHE B 700 -2.85 32.83 6.28
C PHE B 700 -3.56 31.49 6.19
N PRO B 701 -4.84 31.42 6.57
CA PRO B 701 -5.54 30.12 6.54
C PRO B 701 -5.58 29.48 5.17
N SER B 702 -5.64 30.27 4.10
CA SER B 702 -5.75 29.71 2.76
C SER B 702 -4.59 28.78 2.43
N SER B 703 -3.47 28.90 3.14
CA SER B 703 -2.34 28.01 2.89
C SER B 703 -2.72 26.56 3.09
N SER B 704 -3.68 26.27 3.96
CA SER B 704 -4.11 24.91 4.18
C SER B 704 -4.91 24.34 3.02
N TYR B 705 -5.35 25.18 2.09
CA TYR B 705 -6.16 24.72 0.97
C TYR B 705 -5.41 24.90 -0.35
N ARG B 706 -4.96 26.13 -0.63
CA ARG B 706 -4.20 26.41 -1.84
C ARG B 706 -2.74 26.64 -1.49
N ARG B 707 -1.86 26.10 -2.31
CA ARG B 707 -0.43 26.30 -2.09
C ARG B 707 -0.10 27.78 -2.22
N PRO B 708 0.62 28.37 -1.27
CA PRO B 708 0.80 29.84 -1.29
C PRO B 708 1.65 30.30 -2.47
N VAL B 709 1.46 31.56 -2.83
CA VAL B 709 2.26 32.22 -3.87
C VAL B 709 2.65 33.59 -3.37
N GLY B 710 3.89 33.99 -3.63
CA GLY B 710 4.37 35.29 -3.23
C GLY B 710 5.88 35.40 -3.33
N ILE B 711 6.39 36.63 -3.50
CA ILE B 711 7.84 36.84 -3.60
C ILE B 711 8.47 37.19 -2.25
N SER B 712 7.68 37.66 -1.30
CA SER B 712 8.23 38.03 0.00
C SER B 712 8.61 36.78 0.80
N SER B 713 9.42 36.99 1.82
CA SER B 713 9.80 35.92 2.73
C SER B 713 8.65 35.62 3.68
N MET B 714 8.71 34.46 4.32
CA MET B 714 7.66 34.08 5.26
C MET B 714 7.54 35.10 6.38
N VAL B 715 8.67 35.55 6.92
CA VAL B 715 8.64 36.48 8.04
C VAL B 715 8.01 37.80 7.63
N GLU B 716 8.34 38.32 6.45
CA GLU B 716 7.75 39.57 6.02
C GLU B 716 6.23 39.46 5.89
N ALA B 717 5.76 38.39 5.28
CA ALA B 717 4.32 38.17 5.14
C ALA B 717 3.65 38.05 6.49
N MET B 718 4.27 37.29 7.41
CA MET B 718 3.71 37.15 8.75
C MET B 718 3.62 38.48 9.47
N VAL B 719 4.68 39.28 9.43
CA VAL B 719 4.69 40.56 10.12
C VAL B 719 3.67 41.50 9.53
N SER B 720 3.56 41.54 8.19
CA SER B 720 2.55 42.38 7.58
C SER B 720 1.15 41.93 7.97
N ARG B 721 0.89 40.63 7.95
CA ARG B 721 -0.41 40.14 8.38
C ARG B 721 -0.71 40.59 9.80
N ALA B 722 0.29 40.45 10.69
CA ALA B 722 0.07 40.85 12.08
C ALA B 722 -0.25 42.33 12.19
N ARG B 723 0.50 43.18 11.48
CA ARG B 723 0.27 44.62 11.58
C ARG B 723 -1.10 45.02 11.04
N ILE B 724 -1.45 44.57 9.83
CA ILE B 724 -2.74 44.93 9.25
C ILE B 724 -3.92 44.26 9.94
N ASP B 725 -3.70 43.17 10.68
CA ASP B 725 -4.77 42.54 11.45
C ASP B 725 -4.90 43.13 12.84
N ALA B 726 -3.84 43.74 13.37
CA ALA B 726 -3.89 44.40 14.68
C ALA B 726 -4.42 45.82 14.57
N ARG B 727 -4.02 46.55 13.52
CA ARG B 727 -4.50 47.92 13.36
C ARG B 727 -6.02 47.93 13.20
N ILE B 728 -6.54 47.03 12.36
CA ILE B 728 -7.98 47.01 12.11
C ILE B 728 -8.73 46.61 13.37
N ASP B 729 -8.21 45.63 14.11
CA ASP B 729 -8.85 45.24 15.36
C ASP B 729 -8.85 46.37 16.38
N PHE B 730 -7.74 47.10 16.49
CA PHE B 730 -7.68 48.23 17.42
C PHE B 730 -8.70 49.29 17.03
N GLU B 731 -8.73 49.66 15.75
CA GLU B 731 -9.67 50.68 15.31
C GLU B 731 -11.11 50.20 15.36
N SER B 732 -11.34 48.90 15.39
CA SER B 732 -12.68 48.33 15.44
C SER B 732 -13.16 48.06 16.85
N GLY B 733 -12.32 48.24 17.85
CA GLY B 733 -12.73 48.09 19.25
C GLY B 733 -12.54 46.72 19.85
N ARG B 734 -12.40 45.70 19.00
CA ARG B 734 -12.23 44.32 19.45
C ARG B 734 -11.05 44.20 20.41
N ILE B 735 -9.93 44.82 20.06
CA ILE B 735 -8.70 44.70 20.84
C ILE B 735 -8.40 46.04 21.50
N LYS B 736 -7.66 45.97 22.61
CA LYS B 736 -7.34 47.14 23.41
C LYS B 736 -6.23 47.97 22.78
N LYS B 737 -5.74 48.97 23.51
CA LYS B 737 -4.65 49.81 23.05
C LYS B 737 -3.28 49.31 23.50
N GLU B 738 -3.17 48.86 24.75
CA GLU B 738 -1.93 48.24 25.20
C GLU B 738 -1.59 47.05 24.32
N GLU B 739 -2.61 46.30 23.91
CA GLU B 739 -2.43 45.20 22.97
C GLU B 739 -1.84 45.70 21.67
N PHE B 740 -2.37 46.81 21.15
CA PHE B 740 -1.86 47.41 19.92
C PHE B 740 -0.38 47.72 20.06
N ALA B 741 -0.02 48.41 21.14
CA ALA B 741 1.37 48.82 21.33
C ALA B 741 2.29 47.61 21.45
N GLU B 742 1.89 46.63 22.26
CA GLU B 742 2.74 45.46 22.48
C GLU B 742 2.90 44.65 21.20
N ILE B 743 1.82 44.51 20.43
CA ILE B 743 1.90 43.75 19.19
C ILE B 743 2.79 44.47 18.18
N MET B 744 2.62 45.78 18.05
CA MET B 744 3.42 46.53 17.09
C MET B 744 4.87 46.69 17.53
N LYS B 745 5.18 46.46 18.80
CA LYS B 745 6.55 46.37 19.27
C LYS B 745 7.15 44.98 19.11
N ILE B 746 6.33 43.94 19.28
CA ILE B 746 6.78 42.59 18.96
C ILE B 746 7.10 42.49 17.48
N CYS B 747 6.31 43.16 16.64
CA CYS B 747 6.66 43.24 15.22
C CYS B 747 8.02 43.89 15.03
N SER B 748 8.31 44.95 15.79
CA SER B 748 9.60 45.62 15.67
C SER B 748 10.75 44.70 16.05
N THR B 749 10.58 43.95 17.14
CA THR B 749 11.66 43.05 17.55
C THR B 749 11.83 41.91 16.55
N ILE B 750 10.73 41.43 15.97
CA ILE B 750 10.81 40.40 14.93
C ILE B 750 11.55 40.95 13.72
N GLU B 751 11.34 42.23 13.40
CA GLU B 751 12.10 42.88 12.36
C GLU B 751 13.58 42.98 12.68
N GLU B 752 13.93 43.36 13.90
CA GLU B 752 15.32 43.46 14.31
C GLU B 752 16.01 42.11 14.26
N LEU B 753 15.33 41.04 14.71
CA LEU B 753 15.89 39.70 14.60
C LEU B 753 16.12 39.34 13.15
N ARG B 754 15.18 39.70 12.27
CA ARG B 754 15.38 39.48 10.84
C ARG B 754 16.65 40.16 10.34
N ARG B 755 16.85 41.42 10.74
CA ARG B 755 17.99 42.17 10.23
C ARG B 755 19.33 41.58 10.66
N GLN B 756 19.34 40.71 11.67
CA GLN B 756 20.57 40.06 12.09
C GLN B 756 20.97 38.98 11.10
N MET C 1 -1.80 38.20 19.49
CA MET C 1 -0.66 38.21 20.43
C MET C 1 -0.01 36.82 20.51
N GLU C 2 -0.83 35.78 20.45
CA GLU C 2 -0.31 34.43 20.56
C GLU C 2 0.54 34.07 19.34
N ARG C 3 0.01 34.29 18.14
CA ARG C 3 0.73 33.89 16.94
C ARG C 3 1.99 34.73 16.73
N ILE C 4 1.91 36.04 17.01
CA ILE C 4 3.09 36.87 16.88
C ILE C 4 4.14 36.51 17.94
N LYS C 5 3.71 36.18 19.15
CA LYS C 5 4.65 35.71 20.15
C LYS C 5 5.33 34.42 19.71
N GLU C 6 4.57 33.51 19.11
CA GLU C 6 5.16 32.28 18.60
C GLU C 6 6.14 32.56 17.47
N LEU C 7 5.83 33.50 16.59
CA LEU C 7 6.77 33.88 15.54
C LEU C 7 8.07 34.42 16.12
N ARG C 8 7.96 35.30 17.11
CA ARG C 8 9.16 35.83 17.75
C ARG C 8 9.96 34.73 18.44
N ASP C 9 9.28 33.79 19.11
CA ASP C 9 9.98 32.67 19.74
C ASP C 9 10.69 31.81 18.71
N LEU C 10 10.03 31.54 17.58
CA LEU C 10 10.65 30.73 16.53
C LEU C 10 11.86 31.41 15.93
N MET C 11 11.82 32.74 15.75
CA MET C 11 12.98 33.46 15.26
C MET C 11 13.98 33.80 16.36
N SER C 12 13.69 33.46 17.61
CA SER C 12 14.68 33.63 18.66
C SER C 12 15.91 32.78 18.39
N GLN C 13 15.71 31.56 17.87
CA GLN C 13 16.83 30.69 17.50
C GLN C 13 17.45 31.17 16.19
N SER C 14 18.39 30.40 15.65
CA SER C 14 19.03 30.76 14.38
C SER C 14 18.63 29.86 13.22
N ARG C 15 18.53 28.55 13.41
CA ARG C 15 18.09 27.67 12.32
C ARG C 15 16.66 27.98 11.90
N THR C 16 15.75 28.08 12.88
CA THR C 16 14.36 28.38 12.57
C THR C 16 14.18 29.84 12.13
N ARG C 17 15.12 30.72 12.43
CA ARG C 17 15.11 32.05 11.87
C ARG C 17 15.57 32.08 10.42
N GLU C 18 16.57 31.26 10.06
CA GLU C 18 17.01 31.16 8.69
C GLU C 18 16.00 30.43 7.81
N ILE C 19 15.26 29.47 8.36
CA ILE C 19 14.16 28.85 7.62
C ILE C 19 13.07 29.84 7.27
N LEU C 20 12.89 30.89 8.08
CA LEU C 20 11.85 31.88 7.86
C LEU C 20 12.30 33.09 7.08
N THR C 21 13.58 33.48 7.18
CA THR C 21 14.08 34.66 6.50
C THR C 21 14.54 34.40 5.08
N LYS C 22 14.65 33.14 4.68
CA LYS C 22 15.12 32.78 3.33
C LYS C 22 13.99 32.21 2.50
N THR C 23 13.29 31.18 2.98
CA THR C 23 12.25 30.53 2.21
C THR C 23 11.16 31.53 1.84
N THR C 24 11.05 31.86 0.55
CA THR C 24 9.99 32.76 0.12
C THR C 24 8.64 32.06 0.27
N VAL C 25 7.58 32.88 0.27
CA VAL C 25 6.23 32.32 0.43
C VAL C 25 5.94 31.32 -0.67
N ASP C 26 6.57 31.48 -1.84
CA ASP C 26 6.36 30.54 -2.93
C ASP C 26 6.83 29.14 -2.53
N HIS C 27 7.99 29.04 -1.89
CA HIS C 27 8.56 27.75 -1.50
C HIS C 27 8.11 27.35 -0.09
N MET C 28 6.80 27.30 0.09
CA MET C 28 6.21 26.81 1.33
C MET C 28 5.68 25.40 1.21
N ALA C 29 5.11 25.03 0.06
CA ALA C 29 4.65 23.66 -0.13
C ALA C 29 5.81 22.68 -0.08
N ILE C 30 6.99 23.10 -0.53
CA ILE C 30 8.17 22.24 -0.47
C ILE C 30 8.59 22.02 0.97
N ILE C 31 8.66 23.10 1.75
CA ILE C 31 9.07 23.00 3.14
C ILE C 31 8.08 22.20 3.96
N LYS C 32 6.80 22.27 3.62
CA LYS C 32 5.74 21.60 4.38
C LYS C 32 5.77 20.08 4.22
N LYS C 33 6.56 19.57 3.28
CA LYS C 33 6.62 18.13 3.04
C LYS C 33 7.74 17.43 3.81
N TYR C 34 8.55 18.17 4.58
CA TYR C 34 9.63 17.56 5.35
C TYR C 34 9.11 17.12 6.72
N THR C 35 8.22 16.14 6.68
CA THR C 35 7.69 15.53 7.89
C THR C 35 8.70 14.52 8.44
N SER C 36 8.27 13.71 9.42
CA SER C 36 9.15 12.70 10.00
C SER C 36 8.85 11.39 9.31
N GLY C 37 7.61 10.90 9.33
CA GLY C 37 7.26 9.66 8.68
C GLY C 37 7.06 8.50 9.63
N ARG C 38 6.15 7.58 9.27
CA ARG C 38 5.88 6.40 10.07
C ARG C 38 5.46 6.76 11.50
N GLN C 39 4.35 7.48 11.62
CA GLN C 39 3.79 7.82 12.93
C GLN C 39 2.60 6.95 13.30
N GLU C 40 2.24 5.98 12.45
CA GLU C 40 1.08 5.11 12.67
C GLU C 40 1.54 3.67 12.47
N LYS C 41 2.07 3.06 13.54
CA LYS C 41 2.49 1.66 13.45
C LYS C 41 1.30 0.73 13.43
N ASN C 42 0.29 1.00 14.26
CA ASN C 42 -0.95 0.22 14.28
C ASN C 42 -2.07 1.13 14.74
N PRO C 43 -2.69 1.86 13.80
CA PRO C 43 -3.72 2.83 14.21
C PRO C 43 -5.00 2.18 14.72
N ALA C 44 -5.41 1.03 14.17
CA ALA C 44 -6.63 0.39 14.65
C ALA C 44 -6.50 -0.07 16.10
N LEU C 45 -5.39 -0.75 16.42
CA LEU C 45 -5.17 -1.19 17.79
C LEU C 45 -5.03 -0.03 18.75
N ARG C 46 -4.34 1.03 18.33
CA ARG C 46 -4.25 2.22 19.19
C ARG C 46 -5.62 2.82 19.43
N MET C 47 -6.45 2.89 18.40
CA MET C 47 -7.78 3.48 18.57
C MET C 47 -8.60 2.63 19.53
N LYS C 48 -8.53 1.31 19.39
CA LYS C 48 -9.24 0.42 20.30
C LYS C 48 -8.77 0.61 21.74
N TRP C 49 -7.46 0.65 21.94
CA TRP C 49 -6.92 0.80 23.28
C TRP C 49 -7.35 2.14 23.88
N MET C 50 -7.32 3.20 23.09
CA MET C 50 -7.74 4.51 23.59
C MET C 50 -9.22 4.55 23.93
N MET C 51 -10.07 3.89 23.13
CA MET C 51 -11.47 3.82 23.48
C MET C 51 -11.72 2.96 24.70
N ALA C 52 -10.85 1.99 24.98
CA ALA C 52 -11.03 1.17 26.17
C ALA C 52 -11.02 2.01 27.44
N MET C 53 -10.10 2.98 27.51
CA MET C 53 -10.02 3.85 28.67
C MET C 53 -11.05 4.97 28.57
N LYS C 54 -11.18 5.74 29.65
CA LYS C 54 -12.12 6.84 29.73
C LYS C 54 -11.41 8.17 29.51
N TYR C 55 -12.15 9.12 28.95
CA TYR C 55 -11.62 10.41 28.51
C TYR C 55 -10.62 10.22 27.38
N PRO C 56 -11.03 9.66 26.22
CA PRO C 56 -10.08 9.51 25.12
C PRO C 56 -10.02 10.73 24.20
N ILE C 57 -11.07 11.54 24.21
CA ILE C 57 -11.21 12.63 23.26
C ILE C 57 -10.70 13.91 23.91
N THR C 58 -10.36 14.89 23.07
CA THR C 58 -9.98 16.23 23.53
C THR C 58 -10.98 17.23 22.99
N ALA C 59 -11.34 18.21 23.83
CA ALA C 59 -12.34 19.21 23.45
C ALA C 59 -11.86 20.59 23.90
N ASP C 60 -12.65 21.61 23.58
CA ASP C 60 -12.39 22.95 24.04
C ASP C 60 -12.83 23.13 25.49
N LYS C 61 -12.34 24.19 26.12
CA LYS C 61 -12.74 24.48 27.49
C LYS C 61 -14.23 24.77 27.59
N ARG C 62 -14.82 25.26 26.50
CA ARG C 62 -16.25 25.60 26.53
C ARG C 62 -17.10 24.40 26.92
N ILE C 63 -16.62 23.19 26.68
CA ILE C 63 -17.34 21.99 27.08
C ILE C 63 -17.82 22.12 28.51
N MET C 64 -16.96 22.64 29.40
CA MET C 64 -17.28 22.68 30.82
C MET C 64 -18.56 23.46 31.12
N GLU C 65 -18.97 24.34 30.21
CA GLU C 65 -20.17 25.13 30.41
C GLU C 65 -21.39 24.55 29.71
N MET C 66 -21.20 23.69 28.71
CA MET C 66 -22.33 23.23 27.90
C MET C 66 -22.87 21.88 28.33
N ILE C 67 -22.00 20.93 28.63
CA ILE C 67 -22.38 19.56 28.97
C ILE C 67 -22.14 19.35 30.45
N PRO C 68 -23.11 18.82 31.20
CA PRO C 68 -22.91 18.66 32.64
C PRO C 68 -21.77 17.69 32.94
N GLU C 69 -21.08 17.96 34.05
CA GLU C 69 -19.92 17.15 34.42
C GLU C 69 -20.28 15.69 34.64
N ARG C 70 -21.55 15.38 34.92
CA ARG C 70 -21.97 14.02 35.21
C ARG C 70 -23.25 13.70 34.46
N ASN C 71 -23.42 12.43 34.14
CA ASN C 71 -24.56 11.94 33.38
C ASN C 71 -25.77 11.76 34.29
N GLU C 72 -26.93 11.48 33.67
CA GLU C 72 -28.13 11.21 34.45
C GLU C 72 -27.98 9.97 35.30
N GLN C 73 -27.23 8.98 34.81
CA GLN C 73 -26.96 7.75 35.55
C GLN C 73 -25.77 7.86 36.48
N GLY C 74 -25.06 8.98 36.46
CA GLY C 74 -23.88 9.18 37.28
C GLY C 74 -22.56 9.03 36.57
N GLN C 75 -22.57 8.60 35.30
CA GLN C 75 -21.33 8.46 34.56
C GLN C 75 -20.71 9.82 34.28
N THR C 76 -19.41 9.92 34.47
CA THR C 76 -18.71 11.18 34.23
C THR C 76 -18.52 11.38 32.73
N LEU C 77 -18.81 12.60 32.26
CA LEU C 77 -18.75 12.91 30.83
C LEU C 77 -17.46 13.60 30.43
N TRP C 78 -16.91 14.45 31.29
CA TRP C 78 -15.66 15.12 30.97
C TRP C 78 -14.89 15.39 32.27
N SER C 79 -13.61 15.70 32.11
CA SER C 79 -12.74 15.97 33.25
C SER C 79 -11.59 16.83 32.78
N LYS C 80 -10.87 17.39 33.76
CA LYS C 80 -9.75 18.28 33.47
C LYS C 80 -8.59 17.51 32.84
N VAL C 89 -8.87 20.22 27.36
CA VAL C 89 -9.65 19.40 28.29
C VAL C 89 -9.94 18.05 27.67
N MET C 90 -9.99 17.01 28.51
CA MET C 90 -10.27 15.66 28.08
C MET C 90 -11.75 15.34 28.28
N VAL C 91 -12.30 14.55 27.36
CA VAL C 91 -13.73 14.27 27.31
C VAL C 91 -13.92 12.82 26.89
N SER C 92 -15.05 12.25 27.31
CA SER C 92 -15.40 10.87 26.99
C SER C 92 -16.41 10.83 25.85
N PRO C 93 -16.44 9.75 25.06
CA PRO C 93 -17.46 9.66 24.00
C PRO C 93 -18.88 9.68 24.53
N LEU C 94 -19.08 9.35 25.81
CA LEU C 94 -20.38 9.57 26.42
C LEU C 94 -20.79 11.02 26.28
N ALA C 95 -19.84 11.94 26.29
CA ALA C 95 -20.15 13.34 26.07
C ALA C 95 -20.64 13.58 24.64
N VAL C 96 -20.04 12.92 23.66
CA VAL C 96 -20.49 13.06 22.28
C VAL C 96 -21.92 12.57 22.15
N THR C 97 -22.21 11.41 22.74
CA THR C 97 -23.58 10.89 22.69
C THR C 97 -24.53 11.81 23.42
N TRP C 98 -24.12 12.37 24.56
CA TRP C 98 -24.96 13.30 25.29
C TRP C 98 -25.28 14.54 24.45
N TRP C 99 -24.28 15.08 23.77
CA TRP C 99 -24.50 16.24 22.92
C TRP C 99 -25.47 15.91 21.79
N ASN C 100 -25.27 14.75 21.14
CA ASN C 100 -26.20 14.35 20.10
C ASN C 100 -27.59 14.03 20.64
N ARG C 101 -27.69 13.77 21.95
CA ARG C 101 -28.95 13.38 22.57
C ARG C 101 -29.78 14.59 22.98
N ASN C 102 -29.24 15.42 23.86
CA ASN C 102 -29.95 16.59 24.36
C ASN C 102 -29.03 17.79 24.47
N GLY C 103 -28.21 18.01 23.45
CA GLY C 103 -27.40 19.21 23.37
C GLY C 103 -28.14 20.35 22.72
N PRO C 104 -27.45 21.49 22.59
CA PRO C 104 -28.06 22.63 21.89
C PRO C 104 -28.41 22.27 20.46
N THR C 105 -29.54 22.80 19.99
CA THR C 105 -30.05 22.52 18.66
C THR C 105 -30.00 23.77 17.81
N THR C 106 -29.65 23.59 16.53
CA THR C 106 -29.55 24.72 15.60
C THR C 106 -30.29 24.40 14.32
N SER C 107 -30.14 25.27 13.31
CA SER C 107 -30.84 25.11 12.04
C SER C 107 -29.87 24.58 10.99
N ALA C 108 -30.22 23.44 10.40
CA ALA C 108 -29.40 22.84 9.35
C ALA C 108 -29.94 23.23 7.97
N VAL C 109 -29.92 24.52 7.66
CA VAL C 109 -30.38 24.99 6.35
C VAL C 109 -29.21 25.22 5.38
N HIS C 110 -27.99 25.36 5.88
CA HIS C 110 -26.83 25.58 5.03
C HIS C 110 -26.17 24.29 4.57
N TYR C 111 -26.40 23.19 5.27
CA TYR C 111 -25.78 21.91 4.93
C TYR C 111 -26.21 21.44 3.54
N PRO C 112 -27.50 21.53 3.20
CA PRO C 112 -27.92 21.09 1.86
C PRO C 112 -27.40 21.98 0.74
N LYS C 113 -26.70 23.06 1.09
CA LYS C 113 -26.12 23.96 0.10
C LYS C 113 -24.62 23.77 0.03
N ILE C 114 -23.98 23.58 1.18
CA ILE C 114 -22.54 23.33 1.20
C ILE C 114 -22.23 21.94 0.67
N TYR C 115 -22.99 20.94 1.10
CA TYR C 115 -22.79 19.56 0.68
C TYR C 115 -23.75 19.15 -0.44
N LYS C 116 -24.06 20.09 -1.35
CA LYS C 116 -25.01 19.78 -2.41
C LYS C 116 -24.54 18.61 -3.27
N THR C 117 -23.22 18.47 -3.45
CA THR C 117 -22.71 17.37 -4.26
C THR C 117 -23.10 16.02 -3.68
N TYR C 118 -23.02 15.87 -2.36
CA TYR C 118 -23.39 14.62 -1.71
C TYR C 118 -24.89 14.40 -1.69
N PHE C 119 -25.69 15.45 -1.57
CA PHE C 119 -27.15 15.32 -1.55
C PHE C 119 -27.74 15.16 -2.95
N GLU C 120 -26.96 15.43 -3.99
CA GLU C 120 -27.37 15.10 -5.35
C GLU C 120 -27.23 13.61 -5.65
N LYS C 121 -26.19 12.97 -5.11
CA LYS C 121 -26.06 11.53 -5.24
C LYS C 121 -27.23 10.80 -4.60
N VAL C 122 -27.67 11.24 -3.43
CA VAL C 122 -28.80 10.60 -2.76
C VAL C 122 -30.07 10.72 -3.58
N GLU C 123 -30.35 11.88 -4.16
CA GLU C 123 -31.54 12.08 -4.96
C GLU C 123 -31.46 11.40 -6.32
N ARG C 124 -30.26 11.17 -6.84
CA ARG C 124 -30.09 10.39 -8.06
C ARG C 124 -30.26 8.90 -7.83
N LEU C 125 -29.75 8.38 -6.70
CA LEU C 125 -29.94 6.97 -6.39
C LEU C 125 -31.36 6.66 -5.94
N LYS C 126 -32.00 7.59 -5.23
CA LYS C 126 -33.33 7.36 -4.71
C LYS C 126 -34.34 7.15 -5.83
N HIS C 127 -34.25 7.95 -6.89
CA HIS C 127 -35.18 7.89 -8.00
C HIS C 127 -34.67 7.04 -9.17
N GLY C 128 -33.51 6.39 -9.01
CA GLY C 128 -32.99 5.57 -10.08
C GLY C 128 -33.84 4.33 -10.31
N THR C 129 -33.81 3.85 -11.55
CA THR C 129 -34.56 2.66 -11.95
C THR C 129 -33.59 1.53 -12.23
N PHE C 130 -33.90 0.35 -11.73
CA PHE C 130 -33.02 -0.82 -11.83
C PHE C 130 -33.61 -1.78 -12.86
N GLY C 131 -32.80 -2.13 -13.86
CA GLY C 131 -33.19 -3.11 -14.85
C GLY C 131 -32.67 -4.49 -14.50
N PRO C 132 -32.81 -5.44 -15.41
CA PRO C 132 -32.31 -6.79 -15.16
C PRO C 132 -30.80 -6.83 -15.17
N VAL C 133 -30.25 -7.88 -14.55
CA VAL C 133 -28.82 -8.10 -14.50
C VAL C 133 -28.48 -9.20 -15.49
N HIS C 134 -27.55 -8.91 -16.40
CA HIS C 134 -27.18 -9.82 -17.47
C HIS C 134 -25.79 -10.37 -17.22
N PHE C 135 -25.65 -11.69 -17.27
CA PHE C 135 -24.36 -12.34 -17.07
C PHE C 135 -23.79 -12.72 -18.43
N ARG C 136 -22.62 -12.17 -18.76
CA ARG C 136 -21.98 -12.43 -20.03
C ARG C 136 -20.47 -12.28 -19.85
N ASN C 137 -19.75 -12.19 -20.96
CA ASN C 137 -18.30 -12.04 -20.93
C ASN C 137 -17.89 -10.76 -21.63
N GLN C 138 -18.58 -9.67 -21.33
CA GLN C 138 -18.30 -8.39 -21.97
C GLN C 138 -16.87 -7.96 -21.72
N VAL C 139 -16.39 -7.05 -22.58
CA VAL C 139 -15.03 -6.53 -22.52
C VAL C 139 -15.09 -5.06 -22.16
N LYS C 140 -14.27 -4.66 -21.18
CA LYS C 140 -14.26 -3.29 -20.70
C LYS C 140 -13.27 -2.45 -21.49
N ILE C 141 -13.67 -1.22 -21.80
CA ILE C 141 -12.87 -0.28 -22.58
C ILE C 141 -12.34 0.79 -21.64
N ARG C 142 -11.05 1.06 -21.72
CA ARG C 142 -10.40 2.07 -20.86
C ARG C 142 -10.68 3.44 -21.44
N ARG C 143 -11.76 4.06 -20.95
CA ARG C 143 -12.15 5.40 -21.37
C ARG C 143 -11.64 6.43 -20.37
N ARG C 144 -11.77 7.70 -20.73
CA ARG C 144 -11.37 8.83 -19.91
C ARG C 144 -12.64 9.45 -19.34
N VAL C 145 -13.03 9.01 -18.16
CA VAL C 145 -14.32 9.36 -17.58
C VAL C 145 -14.14 10.49 -16.58
N ASP C 146 -15.22 11.26 -16.40
CA ASP C 146 -15.26 12.38 -15.47
C ASP C 146 -15.79 11.89 -14.13
N ILE C 147 -14.93 11.86 -13.11
CA ILE C 147 -15.40 11.48 -11.78
C ILE C 147 -16.29 12.57 -11.19
N ASN C 148 -15.86 13.82 -11.34
CA ASN C 148 -16.62 14.97 -10.85
C ASN C 148 -16.91 15.92 -12.00
N PRO C 149 -18.15 16.03 -12.49
CA PRO C 149 -18.44 16.97 -13.57
C PRO C 149 -18.45 18.40 -13.07
N GLY C 150 -17.46 19.18 -13.49
CA GLY C 150 -17.37 20.55 -13.06
C GLY C 150 -18.39 21.46 -13.73
N HIS C 151 -18.45 22.69 -13.24
CA HIS C 151 -19.37 23.67 -13.81
C HIS C 151 -19.05 23.91 -15.27
N ALA C 152 -20.10 23.92 -16.10
CA ALA C 152 -19.91 24.05 -17.54
C ALA C 152 -19.30 25.41 -17.89
N ASP C 153 -19.74 26.46 -17.21
CA ASP C 153 -19.30 27.82 -17.51
C ASP C 153 -17.95 28.16 -16.90
N LEU C 154 -17.37 27.29 -16.08
CA LEU C 154 -16.13 27.57 -15.37
C LEU C 154 -15.09 26.53 -15.73
N SER C 155 -13.87 26.99 -15.99
CA SER C 155 -12.72 26.11 -16.15
C SER C 155 -12.13 25.82 -14.78
N ALA C 156 -10.98 25.13 -14.74
CA ALA C 156 -10.34 24.87 -13.46
C ALA C 156 -9.84 26.16 -12.81
N LYS C 157 -9.15 27.00 -13.58
CA LYS C 157 -8.66 28.27 -13.06
C LYS C 157 -9.79 29.21 -12.67
N GLU C 158 -10.85 29.30 -13.49
CA GLU C 158 -11.98 30.14 -13.14
C GLU C 158 -12.72 29.63 -11.91
N ALA C 159 -12.76 28.32 -11.69
CA ALA C 159 -13.36 27.75 -10.50
C ALA C 159 -12.52 27.97 -9.25
N GLN C 160 -11.20 27.87 -9.36
CA GLN C 160 -10.34 28.17 -8.23
C GLN C 160 -10.45 29.63 -7.78
N ASP C 161 -10.54 30.56 -8.73
CA ASP C 161 -10.77 31.95 -8.42
C ASP C 161 -12.15 32.19 -7.80
N VAL C 162 -13.15 31.39 -8.17
CA VAL C 162 -14.47 31.52 -7.57
C VAL C 162 -14.38 31.07 -6.12
N ILE C 163 -13.66 29.98 -5.88
CA ILE C 163 -13.48 29.48 -4.53
C ILE C 163 -12.72 30.46 -3.65
N MET C 164 -11.64 31.05 -4.15
CA MET C 164 -10.82 31.98 -3.39
C MET C 164 -11.48 33.35 -3.23
N GLU C 165 -12.57 33.60 -3.95
CA GLU C 165 -13.38 34.80 -3.78
C GLU C 165 -14.57 34.58 -2.86
N VAL C 166 -14.92 33.33 -2.58
CA VAL C 166 -16.09 33.03 -1.77
C VAL C 166 -15.73 32.52 -0.38
N VAL C 167 -14.57 31.88 -0.23
CA VAL C 167 -14.16 31.29 1.04
C VAL C 167 -13.09 32.13 1.72
N PHE C 168 -12.15 32.69 0.95
CA PHE C 168 -11.03 33.45 1.48
C PHE C 168 -10.98 34.80 0.77
N PRO C 169 -11.94 35.68 1.05
CA PRO C 169 -12.04 36.93 0.28
C PRO C 169 -10.85 37.86 0.43
N ASN C 170 -10.07 37.74 1.50
CA ASN C 170 -8.98 38.67 1.77
C ASN C 170 -7.63 38.17 1.28
N GLU C 171 -7.59 37.05 0.56
CA GLU C 171 -6.34 36.48 0.07
C GLU C 171 -6.45 36.14 -1.42
N VAL C 172 -7.18 36.94 -2.17
CA VAL C 172 -7.55 36.60 -3.55
C VAL C 172 -6.32 36.54 -4.44
N GLY C 173 -5.49 37.58 -4.42
CA GLY C 173 -4.33 37.67 -5.29
C GLY C 173 -4.53 38.70 -6.39
N ALA C 174 -3.45 38.98 -7.13
CA ALA C 174 -3.46 40.07 -8.10
C ALA C 174 -4.45 39.82 -9.25
N ARG C 175 -4.43 38.61 -9.82
CA ARG C 175 -5.33 38.32 -10.93
C ARG C 175 -6.79 38.53 -10.56
N ILE C 176 -7.18 38.09 -9.35
CA ILE C 176 -8.54 38.20 -8.88
C ILE C 176 -8.84 39.60 -8.35
N LEU C 177 -7.82 40.45 -8.23
CA LEU C 177 -8.00 41.80 -7.72
C LEU C 177 -7.89 42.86 -8.81
N THR C 178 -7.44 42.51 -10.02
CA THR C 178 -7.39 43.44 -11.13
C THR C 178 -8.35 43.07 -12.26
N SER C 179 -9.01 41.91 -12.18
CA SER C 179 -9.96 41.51 -13.21
C SER C 179 -11.12 42.49 -13.25
N GLU C 180 -11.52 42.88 -14.47
CA GLU C 180 -12.53 43.91 -14.60
C GLU C 180 -13.90 43.44 -14.14
N SER C 181 -14.30 42.23 -14.54
CA SER C 181 -15.66 41.74 -14.33
C SER C 181 -15.64 40.57 -13.37
N GLN C 182 -16.54 40.60 -12.38
CA GLN C 182 -16.68 39.52 -11.41
C GLN C 182 -17.79 38.58 -11.89
N LEU C 183 -17.51 37.28 -11.84
CA LEU C 183 -18.48 36.30 -12.30
C LEU C 183 -19.73 36.32 -11.42
N THR C 184 -20.88 36.03 -12.04
CA THR C 184 -22.13 35.96 -11.31
C THR C 184 -22.17 34.77 -10.35
N ILE C 185 -21.48 33.68 -10.70
CA ILE C 185 -21.42 32.52 -9.81
C ILE C 185 -20.86 32.92 -8.46
N THR C 186 -19.81 33.76 -8.46
CA THR C 186 -19.25 34.23 -7.20
C THR C 186 -20.27 35.02 -6.40
N LYS C 187 -21.02 35.90 -7.05
CA LYS C 187 -21.99 36.72 -6.31
C LYS C 187 -23.05 35.85 -5.68
N GLU C 188 -23.60 34.90 -6.44
CA GLU C 188 -24.65 34.04 -5.88
C GLU C 188 -24.09 33.14 -4.78
N LYS C 189 -22.85 32.66 -4.93
CA LYS C 189 -22.27 31.82 -3.89
C LYS C 189 -21.98 32.62 -2.62
N LYS C 190 -21.54 33.87 -2.77
CA LYS C 190 -21.35 34.73 -1.60
C LYS C 190 -22.67 34.99 -0.91
N GLU C 191 -23.73 35.25 -1.68
CA GLU C 191 -25.03 35.50 -1.08
C GLU C 191 -25.55 34.27 -0.36
N GLU C 192 -25.40 33.09 -0.97
CA GLU C 192 -25.89 31.86 -0.37
C GLU C 192 -25.14 31.53 0.91
N LEU C 193 -23.82 31.69 0.90
CA LEU C 193 -22.96 31.32 2.03
C LEU C 193 -22.62 32.52 2.90
N GLN C 194 -23.53 33.49 3.01
CA GLN C 194 -23.25 34.69 3.79
C GLN C 194 -23.10 34.38 5.27
N ASP C 195 -24.02 33.60 5.82
CA ASP C 195 -24.04 33.30 7.26
C ASP C 195 -23.59 31.88 7.54
N CYS C 196 -22.88 31.26 6.60
CA CYS C 196 -22.39 29.91 6.81
C CYS C 196 -21.36 29.89 7.92
N LYS C 197 -21.38 28.82 8.73
CA LYS C 197 -20.43 28.62 9.80
C LYS C 197 -19.80 27.25 9.78
N ILE C 198 -19.92 26.51 8.67
CA ILE C 198 -19.48 25.12 8.63
C ILE C 198 -18.00 25.07 8.94
N SER C 199 -17.18 25.58 8.02
CA SER C 199 -15.77 25.80 8.23
C SER C 199 -15.22 26.43 6.95
N PRO C 200 -14.26 27.34 7.01
CA PRO C 200 -13.67 27.83 5.76
C PRO C 200 -13.03 26.71 4.93
N LEU C 201 -12.24 25.85 5.56
CA LEU C 201 -11.55 24.81 4.83
C LEU C 201 -12.52 23.80 4.23
N MET C 202 -13.51 23.35 5.01
CA MET C 202 -14.51 22.42 4.50
C MET C 202 -15.36 23.04 3.41
N VAL C 203 -15.73 24.31 3.55
CA VAL C 203 -16.47 24.99 2.50
C VAL C 203 -15.66 25.02 1.22
N ALA C 204 -14.37 25.34 1.32
CA ALA C 204 -13.51 25.36 0.14
C ALA C 204 -13.41 23.98 -0.50
N TYR C 205 -13.23 22.94 0.32
CA TYR C 205 -13.13 21.60 -0.24
C TYR C 205 -14.40 21.18 -0.95
N MET C 206 -15.56 21.42 -0.35
CA MET C 206 -16.82 21.09 -0.99
C MET C 206 -17.07 21.90 -2.25
N LEU C 207 -16.73 23.20 -2.25
CA LEU C 207 -16.85 23.99 -3.46
C LEU C 207 -15.92 23.49 -4.56
N GLU C 208 -14.71 23.08 -4.21
CA GLU C 208 -13.82 22.48 -5.20
C GLU C 208 -14.41 21.19 -5.77
N ARG C 209 -14.97 20.35 -4.91
CA ARG C 209 -15.61 19.12 -5.40
C ARG C 209 -16.77 19.43 -6.32
N GLU C 210 -17.55 20.45 -6.00
CA GLU C 210 -18.72 20.79 -6.81
C GLU C 210 -18.32 21.40 -8.15
N LEU C 211 -17.32 22.28 -8.15
CA LEU C 211 -17.01 23.13 -9.29
C LEU C 211 -15.88 22.59 -10.17
N VAL C 212 -14.79 22.15 -9.58
CA VAL C 212 -13.62 21.74 -10.36
C VAL C 212 -13.88 20.38 -10.97
N ARG C 213 -13.70 20.29 -12.29
CA ARG C 213 -13.85 19.02 -12.99
C ARG C 213 -12.63 18.14 -12.71
N LYS C 214 -12.87 16.84 -12.53
CA LYS C 214 -11.82 15.87 -12.32
C LYS C 214 -12.01 14.71 -13.29
N THR C 215 -10.94 14.36 -14.00
CA THR C 215 -10.96 13.33 -15.03
C THR C 215 -9.98 12.23 -14.67
N ARG C 216 -10.29 11.01 -15.09
CA ARG C 216 -9.35 9.90 -14.89
C ARG C 216 -9.77 8.74 -15.78
N PHE C 217 -8.83 7.81 -15.98
CA PHE C 217 -9.03 6.68 -16.87
C PHE C 217 -9.67 5.53 -16.10
N LEU C 218 -10.83 5.06 -16.56
CA LEU C 218 -11.47 3.89 -16.00
C LEU C 218 -11.84 2.89 -17.09
N PRO C 219 -11.79 1.60 -16.77
CA PRO C 219 -12.28 0.57 -17.71
C PRO C 219 -13.79 0.39 -17.60
N VAL C 220 -14.53 1.24 -18.31
CA VAL C 220 -15.98 1.27 -18.20
C VAL C 220 -16.61 0.68 -19.45
N ALA C 221 -17.54 -0.24 -19.25
CA ALA C 221 -18.30 -0.86 -20.34
C ALA C 221 -19.73 -0.35 -20.26
N GLY C 222 -19.98 0.78 -20.90
CA GLY C 222 -21.30 1.39 -20.88
C GLY C 222 -21.25 2.90 -20.98
N GLY C 223 -21.95 3.57 -20.08
CA GLY C 223 -22.03 5.02 -20.10
C GLY C 223 -20.85 5.68 -19.39
N THR C 224 -20.54 6.90 -19.81
CA THR C 224 -19.48 7.71 -19.23
C THR C 224 -19.98 9.11 -18.89
N SER C 225 -21.28 9.23 -18.59
CA SER C 225 -21.87 10.54 -18.38
C SER C 225 -21.43 11.18 -17.07
N SER C 226 -20.70 10.43 -16.23
CA SER C 226 -20.28 10.91 -14.92
C SER C 226 -21.42 10.85 -13.92
N VAL C 227 -22.63 10.52 -14.39
CA VAL C 227 -23.71 10.07 -13.52
C VAL C 227 -23.80 8.55 -13.50
N TYR C 228 -23.10 7.88 -14.42
CA TYR C 228 -22.97 6.43 -14.40
C TYR C 228 -21.66 5.96 -13.79
N ILE C 229 -20.69 6.86 -13.58
CA ILE C 229 -19.42 6.50 -12.98
C ILE C 229 -19.48 6.46 -11.46
N GLU C 230 -20.35 7.26 -10.84
CA GLU C 230 -20.51 7.17 -9.39
C GLU C 230 -20.99 5.78 -9.00
N VAL C 231 -22.01 5.27 -9.69
CA VAL C 231 -22.47 3.90 -9.49
C VAL C 231 -21.77 3.01 -10.51
N LEU C 232 -20.57 2.55 -10.18
CA LEU C 232 -19.83 1.64 -11.02
C LEU C 232 -19.50 0.33 -10.31
N HIS C 233 -19.29 0.36 -8.99
CA HIS C 233 -19.29 -0.85 -8.20
C HIS C 233 -20.60 -1.60 -8.34
N LEU C 234 -21.68 -0.88 -8.64
CA LEU C 234 -23.03 -1.43 -8.69
C LEU C 234 -23.45 -1.85 -10.10
N THR C 235 -23.07 -1.08 -11.11
CA THR C 235 -23.57 -1.33 -12.47
C THR C 235 -22.82 -2.44 -13.18
N GLN C 236 -21.51 -2.56 -12.99
CA GLN C 236 -20.70 -3.51 -13.74
C GLN C 236 -19.83 -4.31 -12.78
N GLY C 237 -19.54 -5.55 -13.16
CA GLY C 237 -18.73 -6.42 -12.34
C GLY C 237 -17.82 -7.32 -13.15
N THR C 238 -17.34 -8.39 -12.52
CA THR C 238 -16.38 -9.28 -13.19
C THR C 238 -16.99 -9.92 -14.42
N CYS C 239 -18.23 -10.38 -14.32
CA CYS C 239 -18.87 -11.10 -15.42
C CYS C 239 -20.32 -10.69 -15.63
N TRP C 240 -20.79 -9.62 -15.00
CA TRP C 240 -22.19 -9.23 -15.07
C TRP C 240 -22.30 -7.74 -15.30
N GLU C 241 -23.43 -7.34 -15.87
CA GLU C 241 -23.79 -5.93 -16.03
C GLU C 241 -25.17 -5.72 -15.41
N GLN C 242 -25.28 -4.73 -14.54
CA GLN C 242 -26.54 -4.36 -13.91
C GLN C 242 -27.10 -3.14 -14.63
N MET C 243 -28.28 -3.29 -15.22
CA MET C 243 -28.91 -2.18 -15.93
C MET C 243 -29.46 -1.19 -14.92
N TYR C 244 -29.01 0.06 -15.01
CA TYR C 244 -29.39 1.09 -14.05
C TYR C 244 -29.55 2.42 -14.78
N THR C 245 -30.59 3.15 -14.41
CA THR C 245 -30.88 4.47 -14.98
C THR C 245 -30.94 5.51 -13.87
N PRO C 246 -29.93 6.35 -13.70
CA PRO C 246 -29.98 7.34 -12.61
C PRO C 246 -31.18 8.26 -12.73
N GLY C 247 -31.69 8.67 -11.58
CA GLY C 247 -32.84 9.55 -11.58
C GLY C 247 -32.53 10.88 -12.22
N GLY C 248 -33.56 11.49 -12.79
CA GLY C 248 -33.42 12.77 -13.46
C GLY C 248 -33.72 12.70 -14.95
N ARG C 692 -13.41 43.87 -8.81
CA ARG C 692 -12.82 45.20 -8.78
C ARG C 692 -11.60 45.26 -9.69
N GLY C 693 -11.26 46.46 -10.14
CA GLY C 693 -10.12 46.65 -11.01
C GLY C 693 -9.09 47.60 -10.46
N PHE C 694 -7.91 47.07 -10.11
CA PHE C 694 -6.80 47.86 -9.62
C PHE C 694 -5.58 47.67 -10.52
N LEU C 695 -4.57 48.51 -10.30
CA LEU C 695 -3.32 48.44 -11.05
C LEU C 695 -2.15 48.46 -10.06
N ILE C 696 -1.23 47.52 -10.21
CA ILE C 696 -0.07 47.47 -9.34
C ILE C 696 0.95 48.51 -9.77
N LEU C 697 1.44 49.29 -8.81
CA LEU C 697 2.44 50.32 -9.09
C LEU C 697 3.84 49.98 -8.59
N GLY C 698 3.97 49.06 -7.64
CA GLY C 698 5.27 48.69 -7.15
C GLY C 698 5.18 48.21 -5.72
N LYS C 699 6.33 48.19 -5.05
CA LYS C 699 6.41 47.67 -3.70
C LYS C 699 5.83 48.68 -2.70
N GLU C 700 5.71 48.23 -1.45
CA GLU C 700 5.12 49.05 -0.42
C GLU C 700 5.85 50.38 -0.30
N ASP C 701 5.09 51.48 -0.31
CA ASP C 701 5.62 52.82 -0.19
C ASP C 701 5.14 53.41 1.13
N ARG C 702 6.09 53.83 1.97
CA ARG C 702 5.75 54.34 3.29
C ARG C 702 5.10 55.71 3.24
N ARG C 703 5.16 56.41 2.10
CA ARG C 703 4.58 57.74 1.99
C ARG C 703 3.06 57.71 1.89
N TYR C 704 2.47 56.56 1.53
CA TYR C 704 1.03 56.46 1.33
C TYR C 704 0.32 55.80 2.52
N GLY C 705 0.81 56.05 3.73
CA GLY C 705 0.15 55.55 4.92
C GLY C 705 0.40 54.08 5.16
N PRO C 706 -0.31 53.50 6.13
CA PRO C 706 -0.11 52.09 6.45
C PRO C 706 -0.79 51.18 5.43
N ALA C 707 -0.44 49.90 5.52
CA ALA C 707 -0.99 48.91 4.61
C ALA C 707 -2.47 48.66 4.89
N LEU C 708 -3.13 48.05 3.92
CA LEU C 708 -4.56 47.78 3.98
C LEU C 708 -4.81 46.30 3.71
N SER C 709 -6.02 45.86 4.02
CA SER C 709 -6.50 44.57 3.56
C SER C 709 -7.24 44.74 2.24
N ILE C 710 -7.75 43.64 1.71
CA ILE C 710 -8.43 43.67 0.42
C ILE C 710 -9.90 43.97 0.62
N ASN C 711 -10.34 44.06 1.89
CA ASN C 711 -11.69 44.46 2.19
C ASN C 711 -11.82 45.93 2.57
N GLU C 712 -10.70 46.64 2.73
CA GLU C 712 -10.72 48.08 2.96
C GLU C 712 -10.48 48.88 1.69
N LEU C 713 -10.34 48.21 0.54
CA LEU C 713 -10.21 48.88 -0.74
C LEU C 713 -11.53 49.38 -1.29
N SER C 714 -12.66 48.88 -0.78
CA SER C 714 -13.97 49.28 -1.27
C SER C 714 -14.33 50.71 -0.90
N ASN C 715 -13.59 51.34 0.03
CA ASN C 715 -13.89 52.69 0.48
C ASN C 715 -12.71 53.64 0.28
N LEU C 716 -11.68 53.23 -0.45
CA LEU C 716 -10.49 54.07 -0.56
C LEU C 716 -10.82 55.38 -1.26
N ALA C 717 -11.08 55.32 -2.56
CA ALA C 717 -11.38 56.50 -3.37
C ALA C 717 -11.60 56.07 -4.81
N LYS C 718 -11.87 57.03 -5.70
CA LYS C 718 -11.83 56.78 -7.13
C LYS C 718 -10.67 57.55 -7.72
N GLY C 719 -9.57 56.86 -7.99
CA GLY C 719 -8.40 57.47 -8.59
C GLY C 719 -7.34 57.94 -7.63
N GLU C 720 -7.08 57.18 -6.56
CA GLU C 720 -6.05 57.53 -5.59
C GLU C 720 -5.24 56.28 -5.24
N LYS C 721 -4.05 56.52 -4.72
CA LYS C 721 -3.08 55.47 -4.46
C LYS C 721 -3.16 55.00 -3.02
N ALA C 722 -2.89 53.71 -2.81
CA ALA C 722 -2.85 53.14 -1.47
C ALA C 722 -2.15 51.79 -1.54
N ASN C 723 -1.51 51.40 -0.44
CA ASN C 723 -0.76 50.15 -0.37
C ASN C 723 -1.57 49.10 0.39
N VAL C 724 -1.66 47.90 -0.19
CA VAL C 724 -2.55 46.85 0.30
C VAL C 724 -1.80 45.53 0.31
N LEU C 725 -2.24 44.64 1.21
CA LEU C 725 -1.69 43.29 1.33
C LEU C 725 -2.54 42.33 0.49
N ILE C 726 -1.99 41.89 -0.64
CA ILE C 726 -2.71 41.02 -1.55
C ILE C 726 -2.10 39.62 -1.49
N GLY C 727 -2.81 38.66 -2.06
CA GLY C 727 -2.32 37.29 -2.08
C GLY C 727 -2.07 36.78 -0.68
N GLN C 728 -0.96 36.07 -0.51
CA GLN C 728 -0.53 35.52 0.77
C GLN C 728 0.84 36.05 1.15
N GLY C 729 1.06 37.35 0.99
CA GLY C 729 2.39 37.89 1.17
C GLY C 729 2.56 39.34 0.74
N ASP C 730 3.56 39.58 -0.10
CA ASP C 730 4.06 40.92 -0.40
C ASP C 730 2.95 41.96 -0.44
N VAL C 731 3.22 43.10 0.20
CA VAL C 731 2.36 44.26 0.12
C VAL C 731 2.71 45.03 -1.15
N VAL C 732 1.69 45.53 -1.85
CA VAL C 732 1.88 46.20 -3.12
C VAL C 732 1.11 47.52 -3.11
N LEU C 733 1.69 48.53 -3.78
CA LEU C 733 1.02 49.81 -3.94
C LEU C 733 0.14 49.75 -5.19
N VAL C 734 -1.14 50.09 -5.04
CA VAL C 734 -2.12 50.01 -6.11
C VAL C 734 -2.92 51.30 -6.14
N MET C 735 -3.78 51.42 -7.15
CA MET C 735 -4.70 52.54 -7.25
C MET C 735 -5.89 52.08 -8.07
N LYS C 736 -7.08 52.58 -7.74
CA LYS C 736 -8.24 52.32 -8.57
C LYS C 736 -7.99 52.82 -9.98
N ARG C 737 -8.37 52.01 -10.97
CA ARG C 737 -8.05 52.34 -12.36
C ARG C 737 -8.78 53.61 -12.75
N LYS C 738 -8.02 54.71 -12.89
CA LYS C 738 -8.62 55.98 -13.27
C LYS C 738 -9.27 55.91 -14.65
N ARG C 739 -8.63 55.21 -15.59
CA ARG C 739 -9.09 55.07 -16.95
C ARG C 739 -9.90 53.78 -17.06
N ASP C 740 -10.44 53.50 -18.24
CA ASP C 740 -11.20 52.28 -18.49
C ASP C 740 -12.18 51.97 -17.36
N SER D 17 -22.18 -42.34 16.83
CA SER D 17 -20.74 -42.50 16.74
C SER D 17 -20.37 -43.79 16.03
N PHE D 18 -21.13 -44.85 16.30
CA PHE D 18 -20.89 -46.13 15.62
C PHE D 18 -21.06 -45.99 14.12
N GLN D 19 -21.94 -45.09 13.67
CA GLN D 19 -22.20 -44.96 12.24
C GLN D 19 -20.94 -44.56 11.48
N ASP D 20 -20.17 -43.62 12.03
CA ASP D 20 -18.99 -43.14 11.33
C ASP D 20 -17.96 -44.25 11.16
N ILE D 21 -17.64 -44.96 12.25
CA ILE D 21 -16.65 -46.02 12.17
C ILE D 21 -17.14 -47.15 11.29
N LEU D 22 -18.43 -47.48 11.37
CA LEU D 22 -18.97 -48.53 10.53
C LEU D 22 -18.89 -48.18 9.06
N MET D 23 -19.20 -46.93 8.70
CA MET D 23 -19.10 -46.52 7.32
C MET D 23 -17.65 -46.53 6.85
N ARG D 24 -16.72 -46.07 7.70
CA ARG D 24 -15.31 -46.11 7.34
C ARG D 24 -14.84 -47.53 7.10
N MET D 25 -15.25 -48.47 7.96
CA MET D 25 -14.86 -49.86 7.79
C MET D 25 -15.51 -50.49 6.57
N SER D 26 -16.74 -50.09 6.23
CA SER D 26 -17.34 -50.55 4.99
C SER D 26 -16.52 -50.09 3.80
N LYS D 27 -16.08 -48.82 3.82
CA LYS D 27 -15.19 -48.34 2.77
C LYS D 27 -13.91 -49.16 2.71
N MET D 28 -13.32 -49.44 3.87
CA MET D 28 -12.11 -50.26 3.91
C MET D 28 -12.34 -51.61 3.25
N GLN D 29 -13.39 -52.31 3.65
CA GLN D 29 -13.63 -53.66 3.13
C GLN D 29 -13.92 -53.62 1.64
N LEU D 30 -14.67 -52.62 1.18
CA LEU D 30 -14.95 -52.53 -0.25
C LEU D 30 -13.73 -52.10 -1.05
N GLY D 31 -12.74 -51.47 -0.44
CA GLY D 31 -11.57 -51.02 -1.17
C GLY D 31 -10.40 -51.99 -1.14
N SER D 32 -10.62 -53.19 -0.60
CA SER D 32 -9.57 -54.19 -0.52
C SER D 32 -10.13 -55.53 -0.07
N SER D 33 -9.24 -56.51 0.13
CA SER D 33 -9.62 -57.84 0.61
C SER D 33 -9.22 -57.94 2.08
N SER D 34 -10.21 -57.89 2.98
CA SER D 34 -9.95 -57.96 4.41
C SER D 34 -11.17 -58.60 5.09
N GLU D 35 -11.10 -59.92 5.30
CA GLU D 35 -12.15 -60.64 5.99
C GLU D 35 -12.11 -60.45 7.50
N ASP D 36 -10.91 -60.34 8.09
CA ASP D 36 -10.83 -59.98 9.50
C ASP D 36 -11.54 -58.67 9.76
N LEU D 37 -11.46 -57.73 8.82
CA LEU D 37 -12.24 -56.50 8.92
C LEU D 37 -13.73 -56.81 8.93
N ASN D 38 -14.15 -57.81 8.16
CA ASN D 38 -15.55 -58.22 8.16
C ASN D 38 -15.96 -58.73 9.53
N GLY D 39 -15.13 -59.56 10.14
CA GLY D 39 -15.43 -60.04 11.48
C GLY D 39 -15.49 -58.93 12.50
N ILE D 40 -14.56 -57.99 12.41
CA ILE D 40 -14.55 -56.84 13.31
C ILE D 40 -15.81 -56.00 13.12
N ILE D 41 -16.24 -55.81 11.87
CA ILE D 41 -17.46 -55.05 11.60
C ILE D 41 -18.66 -55.76 12.20
N THR D 42 -18.71 -57.09 12.05
CA THR D 42 -19.81 -57.85 12.62
C THR D 42 -19.86 -57.68 14.14
N GLN D 43 -18.70 -57.78 14.79
CA GLN D 43 -18.67 -57.62 16.23
C GLN D 43 -19.05 -56.20 16.64
N PHE D 44 -18.64 -55.20 15.87
CA PHE D 44 -19.02 -53.82 16.15
C PHE D 44 -20.53 -53.64 16.06
N GLU D 45 -21.14 -54.21 15.02
CA GLU D 45 -22.59 -54.12 14.88
C GLU D 45 -23.29 -54.83 16.05
N SER D 46 -22.78 -55.99 16.44
CA SER D 46 -23.37 -56.71 17.56
C SER D 46 -23.26 -55.89 18.84
N LEU D 47 -22.11 -55.24 19.06
CA LEU D 47 -21.94 -54.42 20.25
C LEU D 47 -22.86 -53.21 20.24
N LYS D 48 -23.03 -52.59 19.07
CA LYS D 48 -23.96 -51.46 18.97
C LYS D 48 -25.38 -51.90 19.30
N LEU D 49 -25.81 -53.05 18.75
CA LEU D 49 -27.13 -53.57 19.07
C LEU D 49 -27.25 -53.88 20.55
N TYR D 50 -26.19 -54.43 21.14
CA TYR D 50 -26.22 -54.73 22.57
C TYR D 50 -26.36 -53.45 23.39
N ARG D 51 -25.65 -52.39 23.03
CA ARG D 51 -25.80 -51.14 23.77
C ARG D 51 -27.20 -50.57 23.62
N ASP D 52 -27.78 -50.66 22.41
CA ASP D 52 -29.15 -50.20 22.22
C ASP D 52 -30.12 -51.00 23.10
N SER D 53 -29.94 -52.32 23.14
CA SER D 53 -30.80 -53.16 23.97
C SER D 53 -30.62 -52.84 25.44
N LEU D 54 -29.39 -52.54 25.86
CA LEU D 54 -29.13 -52.22 27.25
C LEU D 54 -29.77 -50.88 27.63
N GLY D 55 -29.73 -49.91 26.72
CA GLY D 55 -30.46 -48.68 26.94
C GLY D 55 -31.95 -48.90 27.04
N GLU D 56 -32.48 -49.78 26.19
CA GLU D 56 -33.89 -50.15 26.30
C GLU D 56 -34.19 -50.75 27.66
N ALA D 57 -33.31 -51.64 28.14
CA ALA D 57 -33.50 -52.26 29.45
C ALA D 57 -33.47 -51.20 30.54
N VAL D 58 -32.56 -50.24 30.44
CA VAL D 58 -32.48 -49.14 31.39
C VAL D 58 -33.81 -48.40 31.38
N MET D 59 -34.41 -48.26 30.20
CA MET D 59 -35.76 -47.73 30.10
C MET D 59 -36.70 -48.54 31.01
N ARG D 60 -36.42 -49.84 31.14
CA ARG D 60 -37.04 -50.66 32.17
C ARG D 60 -36.34 -50.40 33.48
N MET D 61 -36.97 -49.63 34.37
CA MET D 61 -36.26 -48.99 35.46
C MET D 61 -37.04 -49.06 36.77
N GLY D 62 -36.67 -48.19 37.71
CA GLY D 62 -37.18 -48.22 39.08
C GLY D 62 -38.62 -48.65 39.22
N ASP D 63 -39.49 -48.22 38.31
CA ASP D 63 -40.88 -48.69 38.31
C ASP D 63 -40.89 -50.21 38.43
N LEU D 64 -41.46 -50.73 39.51
CA LEU D 64 -41.30 -52.13 39.87
C LEU D 64 -42.49 -52.97 39.41
N HIS D 65 -42.61 -53.10 38.08
CA HIS D 65 -43.47 -54.14 37.52
C HIS D 65 -42.82 -55.51 37.58
N SER D 66 -41.49 -55.55 37.80
CA SER D 66 -40.70 -56.76 37.89
C SER D 66 -39.24 -56.41 37.66
N LEU D 67 -38.86 -55.20 38.04
CA LEU D 67 -37.52 -54.66 37.78
C LEU D 67 -36.45 -55.72 38.01
N GLN D 68 -35.41 -55.71 37.20
CA GLN D 68 -34.44 -56.81 37.20
C GLN D 68 -35.13 -58.11 36.83
N ASN D 69 -35.68 -58.17 35.60
CA ASN D 69 -36.30 -59.39 35.10
C ASN D 69 -35.30 -60.46 34.71
N ARG D 70 -34.11 -60.08 34.27
CA ARG D 70 -33.12 -61.03 33.75
C ARG D 70 -31.76 -60.78 34.40
N ASN D 71 -31.72 -60.71 35.73
CA ASN D 71 -30.47 -60.47 36.44
C ASN D 71 -29.41 -61.47 36.00
N GLY D 72 -29.75 -62.75 36.04
CA GLY D 72 -28.83 -63.78 35.58
C GLY D 72 -28.49 -63.63 34.12
N LYS D 73 -29.51 -63.42 33.29
CA LYS D 73 -29.33 -63.29 31.85
C LYS D 73 -28.47 -62.09 31.51
N TRP D 74 -28.78 -60.93 32.11
CA TRP D 74 -27.89 -59.79 31.97
C TRP D 74 -26.50 -60.14 32.43
N ARG D 75 -26.38 -61.03 33.42
CA ARG D 75 -25.05 -61.41 33.88
C ARG D 75 -24.26 -62.19 32.84
N GLU D 76 -24.86 -63.22 32.22
CA GLU D 76 -24.12 -63.93 31.17
C GLU D 76 -23.81 -62.99 30.02
N GLN D 77 -24.78 -62.16 29.62
CA GLN D 77 -24.53 -61.25 28.52
C GLN D 77 -23.39 -60.30 28.85
N LEU D 78 -23.40 -59.75 30.07
CA LEU D 78 -22.35 -58.83 30.49
C LEU D 78 -21.00 -59.51 30.49
N GLY D 79 -20.92 -60.74 31.02
CA GLY D 79 -19.64 -61.43 31.05
C GLY D 79 -19.10 -61.67 29.66
N GLN D 80 -19.88 -62.36 28.81
CA GLN D 80 -19.38 -62.67 27.47
C GLN D 80 -19.10 -61.41 26.66
N LYS D 81 -19.88 -60.35 26.87
CA LYS D 81 -19.55 -59.08 26.21
C LYS D 81 -18.28 -58.46 26.77
N PHE D 82 -17.98 -58.68 28.05
CA PHE D 82 -16.68 -58.24 28.57
C PHE D 82 -15.54 -58.94 27.84
N GLU D 83 -15.62 -60.27 27.70
CA GLU D 83 -14.56 -60.94 26.96
C GLU D 83 -14.53 -60.50 25.50
N GLU D 84 -15.70 -60.34 24.88
CA GLU D 84 -15.74 -59.94 23.49
C GLU D 84 -15.12 -58.57 23.29
N ILE D 85 -15.42 -57.63 24.19
CA ILE D 85 -14.85 -56.28 24.08
C ILE D 85 -13.35 -56.32 24.34
N ARG D 86 -12.90 -57.10 25.31
CA ARG D 86 -11.46 -57.20 25.53
C ARG D 86 -10.76 -57.69 24.27
N TRP D 87 -11.32 -58.73 23.64
CA TRP D 87 -10.74 -59.24 22.40
C TRP D 87 -10.78 -58.16 21.32
N LEU D 88 -11.88 -57.41 21.25
CA LEU D 88 -12.05 -56.43 20.19
C LEU D 88 -11.01 -55.32 20.30
N ILE D 89 -10.84 -54.76 21.51
CA ILE D 89 -9.81 -53.75 21.72
C ILE D 89 -8.42 -54.31 21.47
N GLU D 90 -8.13 -55.52 21.92
CA GLU D 90 -6.79 -56.06 21.69
C GLU D 90 -6.50 -56.18 20.19
N GLU D 91 -7.48 -56.70 19.44
CA GLU D 91 -7.27 -56.86 18.00
C GLU D 91 -7.18 -55.51 17.30
N VAL D 92 -7.99 -54.54 17.72
CA VAL D 92 -7.92 -53.22 17.10
C VAL D 92 -6.57 -52.57 17.38
N ARG D 93 -6.04 -52.75 18.60
CA ARG D 93 -4.72 -52.22 18.90
C ARG D 93 -3.66 -52.87 18.02
N HIS D 94 -3.75 -54.20 17.85
CA HIS D 94 -2.80 -54.87 16.97
C HIS D 94 -2.90 -54.34 15.54
N ARG D 95 -4.11 -54.18 15.03
CA ARG D 95 -4.29 -53.69 13.67
C ARG D 95 -3.73 -52.26 13.52
N LEU D 96 -4.01 -51.40 14.51
CA LEU D 96 -3.46 -50.05 14.46
C LEU D 96 -1.94 -50.06 14.49
N LYS D 97 -1.34 -50.96 15.27
CA LYS D 97 0.11 -51.06 15.28
C LYS D 97 0.65 -51.51 13.92
N ILE D 98 0.05 -52.54 13.35
CA ILE D 98 0.55 -53.08 12.08
C ILE D 98 0.27 -52.12 10.94
N THR D 99 -0.93 -51.55 10.91
CA THR D 99 -1.37 -50.77 9.75
C THR D 99 -0.47 -49.56 9.54
N GLU D 100 -0.27 -49.21 8.27
CA GLU D 100 0.53 -48.06 7.89
C GLU D 100 -0.25 -47.06 7.04
N ASN D 101 -1.48 -47.37 6.68
CA ASN D 101 -2.30 -46.46 5.91
C ASN D 101 -2.92 -45.39 6.80
N SER D 102 -3.14 -44.20 6.23
CA SER D 102 -3.70 -43.10 6.99
C SER D 102 -5.19 -43.29 7.27
N PHE D 103 -5.96 -43.66 6.24
CA PHE D 103 -7.38 -43.91 6.45
C PHE D 103 -7.60 -45.02 7.47
N GLU D 104 -6.85 -46.12 7.33
CA GLU D 104 -6.98 -47.23 8.26
C GLU D 104 -6.56 -46.80 9.66
N GLN D 105 -5.49 -46.02 9.77
CA GLN D 105 -5.03 -45.59 11.10
C GLN D 105 -6.09 -44.75 11.79
N ILE D 106 -6.68 -43.79 11.06
CA ILE D 106 -7.70 -42.95 11.67
C ILE D 106 -8.91 -43.79 12.08
N THR D 107 -9.38 -44.67 11.20
CA THR D 107 -10.55 -45.47 11.52
C THR D 107 -10.30 -46.35 12.74
N PHE D 108 -9.13 -46.99 12.80
CA PHE D 108 -8.82 -47.85 13.93
C PHE D 108 -8.67 -47.07 15.22
N MET D 109 -8.09 -45.87 15.17
CA MET D 109 -7.96 -45.07 16.38
C MET D 109 -9.33 -44.66 16.90
N GLN D 110 -10.22 -44.22 16.01
CA GLN D 110 -11.57 -43.90 16.45
C GLN D 110 -12.27 -45.13 17.02
N ALA D 111 -12.11 -46.28 16.38
CA ALA D 111 -12.72 -47.50 16.89
C ALA D 111 -12.20 -47.85 18.27
N LEU D 112 -10.90 -47.67 18.49
CA LEU D 112 -10.32 -47.98 19.79
C LEU D 112 -10.86 -47.04 20.87
N GLN D 113 -10.94 -45.75 20.57
CA GLN D 113 -11.46 -44.81 21.54
C GLN D 113 -12.91 -45.16 21.90
N LEU D 114 -13.72 -45.44 20.88
CA LEU D 114 -15.11 -45.81 21.13
C LEU D 114 -15.20 -47.09 21.94
N LEU D 115 -14.33 -48.06 21.64
CA LEU D 115 -14.35 -49.32 22.37
C LEU D 115 -14.03 -49.12 23.83
N LEU D 116 -13.01 -48.32 24.12
CA LEU D 116 -12.67 -48.06 25.52
C LEU D 116 -13.82 -47.37 26.23
N GLU D 117 -14.42 -46.36 25.60
CA GLU D 117 -15.55 -45.67 26.21
C GLU D 117 -16.67 -46.66 26.52
N VAL D 118 -17.05 -47.47 25.53
CA VAL D 118 -18.18 -48.38 25.70
C VAL D 118 -17.87 -49.45 26.75
N GLU D 119 -16.66 -49.99 26.77
CA GLU D 119 -16.34 -51.03 27.74
C GLU D 119 -16.39 -50.47 29.15
N GLN D 120 -15.83 -49.29 29.38
CA GLN D 120 -15.91 -48.71 30.72
C GLN D 120 -17.35 -48.40 31.08
N GLU D 121 -18.15 -47.95 30.11
CA GLU D 121 -19.55 -47.67 30.38
C GLU D 121 -20.28 -48.93 30.82
N ILE D 122 -20.06 -50.03 30.11
CA ILE D 122 -20.75 -51.27 30.45
C ILE D 122 -20.29 -51.78 31.81
N ARG D 123 -19.01 -51.59 32.13
CA ARG D 123 -18.53 -51.94 33.46
C ARG D 123 -19.27 -51.14 34.53
N THR D 124 -19.40 -49.83 34.30
CA THR D 124 -20.10 -48.99 35.28
C THR D 124 -21.55 -49.41 35.43
N PHE D 125 -22.22 -49.70 34.32
CA PHE D 125 -23.61 -50.14 34.41
C PHE D 125 -23.73 -51.48 35.14
N SER D 126 -22.79 -52.39 34.89
CA SER D 126 -22.80 -53.66 35.62
C SER D 126 -22.63 -53.42 37.11
N PHE D 127 -21.74 -52.50 37.46
CA PHE D 127 -21.54 -52.16 38.88
C PHE D 127 -22.83 -51.62 39.48
N GLN D 128 -23.51 -50.74 38.76
CA GLN D 128 -24.74 -50.15 39.25
C GLN D 128 -25.83 -51.21 39.43
N LEU D 129 -26.05 -52.03 38.41
CA LEU D 129 -27.11 -53.03 38.44
C LEU D 129 -26.93 -54.00 39.61
N ILE D 130 -25.71 -54.48 39.78
CA ILE D 130 -25.42 -55.45 40.84
C ILE D 130 -25.50 -54.77 42.20
#